data_1NKR
# 
_entry.id   1NKR 
# 
_audit_conform.dict_name       mmcif_pdbx.dic 
_audit_conform.dict_version    5.397 
_audit_conform.dict_location   http://mmcif.pdb.org/dictionaries/ascii/mmcif_pdbx.dic 
# 
loop_
_database_2.database_id 
_database_2.database_code 
_database_2.pdbx_database_accession 
_database_2.pdbx_DOI 
PDB   1NKR         pdb_00001nkr 10.2210/pdb1nkr/pdb 
WWPDB D_1000175321 ?            ?                   
# 
loop_
_pdbx_audit_revision_history.ordinal 
_pdbx_audit_revision_history.data_content_type 
_pdbx_audit_revision_history.major_revision 
_pdbx_audit_revision_history.minor_revision 
_pdbx_audit_revision_history.revision_date 
1 'Structure model' 1 0 1998-11-11 
2 'Structure model' 1 1 2008-03-24 
3 'Structure model' 1 2 2011-07-13 
4 'Structure model' 1 3 2024-10-30 
# 
_pdbx_audit_revision_details.ordinal             1 
_pdbx_audit_revision_details.revision_ordinal    1 
_pdbx_audit_revision_details.data_content_type   'Structure model' 
_pdbx_audit_revision_details.provider            repository 
_pdbx_audit_revision_details.type                'Initial release' 
_pdbx_audit_revision_details.description         ? 
_pdbx_audit_revision_details.details             ? 
# 
loop_
_pdbx_audit_revision_group.ordinal 
_pdbx_audit_revision_group.revision_ordinal 
_pdbx_audit_revision_group.data_content_type 
_pdbx_audit_revision_group.group 
1 2 'Structure model' 'Version format compliance' 
2 3 'Structure model' 'Version format compliance' 
3 4 'Structure model' 'Data collection'           
4 4 'Structure model' 'Database references'       
5 4 'Structure model' 'Structure summary'         
# 
loop_
_pdbx_audit_revision_category.ordinal 
_pdbx_audit_revision_category.revision_ordinal 
_pdbx_audit_revision_category.data_content_type 
_pdbx_audit_revision_category.category 
1 4 'Structure model' chem_comp_atom            
2 4 'Structure model' chem_comp_bond            
3 4 'Structure model' database_2                
4 4 'Structure model' pdbx_entry_details        
5 4 'Structure model' pdbx_modification_feature 
# 
loop_
_pdbx_audit_revision_item.ordinal 
_pdbx_audit_revision_item.revision_ordinal 
_pdbx_audit_revision_item.data_content_type 
_pdbx_audit_revision_item.item 
1 4 'Structure model' '_database_2.pdbx_DOI'                
2 4 'Structure model' '_database_2.pdbx_database_accession' 
# 
_pdbx_database_status.status_code                     REL 
_pdbx_database_status.entry_id                        1NKR 
_pdbx_database_status.recvd_initial_deposition_date   1998-06-24 
_pdbx_database_status.deposit_site                    ? 
_pdbx_database_status.process_site                    BNL 
_pdbx_database_status.SG_entry                        . 
_pdbx_database_status.pdb_format_compatible           Y 
_pdbx_database_status.status_code_mr                  ? 
_pdbx_database_status.status_code_sf                  ? 
_pdbx_database_status.status_code_cs                  ? 
_pdbx_database_status.status_code_nmr_data            ? 
_pdbx_database_status.methods_development_category    ? 
# 
loop_
_audit_author.name 
_audit_author.pdbx_ordinal 
'Fan, Q.R.'    1 
'Mosyak, L.'   2 
'Winter, C.C.' 3 
'Wagtmann, N.' 4 
'Long, E.O.'   5 
'Wiley, D.C.'  6 
# 
_citation.id                        primary 
_citation.title                     
'Structure of the inhibitory receptor for human natural killer cells resembles haematopoietic receptors.' 
_citation.journal_abbrev            Nature 
_citation.journal_volume            389 
_citation.page_first                96 
_citation.page_last                 100 
_citation.year                      1997 
_citation.journal_id_ASTM           NATUAS 
_citation.country                   UK 
_citation.journal_id_ISSN           0028-0836 
_citation.journal_id_CSD            0006 
_citation.book_publisher            ? 
_citation.pdbx_database_id_PubMed   9288975 
_citation.pdbx_database_id_DOI      10.1038/38028 
# 
loop_
_citation_author.citation_id 
_citation_author.name 
_citation_author.ordinal 
_citation_author.identifier_ORCID 
primary 'Fan, Q.R.'    1 ? 
primary 'Mosyak, L.'   2 ? 
primary 'Winter, C.C.' 3 ? 
primary 'Wagtmann, N.' 4 ? 
primary 'Long, E.O.'   5 ? 
primary 'Wiley, D.C.'  6 ? 
# 
loop_
_entity.id 
_entity.type 
_entity.src_method 
_entity.pdbx_description 
_entity.formula_weight 
_entity.pdbx_number_of_molecules 
_entity.pdbx_ec 
_entity.pdbx_mutation 
_entity.pdbx_fragment 
_entity.details 
1 polymer man 'P58-CL42 KIR' 22200.902 1   ? ? 'EXTRACELLULAR DOMAIN' ? 
2 water   nat water          18.015    211 ? ? ?                      ? 
# 
_entity_name_com.entity_id   1 
_entity_name_com.name        'KILLER CELL INHIBITORY RECEPTOR' 
# 
_entity_poly.entity_id                      1 
_entity_poly.type                           'polypeptide(L)' 
_entity_poly.nstd_linkage                   no 
_entity_poly.nstd_monomer                   no 
_entity_poly.pdbx_seq_one_letter_code       
;MHEGVHRKPSLLAHPGPLVKSEETVILQCWSDVMFEHFLLHREGMFNDTLRLIGEHHDGVSKANFSISRMTQDLAGTYRC
YGSVTHSPYQVSAPSDPLDIVIIGLYEKPSLSAQPGPTVLAGENVTLSCSSRSSYDMYHLSREGEAHERRLPAGPKVNGT
FQADFPLGPATHGGTYRCFGSFHDSPYEWSKSSDPLLVSVT
;
_entity_poly.pdbx_seq_one_letter_code_can   
;MHEGVHRKPSLLAHPGPLVKSEETVILQCWSDVMFEHFLLHREGMFNDTLRLIGEHHDGVSKANFSISRMTQDLAGTYRC
YGSVTHSPYQVSAPSDPLDIVIIGLYEKPSLSAQPGPTVLAGENVTLSCSSRSSYDMYHLSREGEAHERRLPAGPKVNGT
FQADFPLGPATHGGTYRCFGSFHDSPYEWSKSSDPLLVSVT
;
_entity_poly.pdbx_strand_id                 A 
_entity_poly.pdbx_target_identifier         ? 
# 
_pdbx_entity_nonpoly.entity_id   2 
_pdbx_entity_nonpoly.name        water 
_pdbx_entity_nonpoly.comp_id     HOH 
# 
loop_
_entity_poly_seq.entity_id 
_entity_poly_seq.num 
_entity_poly_seq.mon_id 
_entity_poly_seq.hetero 
1 1   MET n 
1 2   HIS n 
1 3   GLU n 
1 4   GLY n 
1 5   VAL n 
1 6   HIS n 
1 7   ARG n 
1 8   LYS n 
1 9   PRO n 
1 10  SER n 
1 11  LEU n 
1 12  LEU n 
1 13  ALA n 
1 14  HIS n 
1 15  PRO n 
1 16  GLY n 
1 17  PRO n 
1 18  LEU n 
1 19  VAL n 
1 20  LYS n 
1 21  SER n 
1 22  GLU n 
1 23  GLU n 
1 24  THR n 
1 25  VAL n 
1 26  ILE n 
1 27  LEU n 
1 28  GLN n 
1 29  CYS n 
1 30  TRP n 
1 31  SER n 
1 32  ASP n 
1 33  VAL n 
1 34  MET n 
1 35  PHE n 
1 36  GLU n 
1 37  HIS n 
1 38  PHE n 
1 39  LEU n 
1 40  LEU n 
1 41  HIS n 
1 42  ARG n 
1 43  GLU n 
1 44  GLY n 
1 45  MET n 
1 46  PHE n 
1 47  ASN n 
1 48  ASP n 
1 49  THR n 
1 50  LEU n 
1 51  ARG n 
1 52  LEU n 
1 53  ILE n 
1 54  GLY n 
1 55  GLU n 
1 56  HIS n 
1 57  HIS n 
1 58  ASP n 
1 59  GLY n 
1 60  VAL n 
1 61  SER n 
1 62  LYS n 
1 63  ALA n 
1 64  ASN n 
1 65  PHE n 
1 66  SER n 
1 67  ILE n 
1 68  SER n 
1 69  ARG n 
1 70  MET n 
1 71  THR n 
1 72  GLN n 
1 73  ASP n 
1 74  LEU n 
1 75  ALA n 
1 76  GLY n 
1 77  THR n 
1 78  TYR n 
1 79  ARG n 
1 80  CYS n 
1 81  TYR n 
1 82  GLY n 
1 83  SER n 
1 84  VAL n 
1 85  THR n 
1 86  HIS n 
1 87  SER n 
1 88  PRO n 
1 89  TYR n 
1 90  GLN n 
1 91  VAL n 
1 92  SER n 
1 93  ALA n 
1 94  PRO n 
1 95  SER n 
1 96  ASP n 
1 97  PRO n 
1 98  LEU n 
1 99  ASP n 
1 100 ILE n 
1 101 VAL n 
1 102 ILE n 
1 103 ILE n 
1 104 GLY n 
1 105 LEU n 
1 106 TYR n 
1 107 GLU n 
1 108 LYS n 
1 109 PRO n 
1 110 SER n 
1 111 LEU n 
1 112 SER n 
1 113 ALA n 
1 114 GLN n 
1 115 PRO n 
1 116 GLY n 
1 117 PRO n 
1 118 THR n 
1 119 VAL n 
1 120 LEU n 
1 121 ALA n 
1 122 GLY n 
1 123 GLU n 
1 124 ASN n 
1 125 VAL n 
1 126 THR n 
1 127 LEU n 
1 128 SER n 
1 129 CYS n 
1 130 SER n 
1 131 SER n 
1 132 ARG n 
1 133 SER n 
1 134 SER n 
1 135 TYR n 
1 136 ASP n 
1 137 MET n 
1 138 TYR n 
1 139 HIS n 
1 140 LEU n 
1 141 SER n 
1 142 ARG n 
1 143 GLU n 
1 144 GLY n 
1 145 GLU n 
1 146 ALA n 
1 147 HIS n 
1 148 GLU n 
1 149 ARG n 
1 150 ARG n 
1 151 LEU n 
1 152 PRO n 
1 153 ALA n 
1 154 GLY n 
1 155 PRO n 
1 156 LYS n 
1 157 VAL n 
1 158 ASN n 
1 159 GLY n 
1 160 THR n 
1 161 PHE n 
1 162 GLN n 
1 163 ALA n 
1 164 ASP n 
1 165 PHE n 
1 166 PRO n 
1 167 LEU n 
1 168 GLY n 
1 169 PRO n 
1 170 ALA n 
1 171 THR n 
1 172 HIS n 
1 173 GLY n 
1 174 GLY n 
1 175 THR n 
1 176 TYR n 
1 177 ARG n 
1 178 CYS n 
1 179 PHE n 
1 180 GLY n 
1 181 SER n 
1 182 PHE n 
1 183 HIS n 
1 184 ASP n 
1 185 SER n 
1 186 PRO n 
1 187 TYR n 
1 188 GLU n 
1 189 TRP n 
1 190 SER n 
1 191 LYS n 
1 192 SER n 
1 193 SER n 
1 194 ASP n 
1 195 PRO n 
1 196 LEU n 
1 197 LEU n 
1 198 VAL n 
1 199 SER n 
1 200 VAL n 
1 201 THR n 
# 
_entity_src_gen.entity_id                          1 
_entity_src_gen.pdbx_src_id                        1 
_entity_src_gen.pdbx_alt_source_flag               sample 
_entity_src_gen.pdbx_seq_type                      ? 
_entity_src_gen.pdbx_beg_seq_num                   ? 
_entity_src_gen.pdbx_end_seq_num                   ? 
_entity_src_gen.gene_src_common_name               human 
_entity_src_gen.gene_src_genus                     Homo 
_entity_src_gen.pdbx_gene_src_gene                 ? 
_entity_src_gen.gene_src_species                   ? 
_entity_src_gen.gene_src_strain                    ? 
_entity_src_gen.gene_src_tissue                    ? 
_entity_src_gen.gene_src_tissue_fraction           ? 
_entity_src_gen.gene_src_details                   ? 
_entity_src_gen.pdbx_gene_src_fragment             ? 
_entity_src_gen.pdbx_gene_src_scientific_name      'Homo sapiens' 
_entity_src_gen.pdbx_gene_src_ncbi_taxonomy_id     9606 
_entity_src_gen.pdbx_gene_src_variant              ? 
_entity_src_gen.pdbx_gene_src_cell_line            BL21 
_entity_src_gen.pdbx_gene_src_atcc                 ? 
_entity_src_gen.pdbx_gene_src_organ                ? 
_entity_src_gen.pdbx_gene_src_organelle            ? 
_entity_src_gen.pdbx_gene_src_cell                 'NATURAL KILLER CELLS' 
_entity_src_gen.pdbx_gene_src_cellular_location    ? 
_entity_src_gen.host_org_common_name               ? 
_entity_src_gen.pdbx_host_org_scientific_name      'Escherichia coli' 
_entity_src_gen.pdbx_host_org_ncbi_taxonomy_id     562 
_entity_src_gen.host_org_genus                     Escherichia 
_entity_src_gen.pdbx_host_org_gene                 ? 
_entity_src_gen.pdbx_host_org_organ                ? 
_entity_src_gen.host_org_species                   ? 
_entity_src_gen.pdbx_host_org_tissue               ? 
_entity_src_gen.pdbx_host_org_tissue_fraction      ? 
_entity_src_gen.pdbx_host_org_strain               'BL21 (DE3) PLYSS' 
_entity_src_gen.pdbx_host_org_variant              ? 
_entity_src_gen.pdbx_host_org_cell_line            ? 
_entity_src_gen.pdbx_host_org_atcc                 ? 
_entity_src_gen.pdbx_host_org_culture_collection   ? 
_entity_src_gen.pdbx_host_org_cell                 ? 
_entity_src_gen.pdbx_host_org_organelle            ? 
_entity_src_gen.pdbx_host_org_cellular_location    'INCLUSION BODY' 
_entity_src_gen.pdbx_host_org_vector_type          ? 
_entity_src_gen.pdbx_host_org_vector               ? 
_entity_src_gen.host_org_details                   ? 
_entity_src_gen.expression_system_id               ? 
_entity_src_gen.plasmid_name                       PLM1 
_entity_src_gen.plasmid_details                    ? 
_entity_src_gen.pdbx_description                   ? 
# 
loop_
_chem_comp.id 
_chem_comp.type 
_chem_comp.mon_nstd_flag 
_chem_comp.name 
_chem_comp.pdbx_synonyms 
_chem_comp.formula 
_chem_comp.formula_weight 
ALA 'L-peptide linking' y ALANINE         ? 'C3 H7 N O2'     89.093  
ARG 'L-peptide linking' y ARGININE        ? 'C6 H15 N4 O2 1' 175.209 
ASN 'L-peptide linking' y ASPARAGINE      ? 'C4 H8 N2 O3'    132.118 
ASP 'L-peptide linking' y 'ASPARTIC ACID' ? 'C4 H7 N O4'     133.103 
CYS 'L-peptide linking' y CYSTEINE        ? 'C3 H7 N O2 S'   121.158 
GLN 'L-peptide linking' y GLUTAMINE       ? 'C5 H10 N2 O3'   146.144 
GLU 'L-peptide linking' y 'GLUTAMIC ACID' ? 'C5 H9 N O4'     147.129 
GLY 'peptide linking'   y GLYCINE         ? 'C2 H5 N O2'     75.067  
HIS 'L-peptide linking' y HISTIDINE       ? 'C6 H10 N3 O2 1' 156.162 
HOH non-polymer         . WATER           ? 'H2 O'           18.015  
ILE 'L-peptide linking' y ISOLEUCINE      ? 'C6 H13 N O2'    131.173 
LEU 'L-peptide linking' y LEUCINE         ? 'C6 H13 N O2'    131.173 
LYS 'L-peptide linking' y LYSINE          ? 'C6 H15 N2 O2 1' 147.195 
MET 'L-peptide linking' y METHIONINE      ? 'C5 H11 N O2 S'  149.211 
PHE 'L-peptide linking' y PHENYLALANINE   ? 'C9 H11 N O2'    165.189 
PRO 'L-peptide linking' y PROLINE         ? 'C5 H9 N O2'     115.130 
SER 'L-peptide linking' y SERINE          ? 'C3 H7 N O3'     105.093 
THR 'L-peptide linking' y THREONINE       ? 'C4 H9 N O3'     119.119 
TRP 'L-peptide linking' y TRYPTOPHAN      ? 'C11 H12 N2 O2'  204.225 
TYR 'L-peptide linking' y TYROSINE        ? 'C9 H11 N O3'    181.189 
VAL 'L-peptide linking' y VALINE          ? 'C5 H11 N O2'    117.146 
# 
loop_
_pdbx_poly_seq_scheme.asym_id 
_pdbx_poly_seq_scheme.entity_id 
_pdbx_poly_seq_scheme.seq_id 
_pdbx_poly_seq_scheme.mon_id 
_pdbx_poly_seq_scheme.ndb_seq_num 
_pdbx_poly_seq_scheme.pdb_seq_num 
_pdbx_poly_seq_scheme.auth_seq_num 
_pdbx_poly_seq_scheme.pdb_mon_id 
_pdbx_poly_seq_scheme.auth_mon_id 
_pdbx_poly_seq_scheme.pdb_strand_id 
_pdbx_poly_seq_scheme.pdb_ins_code 
_pdbx_poly_seq_scheme.hetero 
A 1 1   MET 1   0   ?   ?   ?   A . n 
A 1 2   HIS 2   1   ?   ?   ?   A . n 
A 1 3   GLU 3   2   ?   ?   ?   A . n 
A 1 4   GLY 4   3   ?   ?   ?   A . n 
A 1 5   VAL 5   4   ?   ?   ?   A . n 
A 1 6   HIS 6   5   ?   ?   ?   A . n 
A 1 7   ARG 7   6   6   ARG ARG A . n 
A 1 8   LYS 8   7   7   LYS LYS A . n 
A 1 9   PRO 9   8   8   PRO PRO A . n 
A 1 10  SER 10  9   9   SER SER A . n 
A 1 11  LEU 11  10  10  LEU LEU A . n 
A 1 12  LEU 12  11  11  LEU LEU A . n 
A 1 13  ALA 13  12  12  ALA ALA A . n 
A 1 14  HIS 14  13  13  HIS HIS A . n 
A 1 15  PRO 15  14  14  PRO PRO A . n 
A 1 16  GLY 16  15  15  GLY GLY A . n 
A 1 17  PRO 17  16  16  PRO PRO A . n 
A 1 18  LEU 18  17  17  LEU LEU A . n 
A 1 19  VAL 19  18  18  VAL VAL A . n 
A 1 20  LYS 20  19  19  LYS LYS A . n 
A 1 21  SER 21  20  20  SER SER A . n 
A 1 22  GLU 22  21  21  GLU GLU A . n 
A 1 23  GLU 23  22  22  GLU GLU A . n 
A 1 24  THR 24  23  23  THR THR A . n 
A 1 25  VAL 25  24  24  VAL VAL A . n 
A 1 26  ILE 26  25  25  ILE ILE A . n 
A 1 27  LEU 27  26  26  LEU LEU A . n 
A 1 28  GLN 28  27  27  GLN GLN A . n 
A 1 29  CYS 29  28  28  CYS CYS A . n 
A 1 30  TRP 30  29  29  TRP TRP A . n 
A 1 31  SER 31  30  30  SER SER A . n 
A 1 32  ASP 32  31  31  ASP ASP A . n 
A 1 33  VAL 33  32  32  VAL VAL A . n 
A 1 34  MET 34  33  33  MET MET A . n 
A 1 35  PHE 35  34  34  PHE PHE A . n 
A 1 36  GLU 36  35  35  GLU GLU A . n 
A 1 37  HIS 37  36  36  HIS HIS A . n 
A 1 38  PHE 38  37  37  PHE PHE A . n 
A 1 39  LEU 39  38  38  LEU LEU A . n 
A 1 40  LEU 40  39  39  LEU LEU A . n 
A 1 41  HIS 41  40  40  HIS HIS A . n 
A 1 42  ARG 42  41  41  ARG ARG A . n 
A 1 43  GLU 43  42  42  GLU GLU A . n 
A 1 44  GLY 44  43  43  GLY GLY A . n 
A 1 45  MET 45  44  44  MET MET A . n 
A 1 46  PHE 46  45  45  PHE PHE A . n 
A 1 47  ASN 47  46  46  ASN ASN A . n 
A 1 48  ASP 48  47  47  ASP ASP A . n 
A 1 49  THR 49  48  48  THR THR A . n 
A 1 50  LEU 50  49  49  LEU LEU A . n 
A 1 51  ARG 51  50  50  ARG ARG A . n 
A 1 52  LEU 52  51  51  LEU LEU A . n 
A 1 53  ILE 53  52  52  ILE ILE A . n 
A 1 54  GLY 54  53  53  GLY GLY A . n 
A 1 55  GLU 55  54  54  GLU GLU A . n 
A 1 56  HIS 56  55  55  HIS HIS A . n 
A 1 57  HIS 57  56  56  HIS HIS A . n 
A 1 58  ASP 58  57  57  ASP ASP A . n 
A 1 59  GLY 59  58  58  GLY GLY A . n 
A 1 60  VAL 60  59  59  VAL VAL A . n 
A 1 61  SER 61  60  60  SER SER A . n 
A 1 62  LYS 62  61  61  LYS LYS A . n 
A 1 63  ALA 63  62  62  ALA ALA A . n 
A 1 64  ASN 64  63  63  ASN ASN A . n 
A 1 65  PHE 65  64  64  PHE PHE A . n 
A 1 66  SER 66  65  65  SER SER A . n 
A 1 67  ILE 67  66  66  ILE ILE A . n 
A 1 68  SER 68  67  67  SER SER A . n 
A 1 69  ARG 69  68  68  ARG ARG A . n 
A 1 70  MET 70  69  69  MET MET A . n 
A 1 71  THR 71  70  70  THR THR A . n 
A 1 72  GLN 72  71  71  GLN GLN A . n 
A 1 73  ASP 73  72  72  ASP ASP A . n 
A 1 74  LEU 74  73  73  LEU LEU A . n 
A 1 75  ALA 75  74  74  ALA ALA A . n 
A 1 76  GLY 76  75  75  GLY GLY A . n 
A 1 77  THR 77  76  76  THR THR A . n 
A 1 78  TYR 78  77  77  TYR TYR A . n 
A 1 79  ARG 79  78  78  ARG ARG A . n 
A 1 80  CYS 80  79  79  CYS CYS A . n 
A 1 81  TYR 81  80  80  TYR TYR A . n 
A 1 82  GLY 82  81  81  GLY GLY A . n 
A 1 83  SER 83  82  82  SER SER A . n 
A 1 84  VAL 84  83  83  VAL VAL A . n 
A 1 85  THR 85  84  84  THR THR A . n 
A 1 86  HIS 86  85  85  HIS HIS A . n 
A 1 87  SER 87  86  86  SER SER A . n 
A 1 88  PRO 88  87  87  PRO PRO A . n 
A 1 89  TYR 89  88  88  TYR TYR A . n 
A 1 90  GLN 90  89  89  GLN GLN A . n 
A 1 91  VAL 91  90  90  VAL VAL A . n 
A 1 92  SER 92  91  91  SER SER A . n 
A 1 93  ALA 93  92  92  ALA ALA A . n 
A 1 94  PRO 94  93  93  PRO PRO A . n 
A 1 95  SER 95  94  94  SER SER A . n 
A 1 96  ASP 96  95  95  ASP ASP A . n 
A 1 97  PRO 97  96  96  PRO PRO A . n 
A 1 98  LEU 98  97  97  LEU LEU A . n 
A 1 99  ASP 99  98  98  ASP ASP A . n 
A 1 100 ILE 100 99  99  ILE ILE A . n 
A 1 101 VAL 101 100 100 VAL VAL A . n 
A 1 102 ILE 102 101 101 ILE ILE A . n 
A 1 103 ILE 103 102 102 ILE ILE A . n 
A 1 104 GLY 104 103 103 GLY GLY A . n 
A 1 105 LEU 105 104 104 LEU LEU A . n 
A 1 106 TYR 106 105 105 TYR TYR A . n 
A 1 107 GLU 107 106 106 GLU GLU A . n 
A 1 108 LYS 108 107 107 LYS LYS A . n 
A 1 109 PRO 109 108 108 PRO PRO A . n 
A 1 110 SER 110 109 109 SER SER A . n 
A 1 111 LEU 111 110 110 LEU LEU A . n 
A 1 112 SER 112 111 111 SER SER A . n 
A 1 113 ALA 113 112 112 ALA ALA A . n 
A 1 114 GLN 114 113 113 GLN GLN A . n 
A 1 115 PRO 115 114 114 PRO PRO A . n 
A 1 116 GLY 116 115 115 GLY GLY A . n 
A 1 117 PRO 117 116 116 PRO PRO A . n 
A 1 118 THR 118 117 117 THR THR A . n 
A 1 119 VAL 119 118 118 VAL VAL A . n 
A 1 120 LEU 120 119 119 LEU LEU A . n 
A 1 121 ALA 121 120 120 ALA ALA A . n 
A 1 122 GLY 122 121 121 GLY GLY A . n 
A 1 123 GLU 123 122 122 GLU GLU A . n 
A 1 124 ASN 124 123 123 ASN ASN A . n 
A 1 125 VAL 125 124 124 VAL VAL A . n 
A 1 126 THR 126 125 125 THR THR A . n 
A 1 127 LEU 127 126 126 LEU LEU A . n 
A 1 128 SER 128 127 127 SER SER A . n 
A 1 129 CYS 129 128 128 CYS CYS A . n 
A 1 130 SER 130 129 129 SER SER A . n 
A 1 131 SER 131 130 130 SER SER A . n 
A 1 132 ARG 132 131 131 ARG ARG A . n 
A 1 133 SER 133 132 132 SER SER A . n 
A 1 134 SER 134 133 133 SER SER A . n 
A 1 135 TYR 135 134 134 TYR TYR A . n 
A 1 136 ASP 136 135 135 ASP ASP A . n 
A 1 137 MET 137 136 136 MET MET A . n 
A 1 138 TYR 138 137 137 TYR TYR A . n 
A 1 139 HIS 139 138 138 HIS HIS A . n 
A 1 140 LEU 140 139 139 LEU LEU A . n 
A 1 141 SER 141 140 140 SER SER A . n 
A 1 142 ARG 142 141 141 ARG ARG A . n 
A 1 143 GLU 143 142 142 GLU GLU A . n 
A 1 144 GLY 144 143 143 GLY GLY A . n 
A 1 145 GLU 145 144 144 GLU GLU A . n 
A 1 146 ALA 146 145 145 ALA ALA A . n 
A 1 147 HIS 147 146 146 HIS HIS A . n 
A 1 148 GLU 148 147 147 GLU GLU A . n 
A 1 149 ARG 149 148 148 ARG ARG A . n 
A 1 150 ARG 150 149 149 ARG ARG A . n 
A 1 151 LEU 151 150 150 LEU LEU A . n 
A 1 152 PRO 152 151 151 PRO PRO A . n 
A 1 153 ALA 153 152 152 ALA ALA A . n 
A 1 154 GLY 154 153 153 GLY GLY A . n 
A 1 155 PRO 155 154 154 PRO PRO A . n 
A 1 156 LYS 156 155 155 LYS LYS A . n 
A 1 157 VAL 157 156 156 VAL VAL A . n 
A 1 158 ASN 158 157 157 ASN ASN A . n 
A 1 159 GLY 159 158 158 GLY GLY A . n 
A 1 160 THR 160 159 159 THR THR A . n 
A 1 161 PHE 161 160 160 PHE PHE A . n 
A 1 162 GLN 162 161 161 GLN GLN A . n 
A 1 163 ALA 163 162 162 ALA ALA A . n 
A 1 164 ASP 164 163 163 ASP ASP A . n 
A 1 165 PHE 165 164 164 PHE PHE A . n 
A 1 166 PRO 166 165 165 PRO PRO A . n 
A 1 167 LEU 167 166 166 LEU LEU A . n 
A 1 168 GLY 168 167 167 GLY GLY A . n 
A 1 169 PRO 169 168 168 PRO PRO A . n 
A 1 170 ALA 170 169 169 ALA ALA A . n 
A 1 171 THR 171 170 170 THR THR A . n 
A 1 172 HIS 172 171 171 HIS HIS A . n 
A 1 173 GLY 173 172 172 GLY GLY A . n 
A 1 174 GLY 174 173 173 GLY GLY A . n 
A 1 175 THR 175 174 174 THR THR A . n 
A 1 176 TYR 176 175 175 TYR TYR A . n 
A 1 177 ARG 177 176 176 ARG ARG A . n 
A 1 178 CYS 178 177 177 CYS CYS A . n 
A 1 179 PHE 179 178 178 PHE PHE A . n 
A 1 180 GLY 180 179 179 GLY GLY A . n 
A 1 181 SER 181 180 180 SER SER A . n 
A 1 182 PHE 182 181 181 PHE PHE A . n 
A 1 183 HIS 183 182 182 HIS HIS A . n 
A 1 184 ASP 184 183 183 ASP ASP A . n 
A 1 185 SER 185 184 184 SER SER A . n 
A 1 186 PRO 186 185 185 PRO PRO A . n 
A 1 187 TYR 187 186 186 TYR TYR A . n 
A 1 188 GLU 188 187 187 GLU GLU A . n 
A 1 189 TRP 189 188 188 TRP TRP A . n 
A 1 190 SER 190 189 189 SER SER A . n 
A 1 191 LYS 191 190 190 LYS LYS A . n 
A 1 192 SER 192 191 191 SER SER A . n 
A 1 193 SER 193 192 192 SER SER A . n 
A 1 194 ASP 194 193 193 ASP ASP A . n 
A 1 195 PRO 195 194 194 PRO PRO A . n 
A 1 196 LEU 196 195 195 LEU LEU A . n 
A 1 197 LEU 197 196 196 LEU LEU A . n 
A 1 198 VAL 198 197 197 VAL VAL A . n 
A 1 199 SER 199 198 198 SER SER A . n 
A 1 200 VAL 200 199 199 VAL VAL A . n 
A 1 201 THR 201 200 200 THR THR A . n 
# 
loop_
_pdbx_nonpoly_scheme.asym_id 
_pdbx_nonpoly_scheme.entity_id 
_pdbx_nonpoly_scheme.mon_id 
_pdbx_nonpoly_scheme.ndb_seq_num 
_pdbx_nonpoly_scheme.pdb_seq_num 
_pdbx_nonpoly_scheme.auth_seq_num 
_pdbx_nonpoly_scheme.pdb_mon_id 
_pdbx_nonpoly_scheme.auth_mon_id 
_pdbx_nonpoly_scheme.pdb_strand_id 
_pdbx_nonpoly_scheme.pdb_ins_code 
B 2 HOH 1   201 201 HOH HOH A . 
B 2 HOH 2   202 202 HOH HOH A . 
B 2 HOH 3   203 203 HOH HOH A . 
B 2 HOH 4   204 204 HOH HOH A . 
B 2 HOH 5   205 205 HOH HOH A . 
B 2 HOH 6   206 206 HOH HOH A . 
B 2 HOH 7   207 207 HOH HOH A . 
B 2 HOH 8   208 208 HOH HOH A . 
B 2 HOH 9   209 209 HOH HOH A . 
B 2 HOH 10  210 210 HOH HOH A . 
B 2 HOH 11  211 211 HOH HOH A . 
B 2 HOH 12  212 212 HOH HOH A . 
B 2 HOH 13  213 213 HOH HOH A . 
B 2 HOH 14  214 214 HOH HOH A . 
B 2 HOH 15  215 215 HOH HOH A . 
B 2 HOH 16  216 216 HOH HOH A . 
B 2 HOH 17  217 217 HOH HOH A . 
B 2 HOH 18  218 218 HOH HOH A . 
B 2 HOH 19  219 219 HOH HOH A . 
B 2 HOH 20  220 220 HOH HOH A . 
B 2 HOH 21  221 221 HOH HOH A . 
B 2 HOH 22  222 222 HOH HOH A . 
B 2 HOH 23  223 223 HOH HOH A . 
B 2 HOH 24  224 224 HOH HOH A . 
B 2 HOH 25  225 225 HOH HOH A . 
B 2 HOH 26  226 226 HOH HOH A . 
B 2 HOH 27  227 227 HOH HOH A . 
B 2 HOH 28  228 228 HOH HOH A . 
B 2 HOH 29  229 229 HOH HOH A . 
B 2 HOH 30  230 230 HOH HOH A . 
B 2 HOH 31  231 231 HOH HOH A . 
B 2 HOH 32  232 232 HOH HOH A . 
B 2 HOH 33  233 233 HOH HOH A . 
B 2 HOH 34  234 234 HOH HOH A . 
B 2 HOH 35  235 235 HOH HOH A . 
B 2 HOH 36  236 236 HOH HOH A . 
B 2 HOH 37  237 237 HOH HOH A . 
B 2 HOH 38  238 238 HOH HOH A . 
B 2 HOH 39  239 239 HOH HOH A . 
B 2 HOH 40  240 240 HOH HOH A . 
B 2 HOH 41  241 241 HOH HOH A . 
B 2 HOH 42  242 242 HOH HOH A . 
B 2 HOH 43  243 243 HOH HOH A . 
B 2 HOH 44  244 244 HOH HOH A . 
B 2 HOH 45  245 245 HOH HOH A . 
B 2 HOH 46  246 246 HOH HOH A . 
B 2 HOH 47  247 247 HOH HOH A . 
B 2 HOH 48  248 248 HOH HOH A . 
B 2 HOH 49  249 249 HOH HOH A . 
B 2 HOH 50  250 250 HOH HOH A . 
B 2 HOH 51  251 251 HOH HOH A . 
B 2 HOH 52  252 252 HOH HOH A . 
B 2 HOH 53  253 253 HOH HOH A . 
B 2 HOH 54  254 254 HOH HOH A . 
B 2 HOH 55  255 255 HOH HOH A . 
B 2 HOH 56  256 256 HOH HOH A . 
B 2 HOH 57  257 257 HOH HOH A . 
B 2 HOH 58  258 258 HOH HOH A . 
B 2 HOH 59  259 259 HOH HOH A . 
B 2 HOH 60  260 260 HOH HOH A . 
B 2 HOH 61  261 261 HOH HOH A . 
B 2 HOH 62  262 262 HOH HOH A . 
B 2 HOH 63  263 263 HOH HOH A . 
B 2 HOH 64  264 264 HOH HOH A . 
B 2 HOH 65  265 265 HOH HOH A . 
B 2 HOH 66  266 266 HOH HOH A . 
B 2 HOH 67  267 267 HOH HOH A . 
B 2 HOH 68  268 268 HOH HOH A . 
B 2 HOH 69  269 269 HOH HOH A . 
B 2 HOH 70  270 270 HOH HOH A . 
B 2 HOH 71  271 271 HOH HOH A . 
B 2 HOH 72  272 272 HOH HOH A . 
B 2 HOH 73  273 273 HOH HOH A . 
B 2 HOH 74  274 274 HOH HOH A . 
B 2 HOH 75  275 275 HOH HOH A . 
B 2 HOH 76  276 276 HOH HOH A . 
B 2 HOH 77  277 277 HOH HOH A . 
B 2 HOH 78  278 278 HOH HOH A . 
B 2 HOH 79  279 279 HOH HOH A . 
B 2 HOH 80  280 280 HOH HOH A . 
B 2 HOH 81  281 281 HOH HOH A . 
B 2 HOH 82  282 282 HOH HOH A . 
B 2 HOH 83  283 283 HOH HOH A . 
B 2 HOH 84  284 284 HOH HOH A . 
B 2 HOH 85  285 285 HOH HOH A . 
B 2 HOH 86  286 286 HOH HOH A . 
B 2 HOH 87  287 287 HOH HOH A . 
B 2 HOH 88  288 288 HOH HOH A . 
B 2 HOH 89  289 289 HOH HOH A . 
B 2 HOH 90  290 290 HOH HOH A . 
B 2 HOH 91  291 291 HOH HOH A . 
B 2 HOH 92  292 292 HOH HOH A . 
B 2 HOH 93  293 293 HOH HOH A . 
B 2 HOH 94  294 294 HOH HOH A . 
B 2 HOH 95  295 295 HOH HOH A . 
B 2 HOH 96  296 296 HOH HOH A . 
B 2 HOH 97  297 297 HOH HOH A . 
B 2 HOH 98  298 298 HOH HOH A . 
B 2 HOH 99  299 299 HOH HOH A . 
B 2 HOH 100 300 300 HOH HOH A . 
B 2 HOH 101 301 301 HOH HOH A . 
B 2 HOH 102 302 302 HOH HOH A . 
B 2 HOH 103 303 303 HOH HOH A . 
B 2 HOH 104 304 304 HOH HOH A . 
B 2 HOH 105 305 305 HOH HOH A . 
B 2 HOH 106 306 306 HOH HOH A . 
B 2 HOH 107 307 307 HOH HOH A . 
B 2 HOH 108 308 308 HOH HOH A . 
B 2 HOH 109 309 309 HOH HOH A . 
B 2 HOH 110 310 310 HOH HOH A . 
B 2 HOH 111 311 311 HOH HOH A . 
B 2 HOH 112 312 312 HOH HOH A . 
B 2 HOH 113 313 313 HOH HOH A . 
B 2 HOH 114 314 314 HOH HOH A . 
B 2 HOH 115 315 315 HOH HOH A . 
B 2 HOH 116 316 316 HOH HOH A . 
B 2 HOH 117 317 317 HOH HOH A . 
B 2 HOH 118 318 318 HOH HOH A . 
B 2 HOH 119 319 319 HOH HOH A . 
B 2 HOH 120 320 320 HOH HOH A . 
B 2 HOH 121 321 321 HOH HOH A . 
B 2 HOH 122 322 322 HOH HOH A . 
B 2 HOH 123 323 323 HOH HOH A . 
B 2 HOH 124 324 324 HOH HOH A . 
B 2 HOH 125 325 325 HOH HOH A . 
B 2 HOH 126 326 326 HOH HOH A . 
B 2 HOH 127 327 327 HOH HOH A . 
B 2 HOH 128 328 328 HOH HOH A . 
B 2 HOH 129 329 329 HOH HOH A . 
B 2 HOH 130 330 330 HOH HOH A . 
B 2 HOH 131 331 331 HOH HOH A . 
B 2 HOH 132 332 332 HOH HOH A . 
B 2 HOH 133 333 333 HOH HOH A . 
B 2 HOH 134 334 334 HOH HOH A . 
B 2 HOH 135 335 335 HOH HOH A . 
B 2 HOH 136 336 336 HOH HOH A . 
B 2 HOH 137 337 337 HOH HOH A . 
B 2 HOH 138 338 338 HOH HOH A . 
B 2 HOH 139 339 339 HOH HOH A . 
B 2 HOH 140 340 340 HOH HOH A . 
B 2 HOH 141 341 341 HOH HOH A . 
B 2 HOH 142 342 342 HOH HOH A . 
B 2 HOH 143 343 343 HOH HOH A . 
B 2 HOH 144 344 344 HOH HOH A . 
B 2 HOH 145 345 345 HOH HOH A . 
B 2 HOH 146 346 346 HOH HOH A . 
B 2 HOH 147 347 347 HOH HOH A . 
B 2 HOH 148 348 348 HOH HOH A . 
B 2 HOH 149 349 349 HOH HOH A . 
B 2 HOH 150 350 350 HOH HOH A . 
B 2 HOH 151 351 351 HOH HOH A . 
B 2 HOH 152 352 352 HOH HOH A . 
B 2 HOH 153 353 353 HOH HOH A . 
B 2 HOH 154 354 354 HOH HOH A . 
B 2 HOH 155 355 355 HOH HOH A . 
B 2 HOH 156 356 356 HOH HOH A . 
B 2 HOH 157 357 357 HOH HOH A . 
B 2 HOH 158 358 358 HOH HOH A . 
B 2 HOH 159 359 359 HOH HOH A . 
B 2 HOH 160 360 360 HOH HOH A . 
B 2 HOH 161 361 361 HOH HOH A . 
B 2 HOH 162 362 362 HOH HOH A . 
B 2 HOH 163 363 363 HOH HOH A . 
B 2 HOH 164 364 364 HOH HOH A . 
B 2 HOH 165 365 365 HOH HOH A . 
B 2 HOH 166 366 366 HOH HOH A . 
B 2 HOH 167 367 367 HOH HOH A . 
B 2 HOH 168 368 368 HOH HOH A . 
B 2 HOH 169 369 369 HOH HOH A . 
B 2 HOH 170 370 370 HOH HOH A . 
B 2 HOH 171 371 371 HOH HOH A . 
B 2 HOH 172 372 372 HOH HOH A . 
B 2 HOH 173 373 373 HOH HOH A . 
B 2 HOH 174 374 374 HOH HOH A . 
B 2 HOH 175 375 375 HOH HOH A . 
B 2 HOH 176 376 376 HOH HOH A . 
B 2 HOH 177 377 377 HOH HOH A . 
B 2 HOH 178 378 378 HOH HOH A . 
B 2 HOH 179 379 379 HOH HOH A . 
B 2 HOH 180 380 380 HOH HOH A . 
B 2 HOH 181 381 381 HOH HOH A . 
B 2 HOH 182 382 382 HOH HOH A . 
B 2 HOH 183 383 383 HOH HOH A . 
B 2 HOH 184 384 384 HOH HOH A . 
B 2 HOH 185 385 385 HOH HOH A . 
B 2 HOH 186 386 386 HOH HOH A . 
B 2 HOH 187 387 387 HOH HOH A . 
B 2 HOH 188 388 388 HOH HOH A . 
B 2 HOH 189 389 389 HOH HOH A . 
B 2 HOH 190 390 390 HOH HOH A . 
B 2 HOH 191 391 391 HOH HOH A . 
B 2 HOH 192 392 392 HOH HOH A . 
B 2 HOH 193 393 393 HOH HOH A . 
B 2 HOH 194 394 394 HOH HOH A . 
B 2 HOH 195 395 395 HOH HOH A . 
B 2 HOH 196 396 396 HOH HOH A . 
B 2 HOH 197 397 397 HOH HOH A . 
B 2 HOH 198 398 398 HOH HOH A . 
B 2 HOH 199 399 399 HOH HOH A . 
B 2 HOH 200 400 400 HOH HOH A . 
B 2 HOH 201 401 401 HOH HOH A . 
B 2 HOH 202 402 402 HOH HOH A . 
B 2 HOH 203 403 403 HOH HOH A . 
B 2 HOH 204 404 404 HOH HOH A . 
B 2 HOH 205 405 405 HOH HOH A . 
B 2 HOH 206 406 406 HOH HOH A . 
B 2 HOH 207 407 407 HOH HOH A . 
B 2 HOH 208 408 408 HOH HOH A . 
B 2 HOH 209 409 409 HOH HOH A . 
B 2 HOH 210 410 410 HOH HOH A . 
B 2 HOH 211 411 411 HOH HOH A . 
# 
loop_
_software.name 
_software.classification 
_software.version 
_software.citation_id 
_software.pdbx_ordinal 
DENZO     'data reduction' . ? 1 
SCALEPACK 'data scaling'   . ? 2 
MLPHARE   phasing          . ? 3 
REFMAC    refinement       . ? 4 
# 
_cell.entry_id           1NKR 
_cell.length_a           92.360 
_cell.length_b           92.360 
_cell.length_c           46.770 
_cell.angle_alpha        90.00 
_cell.angle_beta         90.00 
_cell.angle_gamma        120.00 
_cell.Z_PDB              6 
_cell.pdbx_unique_axis   ? 
# 
_symmetry.entry_id                         1NKR 
_symmetry.space_group_name_H-M             'P 61' 
_symmetry.pdbx_full_space_group_name_H-M   ? 
_symmetry.cell_setting                     ? 
_symmetry.Int_Tables_number                169 
# 
_exptl.entry_id          1NKR 
_exptl.method            'X-RAY DIFFRACTION' 
_exptl.crystals_number   1 
# 
_exptl_crystal.id                    1 
_exptl_crystal.density_meas          ? 
_exptl_crystal.density_Matthews      1.8 
_exptl_crystal.density_percent_sol   40 
_exptl_crystal.description           ? 
# 
_exptl_crystal_grow.crystal_id      1 
_exptl_crystal_grow.method          ? 
_exptl_crystal_grow.temp            ? 
_exptl_crystal_grow.temp_details    ? 
_exptl_crystal_grow.pH              7.7 
_exptl_crystal_grow.pdbx_pH_range   5.4-7.7 
_exptl_crystal_grow.pdbx_details    
;PROTEIN WAS CRYSTALLIZED FROM 0.55 M (NH4)2HPO4, 50 MM SODIUM CITRATE, PH 5.4, FINAL PH 7.7. CRYSTALS WERE HARVESTED IN 1.5 M (NH4)2HPO4, 50 MM SODIUM CITRATE, PH 5.4, FINAL PH 7.7; THEN SOAKED IN 1.5 M (NH4)2HPO4, 50 MM SODIUM CITRATE, PH 5.4, 25% GLYCEROL, FINAL PH 7.7, AND FLASH-COOLED WITH LIQUID NITROGEN.
;
# 
_diffrn.id                     1 
_diffrn.ambient_temp           90 
_diffrn.ambient_temp_details   ? 
_diffrn.crystal_id             1 
# 
_diffrn_detector.diffrn_id              1 
_diffrn_detector.detector               CCD 
_diffrn_detector.type                   'PRINCETON 2K' 
_diffrn_detector.pdbx_collection_date   1996-10 
_diffrn_detector.details                MIRRORS 
# 
_diffrn_radiation.diffrn_id                        1 
_diffrn_radiation.wavelength_id                    1 
_diffrn_radiation.pdbx_monochromatic_or_laue_m_l   M 
_diffrn_radiation.monochromator                    'HORIZONTALLY BENT SI (111), ASYMMETRICALLY CUT CRYSTALS' 
_diffrn_radiation.pdbx_diffrn_protocol             ? 
_diffrn_radiation.pdbx_scattering_type             x-ray 
# 
_diffrn_radiation_wavelength.id           1 
_diffrn_radiation_wavelength.wavelength   0.918 
_diffrn_radiation_wavelength.wt           1.0 
# 
_diffrn_source.diffrn_id                   1 
_diffrn_source.source                      SYNCHROTRON 
_diffrn_source.type                        'CHESS BEAMLINE F1' 
_diffrn_source.pdbx_synchrotron_site       CHESS 
_diffrn_source.pdbx_synchrotron_beamline   F1 
_diffrn_source.pdbx_wavelength             0.918 
_diffrn_source.pdbx_wavelength_list        ? 
# 
_reflns.entry_id                     1NKR 
_reflns.observed_criterion_sigma_I   0 
_reflns.observed_criterion_sigma_F   ? 
_reflns.d_resolution_low             16.0 
_reflns.d_resolution_high            1.7 
_reflns.number_obs                   25065 
_reflns.number_all                   ? 
_reflns.percent_possible_obs         99.5 
_reflns.pdbx_Rmerge_I_obs            0.073 
_reflns.pdbx_Rsym_value              0.073 
_reflns.pdbx_netI_over_sigmaI        17.1 
_reflns.B_iso_Wilson_estimate        ? 
_reflns.pdbx_redundancy              7.0 
_reflns.pdbx_diffrn_id               1 
_reflns.pdbx_ordinal                 1 
# 
_reflns_shell.d_res_high             1.7 
_reflns_shell.d_res_low              1.76 
_reflns_shell.percent_possible_all   97.8 
_reflns_shell.Rmerge_I_obs           0.234 
_reflns_shell.pdbx_Rsym_value        0.234 
_reflns_shell.meanI_over_sigI_obs    4 
_reflns_shell.pdbx_redundancy        6 
_reflns_shell.pdbx_diffrn_id         ? 
_reflns_shell.pdbx_ordinal           1 
# 
_refine.entry_id                                 1NKR 
_refine.ls_number_reflns_obs                     24473 
_refine.ls_number_reflns_all                     ? 
_refine.pdbx_ls_sigma_I                          ? 
_refine.pdbx_ls_sigma_F                          0.0 
_refine.pdbx_data_cutoff_high_absF               ? 
_refine.pdbx_data_cutoff_low_absF                ? 
_refine.pdbx_data_cutoff_high_rms_absF           ? 
_refine.ls_d_res_low                             6.0 
_refine.ls_d_res_high                            1.7 
_refine.ls_percent_reflns_obs                    99.5 
_refine.ls_R_factor_obs                          0.205 
_refine.ls_R_factor_all                          ? 
_refine.ls_R_factor_R_work                       0.227 
_refine.ls_R_factor_R_free                       0.255 
_refine.ls_R_factor_R_free_error                 ? 
_refine.ls_R_factor_R_free_error_details         ? 
_refine.ls_percent_reflns_R_free                 10 
_refine.ls_number_reflns_R_free                  2427 
_refine.ls_number_parameters                     ? 
_refine.ls_number_restraints                     ? 
_refine.occupancy_min                            ? 
_refine.occupancy_max                            ? 
_refine.B_iso_mean                               ? 
_refine.aniso_B[1][1]                            ? 
_refine.aniso_B[2][2]                            ? 
_refine.aniso_B[3][3]                            ? 
_refine.aniso_B[1][2]                            ? 
_refine.aniso_B[1][3]                            ? 
_refine.aniso_B[2][3]                            ? 
_refine.solvent_model_details                    ? 
_refine.solvent_model_param_ksol                 ? 
_refine.solvent_model_param_bsol                 ? 
_refine.pdbx_ls_cross_valid_method               THROUGHOUT 
_refine.details                                  
;THE STRUCTURE WAS INITIALLY REFINED AT 10-2.2 ANGSTROMS USING POSITIONAL REFINEMENT AND SIMULATED ANNEALING PROTOCOLS IN X-PLOR. THE RESOLUTION WAS THEN EXTENDED TO 1.7 ANGSTROMS. REFINEMENT AT THIS STAGE INVOLVED SIMULATED ANNEALING FOLLOWED BY B-FACTOR REFINEMENT, WITH THE EXTENSIVE USE OF SIMULATED ANNEALING OMIT MAPS. THE FINAL MODEL OBTAINED FROM X-PLOR WAS AGAIN REFINED WITH REFMAC. THE FINAL REFINEMENT STATISTICS FROM REFMAC ARE SHOWN HERE.
;
_refine.pdbx_starting_model                      ? 
_refine.pdbx_method_to_determine_struct          MAD 
_refine.pdbx_isotropic_thermal_model             ? 
_refine.pdbx_stereochemistry_target_values       ? 
_refine.pdbx_stereochem_target_val_spec_case     ? 
_refine.pdbx_R_Free_selection_details            RANDOM 
_refine.pdbx_overall_ESU_R                       ? 
_refine.pdbx_overall_ESU_R_Free                  ? 
_refine.overall_SU_ML                            ? 
_refine.overall_SU_B                             ? 
_refine.pdbx_refine_id                           'X-RAY DIFFRACTION' 
_refine.pdbx_diffrn_id                           1 
_refine.pdbx_TLS_residual_ADP_flag               ? 
_refine.correlation_coeff_Fo_to_Fc               ? 
_refine.correlation_coeff_Fo_to_Fc_free          ? 
_refine.pdbx_solvent_vdw_probe_radii             ? 
_refine.pdbx_solvent_ion_probe_radii             ? 
_refine.pdbx_solvent_shrinkage_radii             ? 
_refine.pdbx_overall_phase_error                 ? 
_refine.overall_SU_R_Cruickshank_DPI             ? 
_refine.pdbx_overall_SU_R_free_Cruickshank_DPI   ? 
_refine.pdbx_overall_SU_R_Blow_DPI               ? 
_refine.pdbx_overall_SU_R_free_Blow_DPI          ? 
# 
_refine_hist.pdbx_refine_id                   'X-RAY DIFFRACTION' 
_refine_hist.cycle_id                         LAST 
_refine_hist.pdbx_number_atoms_protein        1513 
_refine_hist.pdbx_number_atoms_nucleic_acid   0 
_refine_hist.pdbx_number_atoms_ligand         0 
_refine_hist.number_atoms_solvent             211 
_refine_hist.number_atoms_total               1724 
_refine_hist.d_res_high                       1.7 
_refine_hist.d_res_low                        6.0 
# 
_struct.entry_id                  1NKR 
_struct.title                     'INHIBITORY RECEPTOR (P58-CL42) FOR HUMAN NATURAL KILLER CELLS' 
_struct.pdbx_model_details        ? 
_struct.pdbx_CASP_flag            ? 
_struct.pdbx_model_type_details   ? 
# 
_struct_keywords.entry_id        1NKR 
_struct_keywords.pdbx_keywords   'INHIBITORY RECEPTOR' 
_struct_keywords.text            'INHIBITORY RECEPTOR, NATURAL KILLER CELLS, IMMUNOLOGICAL RECEPTORS, IMMUNOGLOBULIN FOLD' 
# 
loop_
_struct_asym.id 
_struct_asym.pdbx_blank_PDB_chainid_flag 
_struct_asym.pdbx_modified 
_struct_asym.entity_id 
_struct_asym.details 
A N N 1 ? 
B N N 2 ? 
# 
_struct_ref.id                         1 
_struct_ref.db_name                    UNP 
_struct_ref.db_code                    KI2L1_HUMAN 
_struct_ref.entity_id                  1 
_struct_ref.pdbx_db_accession          P43626 
_struct_ref.pdbx_align_begin           1 
_struct_ref.pdbx_seq_one_letter_code   
;MSLLVVSMACVGFFLLQGAWPHEGVHRKPSLLAHPGPLVKSEETVILQCWSDVMFEHFLLHREGMFNDTLRLIGEHHDGV
SKANFSISRMTQDLAGTYRCYGSVTHSPYQVSAPSDPLDIVIIGLYEKPSLSAQPGPTVLAGENVTLSCSSRSSYDMYHL
SREGEAHERRLPAGPKVNGTFQADFPLGPATHGGTYRCFGSFHDSPYEWSKSSDPLLVSVTGNPSNSWPSPTEPSSKTGN
PRHLHILIGTSVVIILFILLFFLLHRWCSNKKNAAVMDQESAGNRTANSEDSDEQDPQEVTYTQLNHCVFTQRKITRPSQ
RPKTPPTDIIVYTELPNAESRSKVVSCP
;
_struct_ref.pdbx_db_isoform            ? 
# 
_struct_ref_seq.align_id                      1 
_struct_ref_seq.ref_id                        1 
_struct_ref_seq.pdbx_PDB_id_code              1NKR 
_struct_ref_seq.pdbx_strand_id                A 
_struct_ref_seq.seq_align_beg                 2 
_struct_ref_seq.pdbx_seq_align_beg_ins_code   ? 
_struct_ref_seq.seq_align_end                 201 
_struct_ref_seq.pdbx_seq_align_end_ins_code   ? 
_struct_ref_seq.pdbx_db_accession             P43626 
_struct_ref_seq.db_align_beg                  22 
_struct_ref_seq.pdbx_db_align_beg_ins_code    ? 
_struct_ref_seq.db_align_end                  221 
_struct_ref_seq.pdbx_db_align_end_ins_code    ? 
_struct_ref_seq.pdbx_auth_seq_align_beg       1 
_struct_ref_seq.pdbx_auth_seq_align_end       200 
# 
_pdbx_struct_assembly.id                   1 
_pdbx_struct_assembly.details              author_defined_assembly 
_pdbx_struct_assembly.method_details       ? 
_pdbx_struct_assembly.oligomeric_details   monomeric 
_pdbx_struct_assembly.oligomeric_count     1 
# 
_pdbx_struct_assembly_gen.assembly_id       1 
_pdbx_struct_assembly_gen.oper_expression   1 
_pdbx_struct_assembly_gen.asym_id_list      A,B 
# 
_pdbx_struct_oper_list.id                   1 
_pdbx_struct_oper_list.type                 'identity operation' 
_pdbx_struct_oper_list.name                 1_555 
_pdbx_struct_oper_list.symmetry_operation   x,y,z 
_pdbx_struct_oper_list.matrix[1][1]         1.0000000000 
_pdbx_struct_oper_list.matrix[1][2]         0.0000000000 
_pdbx_struct_oper_list.matrix[1][3]         0.0000000000 
_pdbx_struct_oper_list.vector[1]            0.0000000000 
_pdbx_struct_oper_list.matrix[2][1]         0.0000000000 
_pdbx_struct_oper_list.matrix[2][2]         1.0000000000 
_pdbx_struct_oper_list.matrix[2][3]         0.0000000000 
_pdbx_struct_oper_list.vector[2]            0.0000000000 
_pdbx_struct_oper_list.matrix[3][1]         0.0000000000 
_pdbx_struct_oper_list.matrix[3][2]         0.0000000000 
_pdbx_struct_oper_list.matrix[3][3]         1.0000000000 
_pdbx_struct_oper_list.vector[3]            0.0000000000 
# 
_struct_biol.id   1 
# 
loop_
_struct_conf.conf_type_id 
_struct_conf.id 
_struct_conf.pdbx_PDB_helix_id 
_struct_conf.beg_label_comp_id 
_struct_conf.beg_label_asym_id 
_struct_conf.beg_label_seq_id 
_struct_conf.pdbx_beg_PDB_ins_code 
_struct_conf.end_label_comp_id 
_struct_conf.end_label_asym_id 
_struct_conf.end_label_seq_id 
_struct_conf.pdbx_end_PDB_ins_code 
_struct_conf.beg_auth_comp_id 
_struct_conf.beg_auth_asym_id 
_struct_conf.beg_auth_seq_id 
_struct_conf.end_auth_comp_id 
_struct_conf.end_auth_asym_id 
_struct_conf.end_auth_seq_id 
_struct_conf.pdbx_PDB_helix_class 
_struct_conf.details 
_struct_conf.pdbx_PDB_helix_length 
HELX_P HELX_P1 1 GLN A 72 ? LEU A 74 ? GLN A 71 LEU A 73 5 ? 3 
HELX_P HELX_P2 2 THR A 85 ? SER A 87 ? THR A 84 SER A 86 5 ? 3 
# 
_struct_conf_type.id          HELX_P 
_struct_conf_type.criteria    ? 
_struct_conf_type.reference   ? 
# 
loop_
_struct_conn.id 
_struct_conn.conn_type_id 
_struct_conn.pdbx_leaving_atom_flag 
_struct_conn.pdbx_PDB_id 
_struct_conn.ptnr1_label_asym_id 
_struct_conn.ptnr1_label_comp_id 
_struct_conn.ptnr1_label_seq_id 
_struct_conn.ptnr1_label_atom_id 
_struct_conn.pdbx_ptnr1_label_alt_id 
_struct_conn.pdbx_ptnr1_PDB_ins_code 
_struct_conn.pdbx_ptnr1_standard_comp_id 
_struct_conn.ptnr1_symmetry 
_struct_conn.ptnr2_label_asym_id 
_struct_conn.ptnr2_label_comp_id 
_struct_conn.ptnr2_label_seq_id 
_struct_conn.ptnr2_label_atom_id 
_struct_conn.pdbx_ptnr2_label_alt_id 
_struct_conn.pdbx_ptnr2_PDB_ins_code 
_struct_conn.ptnr1_auth_asym_id 
_struct_conn.ptnr1_auth_comp_id 
_struct_conn.ptnr1_auth_seq_id 
_struct_conn.ptnr2_auth_asym_id 
_struct_conn.ptnr2_auth_comp_id 
_struct_conn.ptnr2_auth_seq_id 
_struct_conn.ptnr2_symmetry 
_struct_conn.pdbx_ptnr3_label_atom_id 
_struct_conn.pdbx_ptnr3_label_seq_id 
_struct_conn.pdbx_ptnr3_label_comp_id 
_struct_conn.pdbx_ptnr3_label_asym_id 
_struct_conn.pdbx_ptnr3_label_alt_id 
_struct_conn.pdbx_ptnr3_PDB_ins_code 
_struct_conn.details 
_struct_conn.pdbx_dist_value 
_struct_conn.pdbx_value_order 
_struct_conn.pdbx_role 
disulf1 disulf ? ? A CYS 29  SG ? ? ? 1_555 A CYS 80  SG ? ? A CYS 28  A CYS 79  1_555 ? ? ? ? ? ? ? 2.037 ? ? 
disulf2 disulf ? ? A CYS 129 SG ? ? ? 1_555 A CYS 178 SG ? ? A CYS 128 A CYS 177 1_555 ? ? ? ? ? ? ? 2.057 ? ? 
# 
_struct_conn_type.id          disulf 
_struct_conn_type.criteria    ? 
_struct_conn_type.reference   ? 
# 
loop_
_pdbx_modification_feature.ordinal 
_pdbx_modification_feature.label_comp_id 
_pdbx_modification_feature.label_asym_id 
_pdbx_modification_feature.label_seq_id 
_pdbx_modification_feature.label_alt_id 
_pdbx_modification_feature.modified_residue_label_comp_id 
_pdbx_modification_feature.modified_residue_label_asym_id 
_pdbx_modification_feature.modified_residue_label_seq_id 
_pdbx_modification_feature.modified_residue_label_alt_id 
_pdbx_modification_feature.auth_comp_id 
_pdbx_modification_feature.auth_asym_id 
_pdbx_modification_feature.auth_seq_id 
_pdbx_modification_feature.PDB_ins_code 
_pdbx_modification_feature.symmetry 
_pdbx_modification_feature.modified_residue_auth_comp_id 
_pdbx_modification_feature.modified_residue_auth_asym_id 
_pdbx_modification_feature.modified_residue_auth_seq_id 
_pdbx_modification_feature.modified_residue_PDB_ins_code 
_pdbx_modification_feature.modified_residue_symmetry 
_pdbx_modification_feature.comp_id_linking_atom 
_pdbx_modification_feature.modified_residue_id_linking_atom 
_pdbx_modification_feature.modified_residue_id 
_pdbx_modification_feature.ref_pcm_id 
_pdbx_modification_feature.ref_comp_id 
_pdbx_modification_feature.type 
_pdbx_modification_feature.category 
1 CYS A 29  ? CYS A 80  ? CYS A 28  ? 1_555 CYS A 79  ? 1_555 SG SG . . . None 'Disulfide bridge' 
2 CYS A 129 ? CYS A 178 ? CYS A 128 ? 1_555 CYS A 177 ? 1_555 SG SG . . . None 'Disulfide bridge' 
# 
loop_
_struct_mon_prot_cis.pdbx_id 
_struct_mon_prot_cis.label_comp_id 
_struct_mon_prot_cis.label_seq_id 
_struct_mon_prot_cis.label_asym_id 
_struct_mon_prot_cis.label_alt_id 
_struct_mon_prot_cis.pdbx_PDB_ins_code 
_struct_mon_prot_cis.auth_comp_id 
_struct_mon_prot_cis.auth_seq_id 
_struct_mon_prot_cis.auth_asym_id 
_struct_mon_prot_cis.pdbx_label_comp_id_2 
_struct_mon_prot_cis.pdbx_label_seq_id_2 
_struct_mon_prot_cis.pdbx_label_asym_id_2 
_struct_mon_prot_cis.pdbx_PDB_ins_code_2 
_struct_mon_prot_cis.pdbx_auth_comp_id_2 
_struct_mon_prot_cis.pdbx_auth_seq_id_2 
_struct_mon_prot_cis.pdbx_auth_asym_id_2 
_struct_mon_prot_cis.pdbx_PDB_model_num 
_struct_mon_prot_cis.pdbx_omega_angle 
1 HIS 14  A . ? HIS 13  A PRO 15  A ? PRO 14  A 1 0.02  
2 GLN 114 A . ? GLN 113 A PRO 115 A ? PRO 114 A 1 -0.32 
# 
loop_
_struct_sheet.id 
_struct_sheet.type 
_struct_sheet.number_strands 
_struct_sheet.details 
A ? 4 ? 
B ? 2 ? 
C ? 4 ? 
D ? 3 ? 
E ? 2 ? 
F ? 4 ? 
# 
loop_
_struct_sheet_order.sheet_id 
_struct_sheet_order.range_id_1 
_struct_sheet_order.range_id_2 
_struct_sheet_order.offset 
_struct_sheet_order.sense 
A 1 2 ? anti-parallel 
A 2 3 ? anti-parallel 
A 3 4 ? anti-parallel 
B 1 2 ? parallel      
C 1 2 ? anti-parallel 
C 2 3 ? anti-parallel 
C 3 4 ? anti-parallel 
D 1 2 ? anti-parallel 
D 2 3 ? anti-parallel 
E 1 2 ? parallel      
F 1 2 ? anti-parallel 
F 2 3 ? anti-parallel 
F 3 4 ? anti-parallel 
# 
loop_
_struct_sheet_range.sheet_id 
_struct_sheet_range.id 
_struct_sheet_range.beg_label_comp_id 
_struct_sheet_range.beg_label_asym_id 
_struct_sheet_range.beg_label_seq_id 
_struct_sheet_range.pdbx_beg_PDB_ins_code 
_struct_sheet_range.end_label_comp_id 
_struct_sheet_range.end_label_asym_id 
_struct_sheet_range.end_label_seq_id 
_struct_sheet_range.pdbx_end_PDB_ins_code 
_struct_sheet_range.beg_auth_comp_id 
_struct_sheet_range.beg_auth_asym_id 
_struct_sheet_range.beg_auth_seq_id 
_struct_sheet_range.end_auth_comp_id 
_struct_sheet_range.end_auth_asym_id 
_struct_sheet_range.end_auth_seq_id 
A 1 SER A 10  ? HIS A 14  ? SER A 9   HIS A 13  
A 2 VAL A 25  ? SER A 31  ? VAL A 24  SER A 30  
A 3 VAL A 60  ? ILE A 67  ? VAL A 59  ILE A 66  
A 4 GLU A 55  ? HIS A 57  ? GLU A 54  HIS A 56  
B 1 LEU A 18  ? LYS A 20  ? LEU A 17  LYS A 19  
B 2 VAL A 101 ? ILE A 103 ? VAL A 100 ILE A 102 
C 1 ASP A 48  ? ILE A 53  ? ASP A 47  ILE A 52  
C 2 HIS A 37  ? GLY A 44  ? HIS A 36  GLY A 43  
C 3 GLY A 76  ? SER A 83  ? GLY A 75  SER A 82  
C 4 LEU A 98  ? ILE A 100 ? LEU A 97  ILE A 99  
D 1 SER A 110 ? GLN A 114 ? SER A 109 GLN A 113 
D 2 ASN A 124 ? SER A 131 ? ASN A 123 SER A 130 
D 3 PHE A 161 ? PRO A 169 ? PHE A 160 PRO A 168 
E 1 THR A 118 ? LEU A 120 ? THR A 117 LEU A 119 
E 2 SER A 199 ? THR A 201 ? SER A 198 THR A 200 
F 1 ARG A 149 ? PRO A 152 ? ARG A 148 PRO A 151 
F 2 MET A 137 ? ARG A 142 ? MET A 136 ARG A 141 
F 3 GLY A 174 ? SER A 181 ? GLY A 173 SER A 180 
F 4 LEU A 196 ? VAL A 198 ? LEU A 195 VAL A 197 
# 
loop_
_pdbx_struct_sheet_hbond.sheet_id 
_pdbx_struct_sheet_hbond.range_id_1 
_pdbx_struct_sheet_hbond.range_id_2 
_pdbx_struct_sheet_hbond.range_1_label_atom_id 
_pdbx_struct_sheet_hbond.range_1_label_comp_id 
_pdbx_struct_sheet_hbond.range_1_label_asym_id 
_pdbx_struct_sheet_hbond.range_1_label_seq_id 
_pdbx_struct_sheet_hbond.range_1_PDB_ins_code 
_pdbx_struct_sheet_hbond.range_1_auth_atom_id 
_pdbx_struct_sheet_hbond.range_1_auth_comp_id 
_pdbx_struct_sheet_hbond.range_1_auth_asym_id 
_pdbx_struct_sheet_hbond.range_1_auth_seq_id 
_pdbx_struct_sheet_hbond.range_2_label_atom_id 
_pdbx_struct_sheet_hbond.range_2_label_comp_id 
_pdbx_struct_sheet_hbond.range_2_label_asym_id 
_pdbx_struct_sheet_hbond.range_2_label_seq_id 
_pdbx_struct_sheet_hbond.range_2_PDB_ins_code 
_pdbx_struct_sheet_hbond.range_2_auth_atom_id 
_pdbx_struct_sheet_hbond.range_2_auth_comp_id 
_pdbx_struct_sheet_hbond.range_2_auth_asym_id 
_pdbx_struct_sheet_hbond.range_2_auth_seq_id 
A 1 2 O SER A 10  ? O SER A 9   N TRP A 30  ? N TRP A 29  
A 2 3 O VAL A 25  ? O VAL A 24  N ILE A 67  ? N ILE A 66  
A 3 4 O VAL A 60  ? O VAL A 59  N HIS A 57  ? N HIS A 56  
B 1 2 O VAL A 19  ? O VAL A 18  N VAL A 101 ? N VAL A 100 
C 1 2 O ASP A 48  ? O ASP A 47  N ARG A 42  ? N ARG A 41  
C 2 3 O HIS A 37  ? O HIS A 36  N SER A 83  ? N SER A 82  
C 3 4 O GLY A 76  ? O GLY A 75  N ILE A 100 ? N ILE A 99  
D 1 2 O SER A 110 ? O SER A 109 N SER A 130 ? N SER A 129 
D 2 3 O VAL A 125 ? O VAL A 124 N GLY A 168 ? N GLY A 167 
E 1 2 O VAL A 119 ? O VAL A 118 N SER A 199 ? N SER A 198 
F 1 2 O ARG A 149 ? O ARG A 148 N LEU A 140 ? N LEU A 139 
F 2 3 O MET A 137 ? O MET A 136 N SER A 181 ? N SER A 180 
F 3 4 O GLY A 174 ? O GLY A 173 N VAL A 198 ? N VAL A 197 
# 
_pdbx_entry_details.entry_id                   1NKR 
_pdbx_entry_details.compound_details           ? 
_pdbx_entry_details.source_details             ? 
_pdbx_entry_details.nonpolymer_details         ? 
_pdbx_entry_details.sequence_details           ? 
_pdbx_entry_details.has_ligand_of_interest     ? 
_pdbx_entry_details.has_protein_modification   Y 
# 
loop_
_pdbx_validate_close_contact.id 
_pdbx_validate_close_contact.PDB_model_num 
_pdbx_validate_close_contact.auth_atom_id_1 
_pdbx_validate_close_contact.auth_asym_id_1 
_pdbx_validate_close_contact.auth_comp_id_1 
_pdbx_validate_close_contact.auth_seq_id_1 
_pdbx_validate_close_contact.PDB_ins_code_1 
_pdbx_validate_close_contact.label_alt_id_1 
_pdbx_validate_close_contact.auth_atom_id_2 
_pdbx_validate_close_contact.auth_asym_id_2 
_pdbx_validate_close_contact.auth_comp_id_2 
_pdbx_validate_close_contact.auth_seq_id_2 
_pdbx_validate_close_contact.PDB_ins_code_2 
_pdbx_validate_close_contact.label_alt_id_2 
_pdbx_validate_close_contact.dist 
1 1 O  A ALA 145 ? ? O A HOH 292 ? ? 2.01 
2 1 CE A LYS 7   ? ? O A HOH 364 ? ? 2.11 
3 1 O  A HOH 275 ? ? O A HOH 387 ? ? 2.14 
# 
_pdbx_validate_rmsd_angle.id                         1 
_pdbx_validate_rmsd_angle.PDB_model_num              1 
_pdbx_validate_rmsd_angle.auth_atom_id_1             CA 
_pdbx_validate_rmsd_angle.auth_asym_id_1             A 
_pdbx_validate_rmsd_angle.auth_comp_id_1             CYS 
_pdbx_validate_rmsd_angle.auth_seq_id_1              177 
_pdbx_validate_rmsd_angle.PDB_ins_code_1             ? 
_pdbx_validate_rmsd_angle.label_alt_id_1             ? 
_pdbx_validate_rmsd_angle.auth_atom_id_2             CB 
_pdbx_validate_rmsd_angle.auth_asym_id_2             A 
_pdbx_validate_rmsd_angle.auth_comp_id_2             CYS 
_pdbx_validate_rmsd_angle.auth_seq_id_2              177 
_pdbx_validate_rmsd_angle.PDB_ins_code_2             ? 
_pdbx_validate_rmsd_angle.label_alt_id_2             ? 
_pdbx_validate_rmsd_angle.auth_atom_id_3             SG 
_pdbx_validate_rmsd_angle.auth_asym_id_3             A 
_pdbx_validate_rmsd_angle.auth_comp_id_3             CYS 
_pdbx_validate_rmsd_angle.auth_seq_id_3              177 
_pdbx_validate_rmsd_angle.PDB_ins_code_3             ? 
_pdbx_validate_rmsd_angle.label_alt_id_3             ? 
_pdbx_validate_rmsd_angle.angle_value                124.31 
_pdbx_validate_rmsd_angle.angle_target_value         114.20 
_pdbx_validate_rmsd_angle.angle_deviation            10.11 
_pdbx_validate_rmsd_angle.angle_standard_deviation   1.10 
_pdbx_validate_rmsd_angle.linker_flag                N 
# 
loop_
_pdbx_validate_torsion.id 
_pdbx_validate_torsion.PDB_model_num 
_pdbx_validate_torsion.auth_comp_id 
_pdbx_validate_torsion.auth_asym_id 
_pdbx_validate_torsion.auth_seq_id 
_pdbx_validate_torsion.PDB_ins_code 
_pdbx_validate_torsion.label_alt_id 
_pdbx_validate_torsion.phi 
_pdbx_validate_torsion.psi 
1 1 ASP A 57  ? ? 42.24   73.78  
2 1 VAL A 156 ? ? -100.02 62.93  
3 1 ASN A 157 ? ? 50.14   84.12  
4 1 THR A 170 ? ? -127.55 -56.87 
# 
loop_
_pdbx_unobs_or_zero_occ_residues.id 
_pdbx_unobs_or_zero_occ_residues.PDB_model_num 
_pdbx_unobs_or_zero_occ_residues.polymer_flag 
_pdbx_unobs_or_zero_occ_residues.occupancy_flag 
_pdbx_unobs_or_zero_occ_residues.auth_asym_id 
_pdbx_unobs_or_zero_occ_residues.auth_comp_id 
_pdbx_unobs_or_zero_occ_residues.auth_seq_id 
_pdbx_unobs_or_zero_occ_residues.PDB_ins_code 
_pdbx_unobs_or_zero_occ_residues.label_asym_id 
_pdbx_unobs_or_zero_occ_residues.label_comp_id 
_pdbx_unobs_or_zero_occ_residues.label_seq_id 
1 1 Y 1 A MET 0 ? A MET 1 
2 1 Y 1 A HIS 1 ? A HIS 2 
3 1 Y 1 A GLU 2 ? A GLU 3 
4 1 Y 1 A GLY 3 ? A GLY 4 
5 1 Y 1 A VAL 4 ? A VAL 5 
6 1 Y 1 A HIS 5 ? A HIS 6 
# 
loop_
_chem_comp_atom.comp_id 
_chem_comp_atom.atom_id 
_chem_comp_atom.type_symbol 
_chem_comp_atom.pdbx_aromatic_flag 
_chem_comp_atom.pdbx_stereo_config 
_chem_comp_atom.pdbx_ordinal 
ALA N    N N N 1   
ALA CA   C N S 2   
ALA C    C N N 3   
ALA O    O N N 4   
ALA CB   C N N 5   
ALA OXT  O N N 6   
ALA H    H N N 7   
ALA H2   H N N 8   
ALA HA   H N N 9   
ALA HB1  H N N 10  
ALA HB2  H N N 11  
ALA HB3  H N N 12  
ALA HXT  H N N 13  
ARG N    N N N 14  
ARG CA   C N S 15  
ARG C    C N N 16  
ARG O    O N N 17  
ARG CB   C N N 18  
ARG CG   C N N 19  
ARG CD   C N N 20  
ARG NE   N N N 21  
ARG CZ   C N N 22  
ARG NH1  N N N 23  
ARG NH2  N N N 24  
ARG OXT  O N N 25  
ARG H    H N N 26  
ARG H2   H N N 27  
ARG HA   H N N 28  
ARG HB2  H N N 29  
ARG HB3  H N N 30  
ARG HG2  H N N 31  
ARG HG3  H N N 32  
ARG HD2  H N N 33  
ARG HD3  H N N 34  
ARG HE   H N N 35  
ARG HH11 H N N 36  
ARG HH12 H N N 37  
ARG HH21 H N N 38  
ARG HH22 H N N 39  
ARG HXT  H N N 40  
ASN N    N N N 41  
ASN CA   C N S 42  
ASN C    C N N 43  
ASN O    O N N 44  
ASN CB   C N N 45  
ASN CG   C N N 46  
ASN OD1  O N N 47  
ASN ND2  N N N 48  
ASN OXT  O N N 49  
ASN H    H N N 50  
ASN H2   H N N 51  
ASN HA   H N N 52  
ASN HB2  H N N 53  
ASN HB3  H N N 54  
ASN HD21 H N N 55  
ASN HD22 H N N 56  
ASN HXT  H N N 57  
ASP N    N N N 58  
ASP CA   C N S 59  
ASP C    C N N 60  
ASP O    O N N 61  
ASP CB   C N N 62  
ASP CG   C N N 63  
ASP OD1  O N N 64  
ASP OD2  O N N 65  
ASP OXT  O N N 66  
ASP H    H N N 67  
ASP H2   H N N 68  
ASP HA   H N N 69  
ASP HB2  H N N 70  
ASP HB3  H N N 71  
ASP HD2  H N N 72  
ASP HXT  H N N 73  
CYS N    N N N 74  
CYS CA   C N R 75  
CYS C    C N N 76  
CYS O    O N N 77  
CYS CB   C N N 78  
CYS SG   S N N 79  
CYS OXT  O N N 80  
CYS H    H N N 81  
CYS H2   H N N 82  
CYS HA   H N N 83  
CYS HB2  H N N 84  
CYS HB3  H N N 85  
CYS HG   H N N 86  
CYS HXT  H N N 87  
GLN N    N N N 88  
GLN CA   C N S 89  
GLN C    C N N 90  
GLN O    O N N 91  
GLN CB   C N N 92  
GLN CG   C N N 93  
GLN CD   C N N 94  
GLN OE1  O N N 95  
GLN NE2  N N N 96  
GLN OXT  O N N 97  
GLN H    H N N 98  
GLN H2   H N N 99  
GLN HA   H N N 100 
GLN HB2  H N N 101 
GLN HB3  H N N 102 
GLN HG2  H N N 103 
GLN HG3  H N N 104 
GLN HE21 H N N 105 
GLN HE22 H N N 106 
GLN HXT  H N N 107 
GLU N    N N N 108 
GLU CA   C N S 109 
GLU C    C N N 110 
GLU O    O N N 111 
GLU CB   C N N 112 
GLU CG   C N N 113 
GLU CD   C N N 114 
GLU OE1  O N N 115 
GLU OE2  O N N 116 
GLU OXT  O N N 117 
GLU H    H N N 118 
GLU H2   H N N 119 
GLU HA   H N N 120 
GLU HB2  H N N 121 
GLU HB3  H N N 122 
GLU HG2  H N N 123 
GLU HG3  H N N 124 
GLU HE2  H N N 125 
GLU HXT  H N N 126 
GLY N    N N N 127 
GLY CA   C N N 128 
GLY C    C N N 129 
GLY O    O N N 130 
GLY OXT  O N N 131 
GLY H    H N N 132 
GLY H2   H N N 133 
GLY HA2  H N N 134 
GLY HA3  H N N 135 
GLY HXT  H N N 136 
HIS N    N N N 137 
HIS CA   C N S 138 
HIS C    C N N 139 
HIS O    O N N 140 
HIS CB   C N N 141 
HIS CG   C Y N 142 
HIS ND1  N Y N 143 
HIS CD2  C Y N 144 
HIS CE1  C Y N 145 
HIS NE2  N Y N 146 
HIS OXT  O N N 147 
HIS H    H N N 148 
HIS H2   H N N 149 
HIS HA   H N N 150 
HIS HB2  H N N 151 
HIS HB3  H N N 152 
HIS HD1  H N N 153 
HIS HD2  H N N 154 
HIS HE1  H N N 155 
HIS HE2  H N N 156 
HIS HXT  H N N 157 
HOH O    O N N 158 
HOH H1   H N N 159 
HOH H2   H N N 160 
ILE N    N N N 161 
ILE CA   C N S 162 
ILE C    C N N 163 
ILE O    O N N 164 
ILE CB   C N S 165 
ILE CG1  C N N 166 
ILE CG2  C N N 167 
ILE CD1  C N N 168 
ILE OXT  O N N 169 
ILE H    H N N 170 
ILE H2   H N N 171 
ILE HA   H N N 172 
ILE HB   H N N 173 
ILE HG12 H N N 174 
ILE HG13 H N N 175 
ILE HG21 H N N 176 
ILE HG22 H N N 177 
ILE HG23 H N N 178 
ILE HD11 H N N 179 
ILE HD12 H N N 180 
ILE HD13 H N N 181 
ILE HXT  H N N 182 
LEU N    N N N 183 
LEU CA   C N S 184 
LEU C    C N N 185 
LEU O    O N N 186 
LEU CB   C N N 187 
LEU CG   C N N 188 
LEU CD1  C N N 189 
LEU CD2  C N N 190 
LEU OXT  O N N 191 
LEU H    H N N 192 
LEU H2   H N N 193 
LEU HA   H N N 194 
LEU HB2  H N N 195 
LEU HB3  H N N 196 
LEU HG   H N N 197 
LEU HD11 H N N 198 
LEU HD12 H N N 199 
LEU HD13 H N N 200 
LEU HD21 H N N 201 
LEU HD22 H N N 202 
LEU HD23 H N N 203 
LEU HXT  H N N 204 
LYS N    N N N 205 
LYS CA   C N S 206 
LYS C    C N N 207 
LYS O    O N N 208 
LYS CB   C N N 209 
LYS CG   C N N 210 
LYS CD   C N N 211 
LYS CE   C N N 212 
LYS NZ   N N N 213 
LYS OXT  O N N 214 
LYS H    H N N 215 
LYS H2   H N N 216 
LYS HA   H N N 217 
LYS HB2  H N N 218 
LYS HB3  H N N 219 
LYS HG2  H N N 220 
LYS HG3  H N N 221 
LYS HD2  H N N 222 
LYS HD3  H N N 223 
LYS HE2  H N N 224 
LYS HE3  H N N 225 
LYS HZ1  H N N 226 
LYS HZ2  H N N 227 
LYS HZ3  H N N 228 
LYS HXT  H N N 229 
MET N    N N N 230 
MET CA   C N S 231 
MET C    C N N 232 
MET O    O N N 233 
MET CB   C N N 234 
MET CG   C N N 235 
MET SD   S N N 236 
MET CE   C N N 237 
MET OXT  O N N 238 
MET H    H N N 239 
MET H2   H N N 240 
MET HA   H N N 241 
MET HB2  H N N 242 
MET HB3  H N N 243 
MET HG2  H N N 244 
MET HG3  H N N 245 
MET HE1  H N N 246 
MET HE2  H N N 247 
MET HE3  H N N 248 
MET HXT  H N N 249 
PHE N    N N N 250 
PHE CA   C N S 251 
PHE C    C N N 252 
PHE O    O N N 253 
PHE CB   C N N 254 
PHE CG   C Y N 255 
PHE CD1  C Y N 256 
PHE CD2  C Y N 257 
PHE CE1  C Y N 258 
PHE CE2  C Y N 259 
PHE CZ   C Y N 260 
PHE OXT  O N N 261 
PHE H    H N N 262 
PHE H2   H N N 263 
PHE HA   H N N 264 
PHE HB2  H N N 265 
PHE HB3  H N N 266 
PHE HD1  H N N 267 
PHE HD2  H N N 268 
PHE HE1  H N N 269 
PHE HE2  H N N 270 
PHE HZ   H N N 271 
PHE HXT  H N N 272 
PRO N    N N N 273 
PRO CA   C N S 274 
PRO C    C N N 275 
PRO O    O N N 276 
PRO CB   C N N 277 
PRO CG   C N N 278 
PRO CD   C N N 279 
PRO OXT  O N N 280 
PRO H    H N N 281 
PRO HA   H N N 282 
PRO HB2  H N N 283 
PRO HB3  H N N 284 
PRO HG2  H N N 285 
PRO HG3  H N N 286 
PRO HD2  H N N 287 
PRO HD3  H N N 288 
PRO HXT  H N N 289 
SER N    N N N 290 
SER CA   C N S 291 
SER C    C N N 292 
SER O    O N N 293 
SER CB   C N N 294 
SER OG   O N N 295 
SER OXT  O N N 296 
SER H    H N N 297 
SER H2   H N N 298 
SER HA   H N N 299 
SER HB2  H N N 300 
SER HB3  H N N 301 
SER HG   H N N 302 
SER HXT  H N N 303 
THR N    N N N 304 
THR CA   C N S 305 
THR C    C N N 306 
THR O    O N N 307 
THR CB   C N R 308 
THR OG1  O N N 309 
THR CG2  C N N 310 
THR OXT  O N N 311 
THR H    H N N 312 
THR H2   H N N 313 
THR HA   H N N 314 
THR HB   H N N 315 
THR HG1  H N N 316 
THR HG21 H N N 317 
THR HG22 H N N 318 
THR HG23 H N N 319 
THR HXT  H N N 320 
TRP N    N N N 321 
TRP CA   C N S 322 
TRP C    C N N 323 
TRP O    O N N 324 
TRP CB   C N N 325 
TRP CG   C Y N 326 
TRP CD1  C Y N 327 
TRP CD2  C Y N 328 
TRP NE1  N Y N 329 
TRP CE2  C Y N 330 
TRP CE3  C Y N 331 
TRP CZ2  C Y N 332 
TRP CZ3  C Y N 333 
TRP CH2  C Y N 334 
TRP OXT  O N N 335 
TRP H    H N N 336 
TRP H2   H N N 337 
TRP HA   H N N 338 
TRP HB2  H N N 339 
TRP HB3  H N N 340 
TRP HD1  H N N 341 
TRP HE1  H N N 342 
TRP HE3  H N N 343 
TRP HZ2  H N N 344 
TRP HZ3  H N N 345 
TRP HH2  H N N 346 
TRP HXT  H N N 347 
TYR N    N N N 348 
TYR CA   C N S 349 
TYR C    C N N 350 
TYR O    O N N 351 
TYR CB   C N N 352 
TYR CG   C Y N 353 
TYR CD1  C Y N 354 
TYR CD2  C Y N 355 
TYR CE1  C Y N 356 
TYR CE2  C Y N 357 
TYR CZ   C Y N 358 
TYR OH   O N N 359 
TYR OXT  O N N 360 
TYR H    H N N 361 
TYR H2   H N N 362 
TYR HA   H N N 363 
TYR HB2  H N N 364 
TYR HB3  H N N 365 
TYR HD1  H N N 366 
TYR HD2  H N N 367 
TYR HE1  H N N 368 
TYR HE2  H N N 369 
TYR HH   H N N 370 
TYR HXT  H N N 371 
VAL N    N N N 372 
VAL CA   C N S 373 
VAL C    C N N 374 
VAL O    O N N 375 
VAL CB   C N N 376 
VAL CG1  C N N 377 
VAL CG2  C N N 378 
VAL OXT  O N N 379 
VAL H    H N N 380 
VAL H2   H N N 381 
VAL HA   H N N 382 
VAL HB   H N N 383 
VAL HG11 H N N 384 
VAL HG12 H N N 385 
VAL HG13 H N N 386 
VAL HG21 H N N 387 
VAL HG22 H N N 388 
VAL HG23 H N N 389 
VAL HXT  H N N 390 
# 
loop_
_chem_comp_bond.comp_id 
_chem_comp_bond.atom_id_1 
_chem_comp_bond.atom_id_2 
_chem_comp_bond.value_order 
_chem_comp_bond.pdbx_aromatic_flag 
_chem_comp_bond.pdbx_stereo_config 
_chem_comp_bond.pdbx_ordinal 
ALA N   CA   sing N N 1   
ALA N   H    sing N N 2   
ALA N   H2   sing N N 3   
ALA CA  C    sing N N 4   
ALA CA  CB   sing N N 5   
ALA CA  HA   sing N N 6   
ALA C   O    doub N N 7   
ALA C   OXT  sing N N 8   
ALA CB  HB1  sing N N 9   
ALA CB  HB2  sing N N 10  
ALA CB  HB3  sing N N 11  
ALA OXT HXT  sing N N 12  
ARG N   CA   sing N N 13  
ARG N   H    sing N N 14  
ARG N   H2   sing N N 15  
ARG CA  C    sing N N 16  
ARG CA  CB   sing N N 17  
ARG CA  HA   sing N N 18  
ARG C   O    doub N N 19  
ARG C   OXT  sing N N 20  
ARG CB  CG   sing N N 21  
ARG CB  HB2  sing N N 22  
ARG CB  HB3  sing N N 23  
ARG CG  CD   sing N N 24  
ARG CG  HG2  sing N N 25  
ARG CG  HG3  sing N N 26  
ARG CD  NE   sing N N 27  
ARG CD  HD2  sing N N 28  
ARG CD  HD3  sing N N 29  
ARG NE  CZ   sing N N 30  
ARG NE  HE   sing N N 31  
ARG CZ  NH1  sing N N 32  
ARG CZ  NH2  doub N N 33  
ARG NH1 HH11 sing N N 34  
ARG NH1 HH12 sing N N 35  
ARG NH2 HH21 sing N N 36  
ARG NH2 HH22 sing N N 37  
ARG OXT HXT  sing N N 38  
ASN N   CA   sing N N 39  
ASN N   H    sing N N 40  
ASN N   H2   sing N N 41  
ASN CA  C    sing N N 42  
ASN CA  CB   sing N N 43  
ASN CA  HA   sing N N 44  
ASN C   O    doub N N 45  
ASN C   OXT  sing N N 46  
ASN CB  CG   sing N N 47  
ASN CB  HB2  sing N N 48  
ASN CB  HB3  sing N N 49  
ASN CG  OD1  doub N N 50  
ASN CG  ND2  sing N N 51  
ASN ND2 HD21 sing N N 52  
ASN ND2 HD22 sing N N 53  
ASN OXT HXT  sing N N 54  
ASP N   CA   sing N N 55  
ASP N   H    sing N N 56  
ASP N   H2   sing N N 57  
ASP CA  C    sing N N 58  
ASP CA  CB   sing N N 59  
ASP CA  HA   sing N N 60  
ASP C   O    doub N N 61  
ASP C   OXT  sing N N 62  
ASP CB  CG   sing N N 63  
ASP CB  HB2  sing N N 64  
ASP CB  HB3  sing N N 65  
ASP CG  OD1  doub N N 66  
ASP CG  OD2  sing N N 67  
ASP OD2 HD2  sing N N 68  
ASP OXT HXT  sing N N 69  
CYS N   CA   sing N N 70  
CYS N   H    sing N N 71  
CYS N   H2   sing N N 72  
CYS CA  C    sing N N 73  
CYS CA  CB   sing N N 74  
CYS CA  HA   sing N N 75  
CYS C   O    doub N N 76  
CYS C   OXT  sing N N 77  
CYS CB  SG   sing N N 78  
CYS CB  HB2  sing N N 79  
CYS CB  HB3  sing N N 80  
CYS SG  HG   sing N N 81  
CYS OXT HXT  sing N N 82  
GLN N   CA   sing N N 83  
GLN N   H    sing N N 84  
GLN N   H2   sing N N 85  
GLN CA  C    sing N N 86  
GLN CA  CB   sing N N 87  
GLN CA  HA   sing N N 88  
GLN C   O    doub N N 89  
GLN C   OXT  sing N N 90  
GLN CB  CG   sing N N 91  
GLN CB  HB2  sing N N 92  
GLN CB  HB3  sing N N 93  
GLN CG  CD   sing N N 94  
GLN CG  HG2  sing N N 95  
GLN CG  HG3  sing N N 96  
GLN CD  OE1  doub N N 97  
GLN CD  NE2  sing N N 98  
GLN NE2 HE21 sing N N 99  
GLN NE2 HE22 sing N N 100 
GLN OXT HXT  sing N N 101 
GLU N   CA   sing N N 102 
GLU N   H    sing N N 103 
GLU N   H2   sing N N 104 
GLU CA  C    sing N N 105 
GLU CA  CB   sing N N 106 
GLU CA  HA   sing N N 107 
GLU C   O    doub N N 108 
GLU C   OXT  sing N N 109 
GLU CB  CG   sing N N 110 
GLU CB  HB2  sing N N 111 
GLU CB  HB3  sing N N 112 
GLU CG  CD   sing N N 113 
GLU CG  HG2  sing N N 114 
GLU CG  HG3  sing N N 115 
GLU CD  OE1  doub N N 116 
GLU CD  OE2  sing N N 117 
GLU OE2 HE2  sing N N 118 
GLU OXT HXT  sing N N 119 
GLY N   CA   sing N N 120 
GLY N   H    sing N N 121 
GLY N   H2   sing N N 122 
GLY CA  C    sing N N 123 
GLY CA  HA2  sing N N 124 
GLY CA  HA3  sing N N 125 
GLY C   O    doub N N 126 
GLY C   OXT  sing N N 127 
GLY OXT HXT  sing N N 128 
HIS N   CA   sing N N 129 
HIS N   H    sing N N 130 
HIS N   H2   sing N N 131 
HIS CA  C    sing N N 132 
HIS CA  CB   sing N N 133 
HIS CA  HA   sing N N 134 
HIS C   O    doub N N 135 
HIS C   OXT  sing N N 136 
HIS CB  CG   sing N N 137 
HIS CB  HB2  sing N N 138 
HIS CB  HB3  sing N N 139 
HIS CG  ND1  sing Y N 140 
HIS CG  CD2  doub Y N 141 
HIS ND1 CE1  doub Y N 142 
HIS ND1 HD1  sing N N 143 
HIS CD2 NE2  sing Y N 144 
HIS CD2 HD2  sing N N 145 
HIS CE1 NE2  sing Y N 146 
HIS CE1 HE1  sing N N 147 
HIS NE2 HE2  sing N N 148 
HIS OXT HXT  sing N N 149 
HOH O   H1   sing N N 150 
HOH O   H2   sing N N 151 
ILE N   CA   sing N N 152 
ILE N   H    sing N N 153 
ILE N   H2   sing N N 154 
ILE CA  C    sing N N 155 
ILE CA  CB   sing N N 156 
ILE CA  HA   sing N N 157 
ILE C   O    doub N N 158 
ILE C   OXT  sing N N 159 
ILE CB  CG1  sing N N 160 
ILE CB  CG2  sing N N 161 
ILE CB  HB   sing N N 162 
ILE CG1 CD1  sing N N 163 
ILE CG1 HG12 sing N N 164 
ILE CG1 HG13 sing N N 165 
ILE CG2 HG21 sing N N 166 
ILE CG2 HG22 sing N N 167 
ILE CG2 HG23 sing N N 168 
ILE CD1 HD11 sing N N 169 
ILE CD1 HD12 sing N N 170 
ILE CD1 HD13 sing N N 171 
ILE OXT HXT  sing N N 172 
LEU N   CA   sing N N 173 
LEU N   H    sing N N 174 
LEU N   H2   sing N N 175 
LEU CA  C    sing N N 176 
LEU CA  CB   sing N N 177 
LEU CA  HA   sing N N 178 
LEU C   O    doub N N 179 
LEU C   OXT  sing N N 180 
LEU CB  CG   sing N N 181 
LEU CB  HB2  sing N N 182 
LEU CB  HB3  sing N N 183 
LEU CG  CD1  sing N N 184 
LEU CG  CD2  sing N N 185 
LEU CG  HG   sing N N 186 
LEU CD1 HD11 sing N N 187 
LEU CD1 HD12 sing N N 188 
LEU CD1 HD13 sing N N 189 
LEU CD2 HD21 sing N N 190 
LEU CD2 HD22 sing N N 191 
LEU CD2 HD23 sing N N 192 
LEU OXT HXT  sing N N 193 
LYS N   CA   sing N N 194 
LYS N   H    sing N N 195 
LYS N   H2   sing N N 196 
LYS CA  C    sing N N 197 
LYS CA  CB   sing N N 198 
LYS CA  HA   sing N N 199 
LYS C   O    doub N N 200 
LYS C   OXT  sing N N 201 
LYS CB  CG   sing N N 202 
LYS CB  HB2  sing N N 203 
LYS CB  HB3  sing N N 204 
LYS CG  CD   sing N N 205 
LYS CG  HG2  sing N N 206 
LYS CG  HG3  sing N N 207 
LYS CD  CE   sing N N 208 
LYS CD  HD2  sing N N 209 
LYS CD  HD3  sing N N 210 
LYS CE  NZ   sing N N 211 
LYS CE  HE2  sing N N 212 
LYS CE  HE3  sing N N 213 
LYS NZ  HZ1  sing N N 214 
LYS NZ  HZ2  sing N N 215 
LYS NZ  HZ3  sing N N 216 
LYS OXT HXT  sing N N 217 
MET N   CA   sing N N 218 
MET N   H    sing N N 219 
MET N   H2   sing N N 220 
MET CA  C    sing N N 221 
MET CA  CB   sing N N 222 
MET CA  HA   sing N N 223 
MET C   O    doub N N 224 
MET C   OXT  sing N N 225 
MET CB  CG   sing N N 226 
MET CB  HB2  sing N N 227 
MET CB  HB3  sing N N 228 
MET CG  SD   sing N N 229 
MET CG  HG2  sing N N 230 
MET CG  HG3  sing N N 231 
MET SD  CE   sing N N 232 
MET CE  HE1  sing N N 233 
MET CE  HE2  sing N N 234 
MET CE  HE3  sing N N 235 
MET OXT HXT  sing N N 236 
PHE N   CA   sing N N 237 
PHE N   H    sing N N 238 
PHE N   H2   sing N N 239 
PHE CA  C    sing N N 240 
PHE CA  CB   sing N N 241 
PHE CA  HA   sing N N 242 
PHE C   O    doub N N 243 
PHE C   OXT  sing N N 244 
PHE CB  CG   sing N N 245 
PHE CB  HB2  sing N N 246 
PHE CB  HB3  sing N N 247 
PHE CG  CD1  doub Y N 248 
PHE CG  CD2  sing Y N 249 
PHE CD1 CE1  sing Y N 250 
PHE CD1 HD1  sing N N 251 
PHE CD2 CE2  doub Y N 252 
PHE CD2 HD2  sing N N 253 
PHE CE1 CZ   doub Y N 254 
PHE CE1 HE1  sing N N 255 
PHE CE2 CZ   sing Y N 256 
PHE CE2 HE2  sing N N 257 
PHE CZ  HZ   sing N N 258 
PHE OXT HXT  sing N N 259 
PRO N   CA   sing N N 260 
PRO N   CD   sing N N 261 
PRO N   H    sing N N 262 
PRO CA  C    sing N N 263 
PRO CA  CB   sing N N 264 
PRO CA  HA   sing N N 265 
PRO C   O    doub N N 266 
PRO C   OXT  sing N N 267 
PRO CB  CG   sing N N 268 
PRO CB  HB2  sing N N 269 
PRO CB  HB3  sing N N 270 
PRO CG  CD   sing N N 271 
PRO CG  HG2  sing N N 272 
PRO CG  HG3  sing N N 273 
PRO CD  HD2  sing N N 274 
PRO CD  HD3  sing N N 275 
PRO OXT HXT  sing N N 276 
SER N   CA   sing N N 277 
SER N   H    sing N N 278 
SER N   H2   sing N N 279 
SER CA  C    sing N N 280 
SER CA  CB   sing N N 281 
SER CA  HA   sing N N 282 
SER C   O    doub N N 283 
SER C   OXT  sing N N 284 
SER CB  OG   sing N N 285 
SER CB  HB2  sing N N 286 
SER CB  HB3  sing N N 287 
SER OG  HG   sing N N 288 
SER OXT HXT  sing N N 289 
THR N   CA   sing N N 290 
THR N   H    sing N N 291 
THR N   H2   sing N N 292 
THR CA  C    sing N N 293 
THR CA  CB   sing N N 294 
THR CA  HA   sing N N 295 
THR C   O    doub N N 296 
THR C   OXT  sing N N 297 
THR CB  OG1  sing N N 298 
THR CB  CG2  sing N N 299 
THR CB  HB   sing N N 300 
THR OG1 HG1  sing N N 301 
THR CG2 HG21 sing N N 302 
THR CG2 HG22 sing N N 303 
THR CG2 HG23 sing N N 304 
THR OXT HXT  sing N N 305 
TRP N   CA   sing N N 306 
TRP N   H    sing N N 307 
TRP N   H2   sing N N 308 
TRP CA  C    sing N N 309 
TRP CA  CB   sing N N 310 
TRP CA  HA   sing N N 311 
TRP C   O    doub N N 312 
TRP C   OXT  sing N N 313 
TRP CB  CG   sing N N 314 
TRP CB  HB2  sing N N 315 
TRP CB  HB3  sing N N 316 
TRP CG  CD1  doub Y N 317 
TRP CG  CD2  sing Y N 318 
TRP CD1 NE1  sing Y N 319 
TRP CD1 HD1  sing N N 320 
TRP CD2 CE2  doub Y N 321 
TRP CD2 CE3  sing Y N 322 
TRP NE1 CE2  sing Y N 323 
TRP NE1 HE1  sing N N 324 
TRP CE2 CZ2  sing Y N 325 
TRP CE3 CZ3  doub Y N 326 
TRP CE3 HE3  sing N N 327 
TRP CZ2 CH2  doub Y N 328 
TRP CZ2 HZ2  sing N N 329 
TRP CZ3 CH2  sing Y N 330 
TRP CZ3 HZ3  sing N N 331 
TRP CH2 HH2  sing N N 332 
TRP OXT HXT  sing N N 333 
TYR N   CA   sing N N 334 
TYR N   H    sing N N 335 
TYR N   H2   sing N N 336 
TYR CA  C    sing N N 337 
TYR CA  CB   sing N N 338 
TYR CA  HA   sing N N 339 
TYR C   O    doub N N 340 
TYR C   OXT  sing N N 341 
TYR CB  CG   sing N N 342 
TYR CB  HB2  sing N N 343 
TYR CB  HB3  sing N N 344 
TYR CG  CD1  doub Y N 345 
TYR CG  CD2  sing Y N 346 
TYR CD1 CE1  sing Y N 347 
TYR CD1 HD1  sing N N 348 
TYR CD2 CE2  doub Y N 349 
TYR CD2 HD2  sing N N 350 
TYR CE1 CZ   doub Y N 351 
TYR CE1 HE1  sing N N 352 
TYR CE2 CZ   sing Y N 353 
TYR CE2 HE2  sing N N 354 
TYR CZ  OH   sing N N 355 
TYR OH  HH   sing N N 356 
TYR OXT HXT  sing N N 357 
VAL N   CA   sing N N 358 
VAL N   H    sing N N 359 
VAL N   H2   sing N N 360 
VAL CA  C    sing N N 361 
VAL CA  CB   sing N N 362 
VAL CA  HA   sing N N 363 
VAL C   O    doub N N 364 
VAL C   OXT  sing N N 365 
VAL CB  CG1  sing N N 366 
VAL CB  CG2  sing N N 367 
VAL CB  HB   sing N N 368 
VAL CG1 HG11 sing N N 369 
VAL CG1 HG12 sing N N 370 
VAL CG1 HG13 sing N N 371 
VAL CG2 HG21 sing N N 372 
VAL CG2 HG22 sing N N 373 
VAL CG2 HG23 sing N N 374 
VAL OXT HXT  sing N N 375 
# 
_atom_sites.entry_id                    1NKR 
_atom_sites.fract_transf_matrix[1][1]   0.00306880 
_atom_sites.fract_transf_matrix[1][2]   -0.01143079 
_atom_sites.fract_transf_matrix[1][3]   -0.00402720 
_atom_sites.fract_transf_matrix[2][1]   0.01199199 
_atom_sites.fract_transf_matrix[2][2]   -0.00352463 
_atom_sites.fract_transf_matrix[2][3]   -0.00026312 
_atom_sites.fract_transf_matrix[3][1]   -0.00176703 
_atom_sites.fract_transf_matrix[3][2]   -0.00750087 
_atom_sites.fract_transf_matrix[3][3]   0.01994396 
_atom_sites.fract_transf_vector[1]      0.467984 
_atom_sites.fract_transf_vector[2]      0.900742 
_atom_sites.fract_transf_vector[3]      -0.107746 
# 
loop_
_atom_type.symbol 
C 
N 
O 
S 
# 
loop_
_atom_site.group_PDB 
_atom_site.id 
_atom_site.type_symbol 
_atom_site.label_atom_id 
_atom_site.label_alt_id 
_atom_site.label_comp_id 
_atom_site.label_asym_id 
_atom_site.label_entity_id 
_atom_site.label_seq_id 
_atom_site.pdbx_PDB_ins_code 
_atom_site.Cartn_x 
_atom_site.Cartn_y 
_atom_site.Cartn_z 
_atom_site.occupancy 
_atom_site.B_iso_or_equiv 
_atom_site.pdbx_formal_charge 
_atom_site.auth_seq_id 
_atom_site.auth_comp_id 
_atom_site.auth_asym_id 
_atom_site.auth_atom_id 
_atom_site.pdbx_PDB_model_num 
ATOM   1    N N   . ARG A 1 7   ? 15.081  12.150  13.969  1.00 31.82 ? 6   ARG A N   1 
ATOM   2    C CA  . ARG A 1 7   ? 13.781  11.428  14.064  1.00 31.95 ? 6   ARG A CA  1 
ATOM   3    C C   . ARG A 1 7   ? 13.002  11.428  12.735  1.00 31.44 ? 6   ARG A C   1 
ATOM   4    O O   . ARG A 1 7   ? 12.944  12.444  12.042  1.00 31.03 ? 6   ARG A O   1 
ATOM   5    C CB  . ARG A 1 7   ? 12.891  12.023  15.177  1.00 33.40 ? 6   ARG A CB  1 
ATOM   6    C CG  . ARG A 1 7   ? 11.463  12.366  14.618  1.00 40.40 ? 6   ARG A CG  1 
ATOM   7    C CD  . ARG A 1 7   ? 10.474  12.829  15.698  1.00 43.32 ? 6   ARG A CD  1 
ATOM   8    N NE  . ARG A 1 7   ? 11.087  13.414  16.893  1.00 46.53 ? 6   ARG A NE  1 
ATOM   9    C CZ  . ARG A 1 7   ? 10.505  14.350  17.646  1.00 47.86 ? 6   ARG A CZ  1 
ATOM   10   N NH1 . ARG A 1 7   ? 9.301   14.805  17.326  1.00 47.07 ? 6   ARG A NH1 1 
ATOM   11   N NH2 . ARG A 1 7   ? 11.115  14.820  18.730  1.00 47.72 ? 6   ARG A NH2 1 
ATOM   12   N N   . LYS A 1 8   ? 12.369  10.305  12.423  1.00 29.60 ? 7   LYS A N   1 
ATOM   13   C CA  . LYS A 1 8   ? 11.611  10.131  11.188  1.00 28.76 ? 7   LYS A CA  1 
ATOM   14   C C   . LYS A 1 8   ? 10.261  10.835  11.037  1.00 27.10 ? 7   LYS A C   1 
ATOM   15   O O   . LYS A 1 8   ? 9.438   10.845  11.950  1.00 30.36 ? 7   LYS A O   1 
ATOM   16   C CB  . LYS A 1 8   ? 11.393  8.639   10.946  1.00 29.80 ? 7   LYS A CB  1 
ATOM   17   C CG  . LYS A 1 8   ? 10.743  7.941   12.128  1.00 28.91 ? 7   LYS A CG  1 
ATOM   18   C CD  . LYS A 1 8   ? 10.527  6.482   11.829  1.00 27.84 ? 7   LYS A CD  1 
ATOM   19   C CE  . LYS A 1 8   ? 9.199   6.082   12.333  1.00 28.87 ? 7   LYS A CE  1 
ATOM   20   N NZ  . LYS A 1 8   ? 8.878   4.630   12.525  1.00 34.15 ? 7   LYS A NZ  1 
ATOM   21   N N   . PRO A 1 9   ? 10.014  11.456  9.856   1.00 23.82 ? 8   PRO A N   1 
ATOM   22   C CA  . PRO A 1 9   ? 8.735   12.129  9.575   1.00 20.94 ? 8   PRO A CA  1 
ATOM   23   C C   . PRO A 1 9   ? 7.633   11.097  9.231   1.00 19.38 ? 8   PRO A C   1 
ATOM   24   O O   . PRO A 1 9   ? 7.900   9.888   9.269   1.00 19.23 ? 8   PRO A O   1 
ATOM   25   C CB  . PRO A 1 9   ? 9.047   13.029  8.368   1.00 19.84 ? 8   PRO A CB  1 
ATOM   26   C CG  . PRO A 1 9   ? 10.315  12.503  7.778   1.00 21.51 ? 8   PRO A CG  1 
ATOM   27   C CD  . PRO A 1 9   ? 11.018  11.641  8.784   1.00 23.08 ? 8   PRO A CD  1 
ATOM   28   N N   . SER A 1 10  ? 6.423   11.559  8.921   1.00 17.67 ? 9   SER A N   1 
ATOM   29   C CA  . SER A 1 10  ? 5.342   10.680  8.506   1.00 17.30 ? 9   SER A CA  1 
ATOM   30   C C   . SER A 1 10  ? 5.154   10.869  7.000   1.00 18.49 ? 9   SER A C   1 
ATOM   31   O O   . SER A 1 10  ? 5.441   11.946  6.474   1.00 18.75 ? 9   SER A O   1 
ATOM   32   C CB  . SER A 1 10  ? 3.999   11.031  9.139   1.00 18.25 ? 9   SER A CB  1 
ATOM   33   O OG  . SER A 1 10  ? 3.922   10.574  10.479  1.00 30.03 ? 9   SER A OG  1 
ATOM   34   N N   . LEU A 1 11  ? 4.642   9.839   6.338   1.00 15.85 ? 10  LEU A N   1 
ATOM   35   C CA  . LEU A 1 11  ? 4.405   9.870   4.908   1.00 13.93 ? 10  LEU A CA  1 
ATOM   36   C C   . LEU A 1 11  ? 3.063   9.250   4.606   1.00 12.89 ? 10  LEU A C   1 
ATOM   37   O O   . LEU A 1 11  ? 2.820   8.073   4.903   1.00 14.01 ? 10  LEU A O   1 
ATOM   38   C CB  . LEU A 1 11  ? 5.495   9.073   4.188   1.00 14.57 ? 10  LEU A CB  1 
ATOM   39   C CG  . LEU A 1 11  ? 5.311   8.998   2.659   1.00 12.63 ? 10  LEU A CG  1 
ATOM   40   C CD1 . LEU A 1 11  ? 5.413   10.386  2.044   1.00 16.15 ? 10  LEU A CD1 1 
ATOM   41   C CD2 . LEU A 1 11  ? 6.354   8.087   2.094   1.00 14.01 ? 10  LEU A CD2 1 
ATOM   42   N N   . LEU A 1 12  ? 2.194   10.036  3.985   1.00 11.54 ? 11  LEU A N   1 
ATOM   43   C CA  . LEU A 1 12  ? 0.876   9.568   3.653   1.00 13.20 ? 11  LEU A CA  1 
ATOM   44   C C   . LEU A 1 12  ? 0.471   9.991   2.245   1.00 13.71 ? 11  LEU A C   1 
ATOM   45   O O   . LEU A 1 12  ? 0.964   11.002  1.733   1.00 14.36 ? 11  LEU A O   1 
ATOM   46   C CB  . LEU A 1 12  ? -0.138  10.117  4.662   1.00 20.49 ? 11  LEU A CB  1 
ATOM   47   C CG  . LEU A 1 12  ? -0.074  11.595  5.042   1.00 25.61 ? 11  LEU A CG  1 
ATOM   48   C CD1 . LEU A 1 12  ? -1.290  11.871  5.876   1.00 27.36 ? 11  LEU A CD1 1 
ATOM   49   C CD2 . LEU A 1 12  ? 1.213   11.967  5.810   1.00 25.95 ? 11  LEU A CD2 1 
ATOM   50   N N   . ALA A 1 13  ? -0.422  9.212   1.642   1.00 13.52 ? 12  ALA A N   1 
ATOM   51   C CA  . ALA A 1 13  ? -0.916  9.489   0.297   1.00 14.67 ? 12  ALA A CA  1 
ATOM   52   C C   . ALA A 1 13  ? -2.357  9.949   0.414   1.00 17.03 ? 12  ALA A C   1 
ATOM   53   O O   . ALA A 1 13  ? -3.127  9.380   1.184   1.00 15.03 ? 12  ALA A O   1 
ATOM   54   C CB  . ALA A 1 13  ? -0.831  8.243   -0.553  1.00 12.28 ? 12  ALA A CB  1 
ATOM   55   N N   . HIS A 1 14  ? -2.701  10.979  -0.350  1.00 17.73 ? 13  HIS A N   1 
ATOM   56   C CA  . HIS A 1 14  ? -4.044  11.548  -0.373  1.00 17.04 ? 13  HIS A CA  1 
ATOM   57   C C   . HIS A 1 14  ? -4.630  11.369  -1.782  1.00 14.59 ? 13  HIS A C   1 
ATOM   58   O O   . HIS A 1 14  ? -4.022  11.839  -2.735  1.00 15.47 ? 13  HIS A O   1 
ATOM   59   C CB  . HIS A 1 14  ? -3.950  13.040  -0.023  1.00 13.16 ? 13  HIS A CB  1 
ATOM   60   C CG  . HIS A 1 14  ? -3.371  13.323  1.330   1.00 20.09 ? 13  HIS A CG  1 
ATOM   61   N ND1 . HIS A 1 14  ? -2.021  13.527  1.535   1.00 22.58 ? 13  HIS A ND1 1 
ATOM   62   C CD2 . HIS A 1 14  ? -3.954  13.428  2.543   1.00 24.98 ? 13  HIS A CD2 1 
ATOM   63   C CE1 . HIS A 1 14  ? -1.802  13.752  2.818   1.00 20.37 ? 13  HIS A CE1 1 
ATOM   64   N NE2 . HIS A 1 14  ? -2.963  13.696  3.456   1.00 25.04 ? 13  HIS A NE2 1 
ATOM   65   N N   . PRO A 1 15  ? -5.790  10.729  -1.911  1.00 15.52 ? 14  PRO A N   1 
ATOM   66   C CA  . PRO A 1 15  ? -6.630  10.141  -0.861  1.00 17.56 ? 14  PRO A CA  1 
ATOM   67   C C   . PRO A 1 15  ? -6.144  8.816   -0.318  1.00 19.57 ? 14  PRO A C   1 
ATOM   68   O O   . PRO A 1 15  ? -6.640  8.323   0.703   1.00 20.13 ? 14  PRO A O   1 
ATOM   69   C CB  . PRO A 1 15  ? -7.985  9.954   -1.511  1.00 20.30 ? 14  PRO A CB  1 
ATOM   70   C CG  . PRO A 1 15  ? -7.627  9.636   -2.926  1.00 20.45 ? 14  PRO A CG  1 
ATOM   71   C CD  . PRO A 1 15  ? -6.400  10.499  -3.230  1.00 15.09 ? 14  PRO A CD  1 
ATOM   72   N N   . GLY A 1 16  ? -5.202  8.198   -1.013  1.00 17.31 ? 15  GLY A N   1 
ATOM   73   C CA  . GLY A 1 16  ? -4.707  6.911   -0.560  1.00 18.22 ? 15  GLY A CA  1 
ATOM   74   C C   . GLY A 1 16  ? -3.594  6.439   -1.477  1.00 16.43 ? 15  GLY A C   1 
ATOM   75   O O   . GLY A 1 16  ? -3.421  6.983   -2.573  1.00 15.84 ? 15  GLY A O   1 
ATOM   76   N N   . PRO A 1 17  ? -2.847  5.410   -1.061  1.00 15.18 ? 16  PRO A N   1 
ATOM   77   C CA  . PRO A 1 17  ? -1.738  4.885   -1.867  1.00 13.04 ? 16  PRO A CA  1 
ATOM   78   C C   . PRO A 1 17  ? -2.081  3.994   -3.063  1.00 12.87 ? 16  PRO A C   1 
ATOM   79   O O   . PRO A 1 17  ? -1.211  3.716   -3.881  1.00 13.60 ? 16  PRO A O   1 
ATOM   80   C CB  . PRO A 1 17  ? -0.888  4.134   -0.844  1.00 12.55 ? 16  PRO A CB  1 
ATOM   81   C CG  . PRO A 1 17  ? -1.925  3.595   0.114   1.00 15.04 ? 16  PRO A CG  1 
ATOM   82   C CD  . PRO A 1 17  ? -2.984  4.686   0.226   1.00 12.81 ? 16  PRO A CD  1 
ATOM   83   N N   . LEU A 1 18  ? -3.310  3.503   -3.136  1.00 11.96 ? 17  LEU A N   1 
ATOM   84   C CA  . LEU A 1 18  ? -3.713  2.626   -4.217  1.00 12.06 ? 17  LEU A CA  1 
ATOM   85   C C   . LEU A 1 18  ? -4.436  3.541   -5.218  1.00 14.92 ? 17  LEU A C   1 
ATOM   86   O O   . LEU A 1 18  ? -5.577  3.982   -5.004  1.00 16.51 ? 17  LEU A O   1 
ATOM   87   C CB  . LEU A 1 18  ? -4.608  1.509   -3.652  1.00 11.08 ? 17  LEU A CB  1 
ATOM   88   C CG  . LEU A 1 18  ? -4.040  0.712   -2.464  1.00 12.89 ? 17  LEU A CG  1 
ATOM   89   C CD1 . LEU A 1 18  ? -4.984  -0.429  -2.108  1.00 13.06 ? 17  LEU A CD1 1 
ATOM   90   C CD2 . LEU A 1 18  ? -2.655  0.137   -2.794  1.00 13.77 ? 17  LEU A CD2 1 
ATOM   91   N N   . VAL A 1 19  ? -3.734  3.830   -6.310  1.00 13.34 ? 18  VAL A N   1 
ATOM   92   C CA  . VAL A 1 19  ? -4.197  4.788   -7.321  1.00 17.89 ? 18  VAL A CA  1 
ATOM   93   C C   . VAL A 1 19  ? -4.606  4.204   -8.661  1.00 16.44 ? 18  VAL A C   1 
ATOM   94   O O   . VAL A 1 19  ? -3.911  3.354   -9.187  1.00 15.63 ? 18  VAL A O   1 
ATOM   95   C CB  . VAL A 1 19  ? -3.069  5.837   -7.540  1.00 14.66 ? 18  VAL A CB  1 
ATOM   96   C CG1 . VAL A 1 19  ? -3.603  7.104   -8.196  1.00 14.47 ? 18  VAL A CG1 1 
ATOM   97   C CG2 . VAL A 1 19  ? -2.410  6.168   -6.185  1.00 18.16 ? 18  VAL A CG2 1 
ATOM   98   N N   . LYS A 1 20  ? -5.717  4.673   -9.229  1.00 20.71 ? 19  LYS A N   1 
ATOM   99   C CA  . LYS A 1 20  ? -6.117  4.171   -10.539 1.00 20.58 ? 19  LYS A CA  1 
ATOM   100  C C   . LYS A 1 20  ? -5.235  4.831   -11.601 1.00 18.84 ? 19  LYS A C   1 
ATOM   101  O O   . LYS A 1 20  ? -4.769  5.961   -11.436 1.00 18.33 ? 19  LYS A O   1 
ATOM   102  C CB  . LYS A 1 20  ? -7.584  4.475   -10.822 1.00 23.49 ? 19  LYS A CB  1 
ATOM   103  C CG  . LYS A 1 20  ? -8.487  3.264   -10.669 1.00 30.56 ? 19  LYS A CG  1 
ATOM   104  C CD  . LYS A 1 20  ? -9.862  3.688   -10.135 1.00 38.38 ? 19  LYS A CD  1 
ATOM   105  C CE  . LYS A 1 20  ? -10.483 2.607   -9.281  1.00 43.00 ? 19  LYS A CE  1 
ATOM   106  N NZ  . LYS A 1 20  ? -11.788 2.926   -8.675  1.00 48.48 ? 19  LYS A NZ  1 
ATOM   107  N N   . SER A 1 21  ? -4.994  4.105   -12.684 1.00 20.28 ? 20  SER A N   1 
ATOM   108  C CA  . SER A 1 21  ? -4.172  4.596   -13.781 1.00 20.02 ? 20  SER A CA  1 
ATOM   109  C C   . SER A 1 21  ? -4.623  5.994   -14.252 1.00 19.41 ? 20  SER A C   1 
ATOM   110  O O   . SER A 1 21  ? -5.806  6.233   -14.497 1.00 21.49 ? 20  SER A O   1 
ATOM   111  C CB  . SER A 1 21  ? -4.244  3.588   -14.932 1.00 20.47 ? 20  SER A CB  1 
ATOM   112  O OG  . SER A 1 21  ? -3.571  4.065   -16.084 1.00 26.94 ? 20  SER A OG  1 
ATOM   113  N N   . GLU A 1 22  ? -3.663  6.903   -14.373 1.00 20.45 ? 21  GLU A N   1 
ATOM   114  C CA  . GLU A 1 22  ? -3.891  8.285   -14.801 1.00 21.75 ? 21  GLU A CA  1 
ATOM   115  C C   . GLU A 1 22  ? -4.680  9.176   -13.843 1.00 19.68 ? 21  GLU A C   1 
ATOM   116  O O   . GLU A 1 22  ? -4.980  10.316  -14.199 1.00 21.26 ? 21  GLU A O   1 
ATOM   117  C CB  . GLU A 1 22  ? -4.552  8.357   -16.189 1.00 27.07 ? 21  GLU A CB  1 
ATOM   118  C CG  . GLU A 1 22  ? -3.928  7.437   -17.212 1.00 34.56 ? 21  GLU A CG  1 
ATOM   119  C CD  . GLU A 1 22  ? -3.621  8.068   -18.596 1.00 41.56 ? 21  GLU A CD  1 
ATOM   120  O OE1 . GLU A 1 22  ? -3.298  9.283   -18.733 1.00 46.05 ? 21  GLU A OE1 1 
ATOM   121  O OE2 . GLU A 1 22  ? -3.699  7.296   -19.584 1.00 43.98 ? 21  GLU A OE2 1 
ATOM   122  N N   . GLU A 1 23  ? -5.013  8.695   -12.644 1.00 17.29 ? 22  GLU A N   1 
ATOM   123  C CA  . GLU A 1 23  ? -5.728  9.540   -11.695 1.00 16.90 ? 22  GLU A CA  1 
ATOM   124  C C   . GLU A 1 23  ? -4.686  10.222  -10.827 1.00 16.45 ? 22  GLU A C   1 
ATOM   125  O O   . GLU A 1 23  ? -3.485  9.950   -10.922 1.00 17.79 ? 22  GLU A O   1 
ATOM   126  C CB  . GLU A 1 23  ? -6.692  8.729   -10.831 1.00 17.94 ? 22  GLU A CB  1 
ATOM   127  C CG  . GLU A 1 23  ? -7.712  7.932   -11.648 1.00 24.76 ? 22  GLU A CG  1 
ATOM   128  C CD  . GLU A 1 23  ? -9.054  7.786   -10.953 1.00 29.73 ? 22  GLU A CD  1 
ATOM   129  O OE1 . GLU A 1 23  ? -9.145  8.056   -9.736  1.00 32.64 ? 22  GLU A OE1 1 
ATOM   130  O OE2 . GLU A 1 23  ? -10.028 7.398   -11.632 1.00 34.80 ? 22  GLU A OE2 1 
ATOM   131  N N   . THR A 1 24  ? -5.130  11.114  -9.959  1.00 16.62 ? 23  THR A N   1 
ATOM   132  C CA  . THR A 1 24  ? -4.182  11.831  -9.118  1.00 19.14 ? 23  THR A CA  1 
ATOM   133  C C   . THR A 1 24  ? -4.018  11.286  -7.716  1.00 17.45 ? 23  THR A C   1 
ATOM   134  O O   . THR A 1 24  ? -4.910  10.626  -7.173  1.00 17.46 ? 23  THR A O   1 
ATOM   135  C CB  . THR A 1 24  ? -4.548  13.335  -8.978  1.00 22.44 ? 23  THR A CB  1 
ATOM   136  O OG1 . THR A 1 24  ? -5.407  13.516  -7.848  1.00 27.06 ? 23  THR A OG1 1 
ATOM   137  C CG2 . THR A 1 24  ? -5.235  13.835  -10.225 1.00 21.68 ? 23  THR A CG2 1 
ATOM   138  N N   . VAL A 1 25  ? -2.862  11.593  -7.154  1.00 15.98 ? 24  VAL A N   1 
ATOM   139  C CA  . VAL A 1 25  ? -2.514  11.222  -5.792  1.00 14.35 ? 24  VAL A CA  1 
ATOM   140  C C   . VAL A 1 25  ? -1.500  12.245  -5.333  1.00 14.10 ? 24  VAL A C   1 
ATOM   141  O O   . VAL A 1 25  ? -0.680  12.744  -6.114  1.00 14.17 ? 24  VAL A O   1 
ATOM   142  C CB  . VAL A 1 25  ? -1.916  9.786   -5.684  1.00 13.62 ? 24  VAL A CB  1 
ATOM   143  C CG1 . VAL A 1 25  ? -0.581  9.711   -6.397  1.00 12.12 ? 24  VAL A CG1 1 
ATOM   144  C CG2 . VAL A 1 25  ? -1.766  9.396   -4.207  1.00 10.06 ? 24  VAL A CG2 1 
ATOM   145  N N   . ILE A 1 26  ? -1.575  12.604  -4.062  1.00 13.15 ? 25  ILE A N   1 
ATOM   146  C CA  . ILE A 1 26  ? -0.629  13.550  -3.525  1.00 13.16 ? 25  ILE A CA  1 
ATOM   147  C C   . ILE A 1 26  ? 0.033   12.898  -2.321  1.00 12.85 ? 25  ILE A C   1 
ATOM   148  O O   . ILE A 1 26  ? -0.652  12.399  -1.424  1.00 13.39 ? 25  ILE A O   1 
ATOM   149  C CB  . ILE A 1 26  ? -1.327  14.855  -3.078  1.00 11.35 ? 25  ILE A CB  1 
ATOM   150  C CG1 . ILE A 1 26  ? -1.924  15.548  -4.308  1.00 16.11 ? 25  ILE A CG1 1 
ATOM   151  C CG2 . ILE A 1 26  ? -0.327  15.753  -2.341  1.00 11.58 ? 25  ILE A CG2 1 
ATOM   152  C CD1 . ILE A 1 26  ? -2.907  16.654  -3.983  1.00 18.49 ? 25  ILE A CD1 1 
ATOM   153  N N   . LEU A 1 27  ? 1.358   12.894  -2.323  1.00 12.95 ? 26  LEU A N   1 
ATOM   154  C CA  . LEU A 1 27  ? 2.116   12.332  -1.223  1.00 14.82 ? 26  LEU A CA  1 
ATOM   155  C C   . LEU A 1 27  ? 2.523   13.476  -0.341  1.00 14.58 ? 26  LEU A C   1 
ATOM   156  O O   . LEU A 1 27  ? 2.995   14.522  -0.811  1.00 15.18 ? 26  LEU A O   1 
ATOM   157  C CB  . LEU A 1 27  ? 3.372   11.611  -1.706  1.00 17.41 ? 26  LEU A CB  1 
ATOM   158  C CG  . LEU A 1 27  ? 3.085   10.175  -2.123  1.00 20.03 ? 26  LEU A CG  1 
ATOM   159  C CD1 . LEU A 1 27  ? 2.417   10.223  -3.484  1.00 19.79 ? 26  LEU A CD1 1 
ATOM   160  C CD2 . LEU A 1 27  ? 4.364   9.376   -2.143  1.00 20.34 ? 26  LEU A CD2 1 
ATOM   161  N N   . GLN A 1 28  ? 2.357   13.274  0.955   1.00 13.19 ? 27  GLN A N   1 
ATOM   162  C CA  . GLN A 1 28  ? 2.702   14.310  1.876   1.00 11.14 ? 27  GLN A CA  1 
ATOM   163  C C   . GLN A 1 28  ? 3.594   13.816  2.995   1.00 11.69 ? 27  GLN A C   1 
ATOM   164  O O   . GLN A 1 28  ? 3.294   12.825  3.650   1.00 12.06 ? 27  GLN A O   1 
ATOM   165  C CB  . GLN A 1 28  ? 1.437   14.919  2.453   1.00 12.30 ? 27  GLN A CB  1 
ATOM   166  C CG  . GLN A 1 28  ? 1.711   15.984  3.509   1.00 14.72 ? 27  GLN A CG  1 
ATOM   167  C CD  . GLN A 1 28  ? 0.416   16.630  3.991   1.00 21.35 ? 27  GLN A CD  1 
ATOM   168  O OE1 . GLN A 1 28  ? -0.060  17.607  3.405   1.00 23.76 ? 27  GLN A OE1 1 
ATOM   169  N NE2 . GLN A 1 28  ? -0.152  16.092  5.074   1.00 19.68 ? 27  GLN A NE2 1 
ATOM   170  N N   . CYS A 1 29  ? 4.664   14.562  3.190   1.00 12.88 ? 28  CYS A N   1 
ATOM   171  C CA  . CYS A 1 29  ? 5.647   14.332  4.218   1.00 15.86 ? 28  CYS A CA  1 
ATOM   172  C C   . CYS A 1 29  ? 5.300   15.300  5.318   1.00 20.15 ? 28  CYS A C   1 
ATOM   173  O O   . CYS A 1 29  ? 4.996   16.455  5.031   1.00 19.61 ? 28  CYS A O   1 
ATOM   174  C CB  . CYS A 1 29  ? 7.039   14.680  3.726   1.00 18.96 ? 28  CYS A CB  1 
ATOM   175  S SG  . CYS A 1 29  ? 7.679   13.676  2.362   1.00 19.84 ? 28  CYS A SG  1 
ATOM   176  N N   . TRP A 1 30  ? 5.325   14.869  6.574   1.00 23.34 ? 29  TRP A N   1 
ATOM   177  C CA  . TRP A 1 30  ? 5.045   15.839  7.642   1.00 27.55 ? 29  TRP A CA  1 
ATOM   178  C C   . TRP A 1 30  ? 5.647   15.391  8.950   1.00 28.08 ? 29  TRP A C   1 
ATOM   179  O O   . TRP A 1 30  ? 5.755   14.191  9.216   1.00 24.52 ? 29  TRP A O   1 
ATOM   180  C CB  . TRP A 1 30  ? 3.547   16.091  7.819   1.00 32.74 ? 29  TRP A CB  1 
ATOM   181  C CG  . TRP A 1 30  ? 2.864   14.980  8.496   1.00 40.87 ? 29  TRP A CG  1 
ATOM   182  C CD1 . TRP A 1 30  ? 2.331   13.881  7.901   1.00 44.23 ? 29  TRP A CD1 1 
ATOM   183  C CD2 . TRP A 1 30  ? 2.627   14.837  9.902   1.00 44.62 ? 29  TRP A CD2 1 
ATOM   184  N NE1 . TRP A 1 30  ? 1.767   13.054  8.841   1.00 47.66 ? 29  TRP A NE1 1 
ATOM   185  C CE2 . TRP A 1 30  ? 1.933   13.617  10.081  1.00 46.80 ? 29  TRP A CE2 1 
ATOM   186  C CE3 . TRP A 1 30  ? 2.927   15.615  11.031  1.00 46.91 ? 29  TRP A CE3 1 
ATOM   187  C CZ2 . TRP A 1 30  ? 1.534   13.158  11.340  1.00 49.61 ? 29  TRP A CZ2 1 
ATOM   188  C CZ3 . TRP A 1 30  ? 2.530   15.158  12.288  1.00 50.28 ? 29  TRP A CZ3 1 
ATOM   189  C CH2 . TRP A 1 30  ? 1.840   13.939  12.429  1.00 50.96 ? 29  TRP A CH2 1 
ATOM   190  N N   . SER A 1 31  ? 6.016   16.368  9.771   1.00 29.26 ? 30  SER A N   1 
ATOM   191  C CA  . SER A 1 31  ? 6.638   16.119  11.070  1.00 30.55 ? 30  SER A CA  1 
ATOM   192  C C   . SER A 1 31  ? 6.322   17.242  12.025  1.00 35.41 ? 30  SER A C   1 
ATOM   193  O O   . SER A 1 31  ? 6.303   18.398  11.607  1.00 33.52 ? 30  SER A O   1 
ATOM   194  C CB  . SER A 1 31  ? 8.160   16.038  10.945  1.00 28.63 ? 30  SER A CB  1 
ATOM   195  O OG  . SER A 1 31  ? 8.714   15.431  12.099  1.00 29.78 ? 30  SER A OG  1 
ATOM   196  N N   . ASP A 1 32  ? 6.066   16.936  13.297  1.00 37.10 ? 31  ASP A N   1 
ATOM   197  C CA  . ASP A 1 32  ? 5.842   18.046  14.209  1.00 37.96 ? 31  ASP A CA  1 
ATOM   198  C C   . ASP A 1 32  ? 7.203   18.702  14.480  1.00 33.78 ? 31  ASP A C   1 
ATOM   199  O O   . ASP A 1 32  ? 7.292   19.676  15.222  1.00 36.39 ? 31  ASP A O   1 
ATOM   200  C CB  . ASP A 1 32  ? 5.144   17.599  15.501  1.00 40.25 ? 31  ASP A CB  1 
ATOM   201  C CG  . ASP A 1 32  ? 5.873   16.485  16.211  1.00 45.90 ? 31  ASP A CG  1 
ATOM   202  O OD1 . ASP A 1 32  ? 7.110   16.360  16.039  1.00 49.35 ? 31  ASP A OD1 1 
ATOM   203  O OD2 . ASP A 1 32  ? 5.194   15.745  16.951  1.00 50.35 ? 31  ASP A OD2 1 
ATOM   204  N N   . VAL A 1 33  ? 8.254   18.151  13.868  1.00 30.94 ? 32  VAL A N   1 
ATOM   205  C CA  . VAL A 1 33  ? 9.600   18.703  13.965  1.00 28.60 ? 32  VAL A CA  1 
ATOM   206  C C   . VAL A 1 33  ? 9.671   19.670  12.780  1.00 30.47 ? 32  VAL A C   1 
ATOM   207  O O   . VAL A 1 33  ? 9.234   19.338  11.680  1.00 28.61 ? 32  VAL A O   1 
ATOM   208  C CB  . VAL A 1 33  ? 10.684  17.623  13.785  1.00 26.17 ? 32  VAL A CB  1 
ATOM   209  C CG1 . VAL A 1 33  ? 12.041  18.278  13.576  1.00 25.53 ? 32  VAL A CG1 1 
ATOM   210  C CG2 . VAL A 1 33  ? 10.711  16.697  14.987  1.00 26.84 ? 32  VAL A CG2 1 
ATOM   211  N N   . MET A 1 34  ? 10.192  20.866  13.012  1.00 31.16 ? 33  MET A N   1 
ATOM   212  C CA  . MET A 1 34  ? 10.261  21.872  11.970  1.00 32.48 ? 33  MET A CA  1 
ATOM   213  C C   . MET A 1 34  ? 11.355  21.685  10.944  1.00 31.51 ? 33  MET A C   1 
ATOM   214  O O   . MET A 1 34  ? 12.378  22.391  10.946  1.00 34.15 ? 33  MET A O   1 
ATOM   215  C CB  . MET A 1 34  ? 10.387  23.259  12.605  1.00 37.13 ? 33  MET A CB  1 
ATOM   216  C CG  . MET A 1 34  ? 9.066   24.007  12.662  1.00 38.87 ? 33  MET A CG  1 
ATOM   217  S SD  . MET A 1 34  ? 7.689   22.926  13.144  1.00 45.09 ? 33  MET A SD  1 
ATOM   218  C CE  . MET A 1 34  ? 6.331   23.814  12.408  1.00 42.80 ? 33  MET A CE  1 
ATOM   219  N N   . PHE A 1 35  ? 11.149  20.735  10.043  1.00 26.40 ? 34  PHE A N   1 
ATOM   220  C CA  . PHE A 1 35  ? 12.151  20.499  9.014   1.00 23.96 ? 34  PHE A CA  1 
ATOM   221  C C   . PHE A 1 35  ? 12.052  21.593  7.964   1.00 19.60 ? 34  PHE A C   1 
ATOM   222  O O   . PHE A 1 35  ? 10.954  22.069  7.667   1.00 21.82 ? 34  PHE A O   1 
ATOM   223  C CB  . PHE A 1 35  ? 11.931  19.128  8.393   1.00 18.37 ? 34  PHE A CB  1 
ATOM   224  C CG  . PHE A 1 35  ? 12.339  18.004  9.282   1.00 19.00 ? 34  PHE A CG  1 
ATOM   225  C CD1 . PHE A 1 35  ? 13.669  17.824  9.622   1.00 20.18 ? 34  PHE A CD1 1 
ATOM   226  C CD2 . PHE A 1 35  ? 11.391  17.087  9.730   1.00 20.82 ? 34  PHE A CD2 1 
ATOM   227  C CE1 . PHE A 1 35  ? 14.078  16.735  10.426  1.00 20.51 ? 34  PHE A CE1 1 
ATOM   228  C CE2 . PHE A 1 35  ? 11.770  15.994  10.531  1.00 17.67 ? 34  PHE A CE2 1 
ATOM   229  C CZ  . PHE A 1 35  ? 13.111  15.824  10.865  1.00 17.13 ? 34  PHE A CZ  1 
ATOM   230  N N   . GLU A 1 36  ? 13.202  21.986  7.436   1.00 20.23 ? 35  GLU A N   1 
ATOM   231  C CA  . GLU A 1 36  ? 13.281  23.034  6.411   1.00 23.55 ? 35  GLU A CA  1 
ATOM   232  C C   . GLU A 1 36  ? 12.988  22.404  5.049   1.00 22.54 ? 35  GLU A C   1 
ATOM   233  O O   . GLU A 1 36  ? 12.336  22.998  4.175   1.00 20.20 ? 35  GLU A O   1 
ATOM   234  C CB  . GLU A 1 36  ? 14.683  23.672  6.390   1.00 25.53 ? 35  GLU A CB  1 
ATOM   235  C CG  . GLU A 1 36  ? 14.898  24.745  7.460   1.00 33.17 ? 35  GLU A CG  1 
ATOM   236  C CD  . GLU A 1 36  ? 16.363  25.011  7.761   1.00 33.85 ? 35  GLU A CD  1 
ATOM   237  O OE1 . GLU A 1 36  ? 17.200  24.073  7.655   1.00 37.64 ? 35  GLU A OE1 1 
ATOM   238  O OE2 . GLU A 1 36  ? 16.696  26.171  8.104   1.00 38.52 ? 35  GLU A OE2 1 
ATOM   239  N N   . HIS A 1 37  ? 13.468  21.173  4.898   1.00 21.76 ? 36  HIS A N   1 
ATOM   240  C CA  . HIS A 1 37  ? 13.275  20.421  3.667   1.00 20.72 ? 36  HIS A CA  1 
ATOM   241  C C   . HIS A 1 37  ? 13.013  18.968  3.960   1.00 17.18 ? 36  HIS A C   1 
ATOM   242  O O   . HIS A 1 37  ? 13.375  18.451  5.022   1.00 15.21 ? 36  HIS A O   1 
ATOM   243  C CB  . HIS A 1 37  ? 14.513  20.466  2.773   1.00 23.07 ? 36  HIS A CB  1 
ATOM   244  C CG  . HIS A 1 37  ? 14.838  21.832  2.279   1.00 26.63 ? 36  HIS A CG  1 
ATOM   245  N ND1 . HIS A 1 37  ? 15.739  22.643  2.923   1.00 29.43 ? 36  HIS A ND1 1 
ATOM   246  C CD2 . HIS A 1 37  ? 14.335  22.552  1.245   1.00 26.37 ? 36  HIS A CD2 1 
ATOM   247  C CE1 . HIS A 1 37  ? 15.776  23.819  2.307   1.00 32.64 ? 36  HIS A CE1 1 
ATOM   248  N NE2 . HIS A 1 37  ? 14.938  23.785  1.294   1.00 30.35 ? 36  HIS A NE2 1 
ATOM   249  N N   . PHE A 1 38  ? 12.398  18.308  2.990   1.00 13.92 ? 37  PHE A N   1 
ATOM   250  C CA  . PHE A 1 38  ? 12.135  16.882  3.091   1.00 12.97 ? 37  PHE A CA  1 
ATOM   251  C C   . PHE A 1 38  ? 12.707  16.245  1.833   1.00 15.14 ? 37  PHE A C   1 
ATOM   252  O O   . PHE A 1 38  ? 12.726  16.879  0.771   1.00 13.16 ? 37  PHE A O   1 
ATOM   253  C CB  . PHE A 1 38  ? 10.641  16.580  3.121   1.00 11.44 ? 37  PHE A CB  1 
ATOM   254  C CG  . PHE A 1 38  ? 9.968   16.985  4.376   1.00 15.39 ? 37  PHE A CG  1 
ATOM   255  C CD1 . PHE A 1 38  ? 9.911   16.106  5.464   1.00 14.61 ? 37  PHE A CD1 1 
ATOM   256  C CD2 . PHE A 1 38  ? 9.359   18.222  4.469   1.00 15.69 ? 37  PHE A CD2 1 
ATOM   257  C CE1 . PHE A 1 38  ? 9.245   16.473  6.626   1.00 16.58 ? 37  PHE A CE1 1 
ATOM   258  C CE2 . PHE A 1 38  ? 8.692   18.601  5.622   1.00 14.39 ? 37  PHE A CE2 1 
ATOM   259  C CZ  . PHE A 1 38  ? 8.631   17.719  6.707   1.00 14.73 ? 37  PHE A CZ  1 
ATOM   260  N N   . LEU A 1 39  ? 13.196  15.015  1.959   1.00 12.38 ? 38  LEU A N   1 
ATOM   261  C CA  . LEU A 1 39  ? 13.703  14.272  0.818   1.00 9.90  ? 38  LEU A CA  1 
ATOM   262  C C   . LEU A 1 39  ? 12.744  13.116  0.644   1.00 10.94 ? 38  LEU A C   1 
ATOM   263  O O   . LEU A 1 39  ? 12.574  12.286  1.544   1.00 10.26 ? 38  LEU A O   1 
ATOM   264  C CB  . LEU A 1 39  ? 15.102  13.716  1.049   1.00 9.66  ? 38  LEU A CB  1 
ATOM   265  C CG  . LEU A 1 39  ? 16.267  14.704  1.139   1.00 10.89 ? 38  LEU A CG  1 
ATOM   266  C CD1 . LEU A 1 39  ? 17.579  13.918  1.096   1.00 12.33 ? 38  LEU A CD1 1 
ATOM   267  C CD2 . LEU A 1 39  ? 16.185  15.740  0.000   1.00 12.24 ? 38  LEU A CD2 1 
ATOM   268  N N   . LEU A 1 40  ? 12.094  13.081  -0.512  1.00 8.81  ? 39  LEU A N   1 
ATOM   269  C CA  . LEU A 1 40  ? 11.156  12.017  -0.817  1.00 9.17  ? 39  LEU A CA  1 
ATOM   270  C C   . LEU A 1 40  ? 11.855  11.072  -1.806  1.00 8.59  ? 39  LEU A C   1 
ATOM   271  O O   . LEU A 1 40  ? 12.181  11.439  -2.955  1.00 7.74  ? 39  LEU A O   1 
ATOM   272  C CB  . LEU A 1 40  ? 9.869   12.586  -1.415  1.00 8.90  ? 39  LEU A CB  1 
ATOM   273  C CG  . LEU A 1 40  ? 8.834   11.541  -1.820  1.00 8.73  ? 39  LEU A CG  1 
ATOM   274  C CD1 . LEU A 1 40  ? 8.284   10.854  -0.566  1.00 8.71  ? 39  LEU A CD1 1 
ATOM   275  C CD2 . LEU A 1 40  ? 7.711   12.184  -2.627  1.00 10.88 ? 39  LEU A CD2 1 
ATOM   276  N N   . HIS A 1 41  ? 12.090  9.854   -1.324  1.00 8.17  ? 40  HIS A N   1 
ATOM   277  C CA  . HIS A 1 41  ? 12.783  8.840   -2.073  1.00 8.82  ? 40  HIS A CA  1 
ATOM   278  C C   . HIS A 1 41  ? 11.910  7.708   -2.583  1.00 10.20 ? 40  HIS A C   1 
ATOM   279  O O   . HIS A 1 41  ? 11.138  7.108   -1.828  1.00 10.42 ? 40  HIS A O   1 
ATOM   280  C CB  . HIS A 1 41  ? 13.897  8.265   -1.203  1.00 12.28 ? 40  HIS A CB  1 
ATOM   281  C CG  . HIS A 1 41  ? 14.682  7.181   -1.883  1.00 17.80 ? 40  HIS A CG  1 
ATOM   282  N ND1 . HIS A 1 41  ? 14.766  5.904   -1.386  1.00 24.08 ? 40  HIS A ND1 1 
ATOM   283  C CD2 . HIS A 1 41  ? 15.379  7.186   -3.044  1.00 20.68 ? 40  HIS A CD2 1 
ATOM   284  C CE1 . HIS A 1 41  ? 15.479  5.154   -2.213  1.00 22.45 ? 40  HIS A CE1 1 
ATOM   285  N NE2 . HIS A 1 41  ? 15.860  5.909   -3.230  1.00 24.82 ? 40  HIS A NE2 1 
ATOM   286  N N   . ARG A 1 42  ? 12.026  7.415   -3.877  1.00 7.01  ? 41  ARG A N   1 
ATOM   287  C CA  . ARG A 1 42  ? 11.258  6.321   -4.454  1.00 7.73  ? 41  ARG A CA  1 
ATOM   288  C C   . ARG A 1 42  ? 12.175  5.242   -4.989  1.00 8.25  ? 41  ARG A C   1 
ATOM   289  O O   . ARG A 1 42  ? 13.141  5.523   -5.700  1.00 7.08  ? 41  ARG A O   1 
ATOM   290  C CB  . ARG A 1 42  ? 10.378  6.772   -5.629  1.00 7.27  ? 41  ARG A CB  1 
ATOM   291  C CG  . ARG A 1 42  ? 9.708   5.590   -6.353  1.00 6.16  ? 41  ARG A CG  1 
ATOM   292  C CD  . ARG A 1 42  ? 8.825   6.073   -7.501  1.00 8.52  ? 41  ARG A CD  1 
ATOM   293  N NE  . ARG A 1 42  ? 9.669   6.675   -8.535  1.00 8.09  ? 41  ARG A NE  1 
ATOM   294  C CZ  . ARG A 1 42  ? 9.625   7.947   -8.916  1.00 11.56 ? 41  ARG A CZ  1 
ATOM   295  N NH1 . ARG A 1 42  ? 8.771   8.807   -8.359  1.00 11.02 ? 41  ARG A NH1 1 
ATOM   296  N NH2 . ARG A 1 42  ? 10.503  8.381   -9.817  1.00 12.30 ? 41  ARG A NH2 1 
ATOM   297  N N   . GLU A 1 43  ? 11.858  4.005   -4.608  1.00 9.99  ? 42  GLU A N   1 
ATOM   298  C CA  . GLU A 1 43  ? 12.556  2.813   -5.067  1.00 10.67 ? 42  GLU A CA  1 
ATOM   299  C C   . GLU A 1 43  ? 11.547  2.135   -5.975  1.00 11.71 ? 42  GLU A C   1 
ATOM   300  O O   . GLU A 1 43  ? 10.447  1.779   -5.553  1.00 12.69 ? 42  GLU A O   1 
ATOM   301  C CB  . GLU A 1 43  ? 12.897  1.871   -3.910  1.00 12.47 ? 42  GLU A CB  1 
ATOM   302  C CG  . GLU A 1 43  ? 14.140  2.276   -3.185  1.00 27.41 ? 42  GLU A CG  1 
ATOM   303  C CD  . GLU A 1 43  ? 14.339  1.479   -1.911  1.00 34.64 ? 42  GLU A CD  1 
ATOM   304  O OE1 . GLU A 1 43  ? 13.526  0.561   -1.643  1.00 37.30 ? 42  GLU A OE1 1 
ATOM   305  O OE2 . GLU A 1 43  ? 15.307  1.781   -1.190  1.00 35.92 ? 42  GLU A OE2 1 
ATOM   306  N N   . GLY A 1 44  ? 11.892  1.981   -7.250  1.00 11.31 ? 43  GLY A N   1 
ATOM   307  C CA  . GLY A 1 44  ? 10.964  1.352   -8.181  1.00 11.94 ? 43  GLY A CA  1 
ATOM   308  C C   . GLY A 1 44  ? 11.592  1.348   -9.559  1.00 12.49 ? 43  GLY A C   1 
ATOM   309  O O   . GLY A 1 44  ? 12.811  1.462   -9.683  1.00 12.42 ? 43  GLY A O   1 
ATOM   310  N N   . MET A 1 45  ? 10.772  1.212   -10.591 1.00 14.88 ? 44  MET A N   1 
ATOM   311  C CA  . MET A 1 45  ? 11.291  1.197   -11.964 1.00 17.09 ? 44  MET A CA  1 
ATOM   312  C C   . MET A 1 45  ? 12.184  2.415   -12.218 1.00 14.99 ? 44  MET A C   1 
ATOM   313  O O   . MET A 1 45  ? 13.271  2.298   -12.784 1.00 15.25 ? 44  MET A O   1 
ATOM   314  C CB  . MET A 1 45  ? 10.139  1.191   -12.961 1.00 16.31 ? 44  MET A CB  1 
ATOM   315  C CG  . MET A 1 45  ? 10.584  1.017   -14.395 1.00 18.63 ? 44  MET A CG  1 
ATOM   316  S SD  . MET A 1 45  ? 9.219   1.311   -15.510 1.00 19.62 ? 44  MET A SD  1 
ATOM   317  C CE  . MET A 1 45  ? 8.058   0.024   -14.959 1.00 20.12 ? 44  MET A CE  1 
ATOM   318  N N   . PHE A 1 46  ? 11.707  3.582   -11.792 1.00 12.17 ? 45  PHE A N   1 
ATOM   319  C CA  . PHE A 1 46  ? 12.437  4.844   -11.935 1.00 13.50 ? 45  PHE A CA  1 
ATOM   320  C C   . PHE A 1 46  ? 12.829  5.319   -10.542 1.00 10.21 ? 45  PHE A C   1 
ATOM   321  O O   . PHE A 1 46  ? 12.049  5.976   -9.867  1.00 11.50 ? 45  PHE A O   1 
ATOM   322  C CB  . PHE A 1 46  ? 11.542  5.915   -12.551 1.00 14.56 ? 45  PHE A CB  1 
ATOM   323  C CG  . PHE A 1 46  ? 11.426  5.822   -14.034 1.00 19.42 ? 45  PHE A CG  1 
ATOM   324  C CD1 . PHE A 1 46  ? 10.881  4.704   -14.633 1.00 21.61 ? 45  PHE A CD1 1 
ATOM   325  C CD2 . PHE A 1 46  ? 11.809  6.889   -14.832 1.00 22.23 ? 45  PHE A CD2 1 
ATOM   326  C CE1 . PHE A 1 46  ? 10.707  4.641   -16.019 1.00 22.57 ? 45  PHE A CE1 1 
ATOM   327  C CE2 . PHE A 1 46  ? 11.644  6.845   -16.225 1.00 25.70 ? 45  PHE A CE2 1 
ATOM   328  C CZ  . PHE A 1 46  ? 11.092  5.726   -16.813 1.00 22.62 ? 45  PHE A CZ  1 
ATOM   329  N N   . ASN A 1 47  ? 14.033  4.992   -10.103 1.00 10.43 ? 46  ASN A N   1 
ATOM   330  C CA  . ASN A 1 47  ? 14.458  5.449   -8.788  1.00 10.02 ? 46  ASN A CA  1 
ATOM   331  C C   . ASN A 1 47  ? 14.677  6.952   -8.838  1.00 12.18 ? 46  ASN A C   1 
ATOM   332  O O   . ASN A 1 47  ? 15.175  7.492   -9.830  1.00 12.25 ? 46  ASN A O   1 
ATOM   333  C CB  . ASN A 1 47  ? 15.764  4.772   -8.395  1.00 14.25 ? 46  ASN A CB  1 
ATOM   334  C CG  . ASN A 1 47  ? 15.620  3.276   -8.252  1.00 18.08 ? 46  ASN A CG  1 
ATOM   335  O OD1 . ASN A 1 47  ? 14.778  2.793   -7.501  1.00 17.47 ? 46  ASN A OD1 1 
ATOM   336  N ND2 . ASN A 1 47  ? 16.430  2.526   -9.001  1.00 23.93 ? 46  ASN A ND2 1 
ATOM   337  N N   . ASP A 1 48  ? 14.299  7.634   -7.765  1.00 9.41  ? 47  ASP A N   1 
ATOM   338  C CA  . ASP A 1 48  ? 14.476  9.069   -7.713  1.00 8.14  ? 47  ASP A CA  1 
ATOM   339  C C   . ASP A 1 48  ? 14.381  9.561   -6.277  1.00 10.01 ? 47  ASP A C   1 
ATOM   340  O O   . ASP A 1 48  ? 13.801  8.892   -5.410  1.00 8.44  ? 47  ASP A O   1 
ATOM   341  C CB  . ASP A 1 48  ? 13.402  9.763   -8.568  1.00 10.36 ? 47  ASP A CB  1 
ATOM   342  C CG  . ASP A 1 48  ? 13.766  11.187  -8.947  1.00 11.08 ? 47  ASP A CG  1 
ATOM   343  O OD1 . ASP A 1 48  ? 14.906  11.625  -8.692  1.00 12.88 ? 47  ASP A OD1 1 
ATOM   344  O OD2 . ASP A 1 48  ? 12.885  11.874  -9.506  1.00 18.75 ? 47  ASP A OD2 1 
ATOM   345  N N   . THR A 1 49  ? 15.006  10.701  -6.020  1.00 8.82  ? 48  THR A N   1 
ATOM   346  C CA  . THR A 1 49  ? 14.940  11.316  -4.705  1.00 8.68  ? 48  THR A CA  1 
ATOM   347  C C   . THR A 1 49  ? 14.650  12.796  -4.987  1.00 8.90  ? 48  THR A C   1 
ATOM   348  O O   . THR A 1 49  ? 15.390  13.456  -5.712  1.00 10.61 ? 48  THR A O   1 
ATOM   349  C CB  . THR A 1 49  ? 16.260  11.148  -3.925  1.00 9.39  ? 48  THR A CB  1 
ATOM   350  O OG1 . THR A 1 49  ? 16.524  9.757   -3.751  1.00 11.17 ? 48  THR A OG1 1 
ATOM   351  C CG2 . THR A 1 49  ? 16.143  11.780  -2.541  1.00 10.58 ? 48  THR A CG2 1 
ATOM   352  N N   . LEU A 1 50  ? 13.552  13.291  -4.434  1.00 9.00  ? 49  LEU A N   1 
ATOM   353  C CA  . LEU A 1 50  ? 13.131  14.670  -4.629  1.00 12.31 ? 49  LEU A CA  1 
ATOM   354  C C   . LEU A 1 50  ? 13.311  15.511  -3.387  1.00 13.06 ? 49  LEU A C   1 
ATOM   355  O O   . LEU A 1 50  ? 12.980  15.064  -2.299  1.00 10.75 ? 49  LEU A O   1 
ATOM   356  C CB  . LEU A 1 50  ? 11.652  14.719  -5.040  1.00 12.80 ? 49  LEU A CB  1 
ATOM   357  C CG  . LEU A 1 50  ? 11.317  13.946  -6.316  1.00 19.06 ? 49  LEU A CG  1 
ATOM   358  C CD1 . LEU A 1 50  ? 9.823   13.828  -6.479  1.00 23.10 ? 49  LEU A CD1 1 
ATOM   359  C CD2 . LEU A 1 50  ? 11.931  14.670  -7.495  1.00 19.19 ? 49  LEU A CD2 1 
ATOM   360  N N   . ARG A 1 51  ? 13.821  16.729  -3.536  1.00 13.31 ? 50  ARG A N   1 
ATOM   361  C CA  . ARG A 1 51  ? 13.965  17.591  -2.367  1.00 15.87 ? 50  ARG A CA  1 
ATOM   362  C C   . ARG A 1 51  ? 12.756  18.532  -2.368  1.00 15.33 ? 50  ARG A C   1 
ATOM   363  O O   . ARG A 1 51  ? 12.534  19.278  -3.330  1.00 15.77 ? 50  ARG A O   1 
ATOM   364  C CB  . ARG A 1 51  ? 15.263  18.388  -2.452  1.00 18.36 ? 50  ARG A CB  1 
ATOM   365  C CG  . ARG A 1 51  ? 15.608  19.212  -1.206  1.00 20.39 ? 50  ARG A CG  1 
ATOM   366  C CD  . ARG A 1 51  ? 17.104  19.340  -1.134  1.00 22.51 ? 50  ARG A CD  1 
ATOM   367  N NE  . ARG A 1 51  ? 17.590  20.270  -0.125  1.00 24.57 ? 50  ARG A NE  1 
ATOM   368  C CZ  . ARG A 1 51  ? 17.486  21.593  -0.203  1.00 25.62 ? 50  ARG A CZ  1 
ATOM   369  N NH1 . ARG A 1 51  ? 16.903  22.164  -1.249  1.00 23.96 ? 50  ARG A NH1 1 
ATOM   370  N NH2 . ARG A 1 51  ? 17.995  22.351  0.759   1.00 29.13 ? 50  ARG A NH2 1 
ATOM   371  N N   . LEU A 1 52  ? 11.971  18.467  -1.299  1.00 11.92 ? 51  LEU A N   1 
ATOM   372  C CA  . LEU A 1 52  ? 10.778  19.273  -1.155  1.00 13.41 ? 51  LEU A CA  1 
ATOM   373  C C   . LEU A 1 52  ? 10.970  20.352  -0.060  1.00 14.97 ? 51  LEU A C   1 
ATOM   374  O O   . LEU A 1 52  ? 11.655  20.121  0.941   1.00 15.70 ? 51  LEU A O   1 
ATOM   375  C CB  . LEU A 1 52  ? 9.577   18.368  -0.803  1.00 16.28 ? 51  LEU A CB  1 
ATOM   376  C CG  . LEU A 1 52  ? 9.414   17.011  -1.528  1.00 15.73 ? 51  LEU A CG  1 
ATOM   377  C CD1 . LEU A 1 52  ? 8.282   16.168  -0.917  1.00 13.12 ? 51  LEU A CD1 1 
ATOM   378  C CD2 . LEU A 1 52  ? 9.111   17.250  -3.004  1.00 14.93 ? 51  LEU A CD2 1 
ATOM   379  N N   . ILE A 1 53  ? 10.399  21.542  -0.260  1.00 16.85 ? 52  ILE A N   1 
ATOM   380  C CA  . ILE A 1 53  ? 10.522  22.612  0.733   1.00 18.65 ? 52  ILE A CA  1 
ATOM   381  C C   . ILE A 1 53  ? 9.472   22.357  1.805   1.00 16.43 ? 52  ILE A C   1 
ATOM   382  O O   . ILE A 1 53  ? 8.297   22.142  1.494   1.00 18.41 ? 52  ILE A O   1 
ATOM   383  C CB  . ILE A 1 53  ? 10.225  24.013  0.149   1.00 21.51 ? 52  ILE A CB  1 
ATOM   384  C CG1 . ILE A 1 53  ? 11.108  24.294  -1.069  1.00 23.84 ? 52  ILE A CG1 1 
ATOM   385  C CG2 . ILE A 1 53  ? 10.349  25.055  1.273   1.00 22.26 ? 52  ILE A CG2 1 
ATOM   386  C CD1 . ILE A 1 53  ? 12.433  24.969  -0.769  1.00 32.75 ? 52  ILE A CD1 1 
ATOM   387  N N   . GLY A 1 54  ? 9.881   22.379  3.068   1.00 18.33 ? 53  GLY A N   1 
ATOM   388  C CA  . GLY A 1 54  ? 8.894   22.158  4.110   1.00 21.29 ? 53  GLY A CA  1 
ATOM   389  C C   . GLY A 1 54  ? 8.051   23.411  4.337   1.00 23.85 ? 53  GLY A C   1 
ATOM   390  O O   . GLY A 1 54  ? 8.616   24.499  4.473   1.00 27.78 ? 53  GLY A O   1 
ATOM   391  N N   . GLU A 1 55  ? 6.723   23.271  4.345   1.00 26.29 ? 54  GLU A N   1 
ATOM   392  C CA  . GLU A 1 55  ? 5.800   24.395  4.601   1.00 29.73 ? 54  GLU A CA  1 
ATOM   393  C C   . GLU A 1 55  ? 5.409   24.270  6.077   1.00 30.90 ? 54  GLU A C   1 
ATOM   394  O O   . GLU A 1 55  ? 5.099   23.168  6.543   1.00 27.89 ? 54  GLU A O   1 
ATOM   395  C CB  . GLU A 1 55  ? 4.482   24.307  3.779   1.00 32.58 ? 54  GLU A CB  1 
ATOM   396  C CG  . GLU A 1 55  ? 4.563   24.481  2.250   1.00 35.07 ? 54  GLU A CG  1 
ATOM   397  C CD  . GLU A 1 55  ? 3.191   24.571  1.520   1.00 40.68 ? 54  GLU A CD  1 
ATOM   398  O OE1 . GLU A 1 55  ? 2.103   24.357  2.124   1.00 40.04 ? 54  GLU A OE1 1 
ATOM   399  O OE2 . GLU A 1 55  ? 3.200   24.865  0.290   1.00 39.84 ? 54  GLU A OE2 1 
ATOM   400  N N   . HIS A 1 56  ? 5.401   25.373  6.813   1.00 33.03 ? 55  HIS A N   1 
ATOM   401  C CA  . HIS A 1 56  ? 5.009   25.292  8.215   1.00 33.12 ? 55  HIS A CA  1 
ATOM   402  C C   . HIS A 1 56  ? 3.522   25.663  8.375   1.00 32.68 ? 55  HIS A C   1 
ATOM   403  O O   . HIS A 1 56  ? 3.087   26.750  7.965   1.00 30.90 ? 55  HIS A O   1 
ATOM   404  C CB  . HIS A 1 56  ? 5.934   26.190  9.041   1.00 33.52 ? 55  HIS A CB  1 
ATOM   405  C CG  . HIS A 1 56  ? 7.365   25.736  9.012   1.00 33.45 ? 55  HIS A CG  1 
ATOM   406  N ND1 . HIS A 1 56  ? 8.412   26.487  9.515   1.00 36.58 ? 55  HIS A ND1 1 
ATOM   407  C CD2 . HIS A 1 56  ? 7.924   24.596  8.538   1.00 35.53 ? 55  HIS A CD2 1 
ATOM   408  C CE1 . HIS A 1 56  ? 9.545   25.826  9.350   1.00 38.72 ? 55  HIS A CE1 1 
ATOM   409  N NE2 . HIS A 1 56  ? 9.279   24.677  8.757   1.00 36.02 ? 55  HIS A NE2 1 
ATOM   410  N N   . HIS A 1 57  ? 2.751   24.734  8.940   1.00 34.61 ? 56  HIS A N   1 
ATOM   411  C CA  . HIS A 1 57  ? 1.314   24.901  9.161   1.00 38.94 ? 56  HIS A CA  1 
ATOM   412  C C   . HIS A 1 57  ? 0.953   24.818  10.659  1.00 41.36 ? 56  HIS A C   1 
ATOM   413  O O   . HIS A 1 57  ? 0.559   23.751  11.130  1.00 42.93 ? 56  HIS A O   1 
ATOM   414  C CB  . HIS A 1 57  ? 0.515   23.796  8.427   1.00 40.37 ? 56  HIS A CB  1 
ATOM   415  C CG  . HIS A 1 57  ? 0.522   23.900  6.929   1.00 43.87 ? 56  HIS A CG  1 
ATOM   416  N ND1 . HIS A 1 57  ? -0.633  24.016  6.185   1.00 46.97 ? 56  HIS A ND1 1 
ATOM   417  C CD2 . HIS A 1 57  ? 1.543   23.871  6.037   1.00 42.88 ? 56  HIS A CD2 1 
ATOM   418  C CE1 . HIS A 1 57  ? -0.323  24.054  4.900   1.00 47.56 ? 56  HIS A CE1 1 
ATOM   419  N NE2 . HIS A 1 57  ? 0.990   23.968  4.783   1.00 44.41 ? 56  HIS A NE2 1 
ATOM   420  N N   . ASP A 1 58  ? 1.099   25.912  11.403  1.00 40.39 ? 57  ASP A N   1 
ATOM   421  C CA  . ASP A 1 58  ? 0.733   25.938  12.831  1.00 37.93 ? 57  ASP A CA  1 
ATOM   422  C C   . ASP A 1 58  ? 1.156   24.684  13.607  1.00 37.52 ? 57  ASP A C   1 
ATOM   423  O O   . ASP A 1 58  ? 0.314   23.861  13.947  1.00 37.57 ? 57  ASP A O   1 
ATOM   424  C CB  . ASP A 1 58  ? -0.795  26.108  12.956  1.00 36.09 ? 57  ASP A CB  1 
ATOM   425  C CG  . ASP A 1 58  ? -1.267  26.472  14.371  1.00 33.53 ? 57  ASP A CG  1 
ATOM   426  O OD1 . ASP A 1 58  ? -0.475  26.941  15.205  1.00 34.30 ? 57  ASP A OD1 1 
ATOM   427  O OD2 . ASP A 1 58  ? -2.475  26.284  14.650  1.00 35.27 ? 57  ASP A OD2 1 
ATOM   428  N N   . GLY A 1 59  ? 2.442   24.527  13.896  1.00 36.18 ? 58  GLY A N   1 
ATOM   429  C CA  . GLY A 1 59  ? 2.874   23.367  14.663  1.00 36.73 ? 58  GLY A CA  1 
ATOM   430  C C   . GLY A 1 59  ? 3.352   22.168  13.867  1.00 39.32 ? 58  GLY A C   1 
ATOM   431  O O   . GLY A 1 59  ? 4.023   21.279  14.408  1.00 40.01 ? 58  GLY A O   1 
ATOM   432  N N   . VAL A 1 60  ? 3.011   22.158  12.580  1.00 39.19 ? 59  VAL A N   1 
ATOM   433  C CA  . VAL A 1 60  ? 3.360   21.078  11.662  1.00 39.69 ? 59  VAL A CA  1 
ATOM   434  C C   . VAL A 1 60  ? 4.194   21.590  10.495  1.00 39.87 ? 59  VAL A C   1 
ATOM   435  O O   . VAL A 1 60  ? 3.988   22.700  10.020  1.00 39.34 ? 59  VAL A O   1 
ATOM   436  C CB  . VAL A 1 60  ? 2.095   20.465  11.054  1.00 39.06 ? 59  VAL A CB  1 
ATOM   437  C CG1 . VAL A 1 60  ? 2.424   19.139  10.389  1.00 38.58 ? 59  VAL A CG1 1 
ATOM   438  C CG2 . VAL A 1 60  ? 1.015   20.322  12.118  1.00 42.40 ? 59  VAL A CG2 1 
ATOM   439  N N   . SER A 1 61  ? 5.122   20.767  10.027  1.00 38.22 ? 60  SER A N   1 
ATOM   440  C CA  . SER A 1 61  ? 5.933   21.116  8.873   1.00 34.66 ? 60  SER A CA  1 
ATOM   441  C C   . SER A 1 61  ? 5.557   20.020  7.868   1.00 31.04 ? 60  SER A C   1 
ATOM   442  O O   . SER A 1 61  ? 5.539   18.834  8.212   1.00 28.66 ? 60  SER A O   1 
ATOM   443  C CB  . SER A 1 61  ? 7.429   21.065  9.219   1.00 31.66 ? 60  SER A CB  1 
ATOM   444  O OG  . SER A 1 61  ? 8.239   21.270  8.074   1.00 33.66 ? 60  SER A OG  1 
ATOM   445  N N   . LYS A 1 62  ? 5.205   20.393  6.650   1.00 25.13 ? 61  LYS A N   1 
ATOM   446  C CA  . LYS A 1 62  ? 4.849   19.363  5.708   1.00 22.94 ? 61  LYS A CA  1 
ATOM   447  C C   . LYS A 1 62  ? 5.218   19.752  4.277   1.00 22.41 ? 61  LYS A C   1 
ATOM   448  O O   . LYS A 1 62  ? 5.436   20.929  3.972   1.00 20.23 ? 61  LYS A O   1 
ATOM   449  C CB  . LYS A 1 62  ? 3.355   19.066  5.806   1.00 27.32 ? 61  LYS A CB  1 
ATOM   450  C CG  . LYS A 1 62  ? 2.433   20.207  5.407   1.00 32.01 ? 61  LYS A CG  1 
ATOM   451  C CD  . LYS A 1 62  ? 1.455   20.568  6.521   1.00 36.55 ? 61  LYS A CD  1 
ATOM   452  C CE  . LYS A 1 62  ? 0.588   19.381  6.944   1.00 39.41 ? 61  LYS A CE  1 
ATOM   453  N NZ  . LYS A 1 62  ? -0.773  19.839  7.328   1.00 40.32 ? 61  LYS A NZ  1 
ATOM   454  N N   . ALA A 1 63  ? 5.300   18.757  3.402   1.00 19.62 ? 62  ALA A N   1 
ATOM   455  C CA  . ALA A 1 63  ? 5.633   19.019  2.012   1.00 19.23 ? 62  ALA A CA  1 
ATOM   456  C C   . ALA A 1 63  ? 4.889   18.000  1.167   1.00 18.31 ? 62  ALA A C   1 
ATOM   457  O O   . ALA A 1 63  ? 4.777   16.816  1.520   1.00 16.82 ? 62  ALA A O   1 
ATOM   458  C CB  . ALA A 1 63  ? 7.142   18.924  1.790   1.00 19.06 ? 62  ALA A CB  1 
ATOM   459  N N   . ASN A 1 64  ? 4.354   18.481  0.051   1.00 16.03 ? 63  ASN A N   1 
ATOM   460  C CA  . ASN A 1 64  ? 3.603   17.643  -0.856  1.00 13.64 ? 63  ASN A CA  1 
ATOM   461  C C   . ASN A 1 64  ? 4.359   17.341  -2.147  1.00 14.05 ? 63  ASN A C   1 
ATOM   462  O O   . ASN A 1 64  ? 5.152   18.152  -2.618  1.00 13.20 ? 63  ASN A O   1 
ATOM   463  C CB  . ASN A 1 64  ? 2.309   18.329  -1.289  1.00 15.56 ? 63  ASN A CB  1 
ATOM   464  C CG  . ASN A 1 64  ? 1.393   18.683  -0.129  1.00 18.99 ? 63  ASN A CG  1 
ATOM   465  O OD1 . ASN A 1 64  ? 1.599   18.252  1.012   1.00 18.61 ? 63  ASN A OD1 1 
ATOM   466  N ND2 . ASN A 1 64  ? 0.371   19.479  -0.422  1.00 16.63 ? 63  ASN A ND2 1 
ATOM   467  N N   . PHE A 1 65  ? 4.095   16.161  -2.690  1.00 12.47 ? 64  PHE A N   1 
ATOM   468  C CA  . PHE A 1 65  ? 4.625   15.747  -3.979  1.00 10.88 ? 64  PHE A CA  1 
ATOM   469  C C   . PHE A 1 65  ? 3.368   15.309  -4.674  1.00 9.60  ? 64  PHE A C   1 
ATOM   470  O O   . PHE A 1 65  ? 2.765   14.283  -4.361  1.00 9.08  ? 64  PHE A O   1 
ATOM   471  C CB  . PHE A 1 65  ? 5.578   14.561  -3.895  1.00 12.15 ? 64  PHE A CB  1 
ATOM   472  C CG  . PHE A 1 65  ? 5.936   13.998  -5.246  1.00 12.99 ? 64  PHE A CG  1 
ATOM   473  C CD1 . PHE A 1 65  ? 6.512   14.816  -6.229  1.00 15.27 ? 64  PHE A CD1 1 
ATOM   474  C CD2 . PHE A 1 65  ? 5.669   12.670  -5.547  1.00 10.28 ? 64  PHE A CD2 1 
ATOM   475  C CE1 . PHE A 1 65  ? 6.828   14.298  -7.498  1.00 14.08 ? 64  PHE A CE1 1 
ATOM   476  C CE2 . PHE A 1 65  ? 5.979   12.148  -6.799  1.00 10.37 ? 64  PHE A CE2 1 
ATOM   477  C CZ  . PHE A 1 65  ? 6.552   12.970  -7.782  1.00 11.44 ? 64  PHE A CZ  1 
ATOM   478  N N   . SER A 1 66  ? 2.939   16.124  -5.629  1.00 11.27 ? 65  SER A N   1 
ATOM   479  C CA  . SER A 1 66  ? 1.714   15.828  -6.315  1.00 13.99 ? 65  SER A CA  1 
ATOM   480  C C   . SER A 1 66  ? 1.876   15.123  -7.634  1.00 13.57 ? 65  SER A C   1 
ATOM   481  O O   . SER A 1 66  ? 2.772   15.432  -8.430  1.00 16.17 ? 65  SER A O   1 
ATOM   482  C CB  . SER A 1 66  ? 0.934   17.122  -6.495  1.00 14.43 ? 65  SER A CB  1 
ATOM   483  O OG  . SER A 1 66  ? 0.799   17.755  -5.230  1.00 20.59 ? 65  SER A OG  1 
ATOM   484  N N   . ILE A 1 67  ? 1.002   14.148  -7.849  1.00 16.20 ? 66  ILE A N   1 
ATOM   485  C CA  . ILE A 1 67  ? 0.994   13.357  -9.081  1.00 14.58 ? 66  ILE A CA  1 
ATOM   486  C C   . ILE A 1 67  ? -0.317  13.634  -9.806  1.00 15.75 ? 66  ILE A C   1 
ATOM   487  O O   . ILE A 1 67  ? -1.393  13.253  -9.354  1.00 16.20 ? 66  ILE A O   1 
ATOM   488  C CB  . ILE A 1 67  ? 1.132   11.845  -8.772  1.00 12.81 ? 66  ILE A CB  1 
ATOM   489  C CG1 . ILE A 1 67  ? 2.535   11.601  -8.163  1.00 14.62 ? 66  ILE A CG1 1 
ATOM   490  C CG2 . ILE A 1 67  ? 0.918   11.025  -10.052 1.00 10.40 ? 66  ILE A CG2 1 
ATOM   491  C CD1 . ILE A 1 67  ? 2.826   10.182  -7.753  1.00 10.27 ? 66  ILE A CD1 1 
ATOM   492  N N   . SER A 1 68  ? -0.225  14.324  -10.937 1.00 17.91 ? 67  SER A N   1 
ATOM   493  C CA  . SER A 1 68  ? -1.407  14.654  -11.719 1.00 18.44 ? 67  SER A CA  1 
ATOM   494  C C   . SER A 1 68  ? -2.027  13.463  -12.435 1.00 20.24 ? 67  SER A C   1 
ATOM   495  O O   . SER A 1 68  ? -3.241  13.286  -12.411 1.00 22.56 ? 67  SER A O   1 
ATOM   496  C CB  . SER A 1 68  ? -1.066  15.724  -12.759 1.00 16.08 ? 67  SER A CB  1 
ATOM   497  O OG  . SER A 1 68  ? -0.694  16.938  -12.141 1.00 19.41 ? 67  SER A OG  1 
ATOM   498  N N   . ARG A 1 69  ? -1.183  12.664  -13.084 1.00 20.26 ? 68  ARG A N   1 
ATOM   499  C CA  . ARG A 1 69  ? -1.611  11.493  -13.836 1.00 20.55 ? 68  ARG A CA  1 
ATOM   500  C C   . ARG A 1 69  ? -0.717  10.326  -13.404 1.00 19.88 ? 68  ARG A C   1 
ATOM   501  O O   . ARG A 1 69  ? 0.454   10.266  -13.798 1.00 17.74 ? 68  ARG A O   1 
ATOM   502  C CB  . ARG A 1 69  ? -1.423  11.723  -15.342 1.00 23.18 ? 68  ARG A CB  1 
ATOM   503  C CG  . ARG A 1 69  ? -2.596  12.317  -16.114 1.00 34.31 ? 68  ARG A CG  1 
ATOM   504  C CD  . ARG A 1 69  ? -2.339  12.246  -17.642 1.00 38.49 ? 68  ARG A CD  1 
ATOM   505  N NE  . ARG A 1 69  ? -1.740  10.979  -18.067 1.00 46.07 ? 68  ARG A NE  1 
ATOM   506  C CZ  . ARG A 1 69  ? -0.466  10.820  -18.422 1.00 50.05 ? 68  ARG A CZ  1 
ATOM   507  N NH1 . ARG A 1 69  ? 0.367   11.856  -18.406 1.00 53.50 ? 68  ARG A NH1 1 
ATOM   508  N NH2 . ARG A 1 69  ? -0.022  9.620   -18.790 1.00 49.97 ? 68  ARG A NH2 1 
ATOM   509  N N   . MET A 1 70  ? -1.270  9.410   -12.609 1.00 18.10 ? 69  MET A N   1 
ATOM   510  C CA  . MET A 1 70  ? -0.521  8.255   -12.112 1.00 16.73 ? 69  MET A CA  1 
ATOM   511  C C   . MET A 1 70  ? -0.062  7.357   -13.248 1.00 15.31 ? 69  MET A C   1 
ATOM   512  O O   . MET A 1 70  ? -0.883  6.796   -13.983 1.00 16.38 ? 69  MET A O   1 
ATOM   513  C CB  . MET A 1 70  ? -1.373  7.460   -11.126 1.00 13.66 ? 69  MET A CB  1 
ATOM   514  C CG  . MET A 1 70  ? -0.610  6.384   -10.383 1.00 14.80 ? 69  MET A CG  1 
ATOM   515  S SD  . MET A 1 70  ? 0.781   7.005   -9.402  1.00 17.40 ? 69  MET A SD  1 
ATOM   516  C CE  . MET A 1 70  ? 1.826   5.557   -9.339  1.00 17.35 ? 69  MET A CE  1 
ATOM   517  N N   . THR A 1 71  ? 1.254   7.228   -13.384 1.00 16.11 ? 70  THR A N   1 
ATOM   518  C CA  . THR A 1 71  ? 1.835   6.404   -14.427 1.00 14.30 ? 70  THR A CA  1 
ATOM   519  C C   . THR A 1 71  ? 2.779   5.415   -13.763 1.00 15.40 ? 70  THR A C   1 
ATOM   520  O O   . THR A 1 71  ? 3.230   5.622   -12.635 1.00 12.68 ? 70  THR A O   1 
ATOM   521  C CB  . THR A 1 71  ? 2.575   7.270   -15.443 1.00 14.34 ? 70  THR A CB  1 
ATOM   522  O OG1 . THR A 1 71  ? 3.411   8.205   -14.761 1.00 16.42 ? 70  THR A OG1 1 
ATOM   523  C CG2 . THR A 1 71  ? 1.568   8.037   -16.306 1.00 17.29 ? 70  THR A CG2 1 
ATOM   524  N N   . GLN A 1 72  ? 3.074   4.323   -14.451 1.00 15.69 ? 71  GLN A N   1 
ATOM   525  C CA  . GLN A 1 72  ? 3.952   3.334   -13.848 1.00 17.89 ? 71  GLN A CA  1 
ATOM   526  C C   . GLN A 1 72  ? 5.342   3.878   -13.444 1.00 15.78 ? 71  GLN A C   1 
ATOM   527  O O   . GLN A 1 72  ? 5.954   3.331   -12.532 1.00 18.29 ? 71  GLN A O   1 
ATOM   528  C CB  . GLN A 1 72  ? 4.082   2.110   -14.758 1.00 17.94 ? 71  GLN A CB  1 
ATOM   529  C CG  . GLN A 1 72  ? 4.620   2.461   -16.104 1.00 17.22 ? 71  GLN A CG  1 
ATOM   530  C CD  . GLN A 1 72  ? 5.133   1.281   -16.894 1.00 18.47 ? 71  GLN A CD  1 
ATOM   531  O OE1 . GLN A 1 72  ? 5.959   1.465   -17.787 1.00 20.92 ? 71  GLN A OE1 1 
ATOM   532  N NE2 . GLN A 1 72  ? 4.658   0.082   -16.591 1.00 15.41 ? 71  GLN A NE2 1 
ATOM   533  N N   . ASP A 1 73  ? 5.848   4.949   -14.067 1.00 16.02 ? 72  ASP A N   1 
ATOM   534  C CA  . ASP A 1 73  ? 7.160   5.482   -13.661 1.00 17.35 ? 72  ASP A CA  1 
ATOM   535  C C   . ASP A 1 73  ? 7.170   6.124   -12.272 1.00 14.15 ? 72  ASP A C   1 
ATOM   536  O O   . ASP A 1 73  ? 8.236   6.414   -11.714 1.00 15.92 ? 72  ASP A O   1 
ATOM   537  C CB  . ASP A 1 73  ? 7.670   6.529   -14.656 1.00 21.17 ? 72  ASP A CB  1 
ATOM   538  C CG  . ASP A 1 73  ? 6.659   7.632   -14.904 1.00 27.89 ? 72  ASP A CG  1 
ATOM   539  O OD1 . ASP A 1 73  ? 5.597   7.297   -15.470 1.00 33.27 ? 72  ASP A OD1 1 
ATOM   540  O OD2 . ASP A 1 73  ? 6.908   8.805   -14.534 1.00 32.42 ? 72  ASP A OD2 1 
ATOM   541  N N   . LEU A 1 74  ? 5.982   6.388   -11.726 1.00 10.46 ? 73  LEU A N   1 
ATOM   542  C CA  . LEU A 1 74  ? 5.882   7.000   -10.398 1.00 10.07 ? 73  LEU A CA  1 
ATOM   543  C C   . LEU A 1 74  ? 5.432   5.983   -9.353  1.00 8.63  ? 73  LEU A C   1 
ATOM   544  O O   . LEU A 1 74  ? 5.225   6.336   -8.200  1.00 9.40  ? 73  LEU A O   1 
ATOM   545  C CB  . LEU A 1 74  ? 4.898   8.167   -10.422 1.00 10.90 ? 73  LEU A CB  1 
ATOM   546  C CG  . LEU A 1 74  ? 5.276   9.305   -11.360 1.00 13.34 ? 73  LEU A CG  1 
ATOM   547  C CD1 . LEU A 1 74  ? 4.115   10.297  -11.466 1.00 17.18 ? 73  LEU A CD1 1 
ATOM   548  C CD2 . LEU A 1 74  ? 6.541   9.997   -10.840 1.00 14.29 ? 73  LEU A CD2 1 
ATOM   549  N N   . ALA A 1 75  ? 5.283   4.730   -9.759  1.00 8.49  ? 74  ALA A N   1 
ATOM   550  C CA  . ALA A 1 75  ? 4.865   3.712   -8.811  1.00 8.58  ? 74  ALA A CA  1 
ATOM   551  C C   . ALA A 1 75  ? 6.101   3.117   -8.151  1.00 8.43  ? 74  ALA A C   1 
ATOM   552  O O   . ALA A 1 75  ? 7.153   2.967   -8.768  1.00 9.94  ? 74  ALA A O   1 
ATOM   553  C CB  . ALA A 1 75  ? 4.065   2.626   -9.508  1.00 9.18  ? 74  ALA A CB  1 
ATOM   554  N N   . GLY A 1 76  ? 5.979   2.766   -6.871  1.00 9.36  ? 75  GLY A N   1 
ATOM   555  C CA  . GLY A 1 76  ? 7.116   2.196   -6.176  1.00 9.28  ? 75  GLY A CA  1 
ATOM   556  C C   . GLY A 1 76  ? 7.008   2.408   -4.684  1.00 8.28  ? 75  GLY A C   1 
ATOM   557  O O   . GLY A 1 76  ? 5.982   2.826   -4.179  1.00 8.13  ? 75  GLY A O   1 
ATOM   558  N N   . THR A 1 77  ? 8.088   2.109   -3.986  1.00 7.45  ? 76  THR A N   1 
ATOM   559  C CA  . THR A 1 77  ? 8.120   2.274   -2.545  1.00 6.74  ? 76  THR A CA  1 
ATOM   560  C C   . THR A 1 77  ? 8.755   3.603   -2.204  1.00 6.73  ? 76  THR A C   1 
ATOM   561  O O   . THR A 1 77  ? 9.899   3.882   -2.563  1.00 8.54  ? 76  THR A O   1 
ATOM   562  C CB  . THR A 1 77  ? 8.920   1.154   -1.865  1.00 7.60  ? 76  THR A CB  1 
ATOM   563  O OG1 . THR A 1 77  ? 8.322   -0.104  -2.171  1.00 8.14  ? 76  THR A OG1 1 
ATOM   564  C CG2 . THR A 1 77  ? 8.946   1.369   -0.344  1.00 5.66  ? 76  THR A CG2 1 
ATOM   565  N N   . TYR A 1 78  ? 7.985   4.427   -1.495  1.00 4.04  ? 77  TYR A N   1 
ATOM   566  C CA  . TYR A 1 78  ? 8.442   5.738   -1.108  1.00 5.13  ? 77  TYR A CA  1 
ATOM   567  C C   . TYR A 1 78  ? 8.772   5.853   0.381   1.00 6.66  ? 77  TYR A C   1 
ATOM   568  O O   . TYR A 1 78  ? 8.140   5.190   1.218   1.00 6.81  ? 77  TYR A O   1 
ATOM   569  C CB  . TYR A 1 78  ? 7.359   6.756   -1.396  1.00 5.06  ? 77  TYR A CB  1 
ATOM   570  C CG  . TYR A 1 78  ? 7.164   7.092   -2.853  1.00 4.51  ? 77  TYR A CG  1 
ATOM   571  C CD1 . TYR A 1 78  ? 6.432   6.257   -3.686  1.00 4.61  ? 77  TYR A CD1 1 
ATOM   572  C CD2 . TYR A 1 78  ? 7.624   8.298   -3.362  1.00 6.05  ? 77  TYR A CD2 1 
ATOM   573  C CE1 . TYR A 1 78  ? 6.148   6.611   -5.011  1.00 6.37  ? 77  TYR A CE1 1 
ATOM   574  C CE2 . TYR A 1 78  ? 7.354   8.673   -4.685  1.00 6.75  ? 77  TYR A CE2 1 
ATOM   575  C CZ  . TYR A 1 78  ? 6.618   7.829   -5.486  1.00 7.42  ? 77  TYR A CZ  1 
ATOM   576  O OH  . TYR A 1 78  ? 6.345   8.229   -6.790  1.00 9.87  ? 77  TYR A OH  1 
ATOM   577  N N   . ARG A 1 79  ? 9.746   6.703   0.684   1.00 9.35  ? 78  ARG A N   1 
ATOM   578  C CA  . ARG A 1 79  ? 10.146  7.004   2.062   1.00 9.45  ? 78  ARG A CA  1 
ATOM   579  C C   . ARG A 1 79  ? 10.519  8.487   2.096   1.00 8.74  ? 78  ARG A C   1 
ATOM   580  O O   . ARG A 1 79  ? 11.076  9.035   1.131   1.00 8.02  ? 78  ARG A O   1 
ATOM   581  C CB  . ARG A 1 79  ? 11.371  6.186   2.502   1.00 11.67 ? 78  ARG A CB  1 
ATOM   582  C CG  . ARG A 1 79  ? 11.151  4.697   2.581   1.00 10.67 ? 78  ARG A CG  1 
ATOM   583  C CD  . ARG A 1 79  ? 12.476  4.015   2.869   1.00 9.46  ? 78  ARG A CD  1 
ATOM   584  N NE  . ARG A 1 79  ? 12.276  2.600   3.156   1.00 13.18 ? 78  ARG A NE  1 
ATOM   585  C CZ  . ARG A 1 79  ? 12.226  1.664   2.219   1.00 13.30 ? 78  ARG A CZ  1 
ATOM   586  N NH1 . ARG A 1 79  ? 12.364  2.004   0.940   1.00 13.47 ? 78  ARG A NH1 1 
ATOM   587  N NH2 . ARG A 1 79  ? 12.005  0.403   2.560   1.00 13.01 ? 78  ARG A NH2 1 
ATOM   588  N N   . CYS A 1 80  ? 10.201  9.138   3.207   1.00 10.11 ? 79  CYS A N   1 
ATOM   589  C CA  . CYS A 1 80  ? 10.524  10.540  3.359   1.00 14.76 ? 79  CYS A CA  1 
ATOM   590  C C   . CYS A 1 80  ? 11.546  10.787  4.476   1.00 15.64 ? 79  CYS A C   1 
ATOM   591  O O   . CYS A 1 80  ? 11.559  10.092  5.503   1.00 12.29 ? 79  CYS A O   1 
ATOM   592  C CB  . CYS A 1 80  ? 9.259   11.346  3.654   1.00 17.91 ? 79  CYS A CB  1 
ATOM   593  S SG  . CYS A 1 80  ? 9.491   13.076  3.071   1.00 33.98 ? 79  CYS A SG  1 
ATOM   594  N N   . TYR A 1 81  ? 12.427  11.754  4.253   1.00 15.63 ? 80  TYR A N   1 
ATOM   595  C CA  . TYR A 1 81  ? 13.428  12.121  5.250   1.00 16.25 ? 80  TYR A CA  1 
ATOM   596  C C   . TYR A 1 81  ? 13.310  13.616  5.479   1.00 19.76 ? 80  TYR A C   1 
ATOM   597  O O   . TYR A 1 81  ? 13.017  14.374  4.552   1.00 15.35 ? 80  TYR A O   1 
ATOM   598  C CB  . TYR A 1 81  ? 14.861  11.840  4.793   1.00 18.11 ? 80  TYR A CB  1 
ATOM   599  C CG  . TYR A 1 81  ? 15.153  10.427  4.387   1.00 19.97 ? 80  TYR A CG  1 
ATOM   600  C CD1 . TYR A 1 81  ? 14.773  9.958   3.122   1.00 18.81 ? 80  TYR A CD1 1 
ATOM   601  C CD2 . TYR A 1 81  ? 15.836  9.551   5.251   1.00 16.13 ? 80  TYR A CD2 1 
ATOM   602  C CE1 . TYR A 1 81  ? 15.048  8.653   2.735   1.00 13.81 ? 80  TYR A CE1 1 
ATOM   603  C CE2 . TYR A 1 81  ? 16.112  8.246   4.865   1.00 14.23 ? 80  TYR A CE2 1 
ATOM   604  C CZ  . TYR A 1 81  ? 15.720  7.807   3.602   1.00 13.74 ? 80  TYR A CZ  1 
ATOM   605  O OH  . TYR A 1 81  ? 15.966  6.523   3.176   1.00 17.79 ? 80  TYR A OH  1 
ATOM   606  N N   . GLY A 1 82  ? 13.515  14.056  6.718   1.00 19.65 ? 81  GLY A N   1 
ATOM   607  C CA  . GLY A 1 82  ? 13.461  15.486  6.968   1.00 19.57 ? 81  GLY A CA  1 
ATOM   608  C C   . GLY A 1 82  ? 14.886  15.985  7.070   1.00 19.21 ? 81  GLY A C   1 
ATOM   609  O O   . GLY A 1 82  ? 15.773  15.216  7.409   1.00 20.90 ? 81  GLY A O   1 
ATOM   610  N N   . SER A 1 83  ? 15.141  17.246  6.741   1.00 20.92 ? 82  SER A N   1 
ATOM   611  C CA  . SER A 1 83  ? 16.490  17.761  6.920   1.00 23.01 ? 82  SER A CA  1 
ATOM   612  C C   . SER A 1 83  ? 16.499  19.250  7.267   1.00 24.90 ? 82  SER A C   1 
ATOM   613  O O   . SER A 1 83  ? 15.482  19.937  7.158   1.00 22.13 ? 82  SER A O   1 
ATOM   614  C CB  . SER A 1 83  ? 17.386  17.488  5.688   1.00 25.05 ? 82  SER A CB  1 
ATOM   615  O OG  . SER A 1 83  ? 17.199  18.431  4.628   1.00 23.29 ? 82  SER A OG  1 
ATOM   616  N N   . VAL A 1 84  ? 17.652  19.720  7.731   1.00 29.02 ? 83  VAL A N   1 
ATOM   617  C CA  . VAL A 1 84  ? 17.848  21.125  8.069   1.00 28.91 ? 83  VAL A CA  1 
ATOM   618  C C   . VAL A 1 84  ? 19.160  21.581  7.429   1.00 29.80 ? 83  VAL A C   1 
ATOM   619  O O   . VAL A 1 84  ? 20.122  20.816  7.281   1.00 24.33 ? 83  VAL A O   1 
ATOM   620  C CB  . VAL A 1 84  ? 17.817  21.381  9.613   1.00 25.99 ? 83  VAL A CB  1 
ATOM   621  C CG1 . VAL A 1 84  ? 16.367  21.365  10.085  1.00 27.52 ? 83  VAL A CG1 1 
ATOM   622  C CG2 . VAL A 1 84  ? 18.607  20.327  10.376  1.00 30.18 ? 83  VAL A CG2 1 
ATOM   623  N N   . THR A 1 85  ? 19.184  22.837  7.009   1.00 35.15 ? 84  THR A N   1 
ATOM   624  C CA  . THR A 1 85  ? 20.342  23.366  6.318   1.00 39.60 ? 84  THR A CA  1 
ATOM   625  C C   . THR A 1 85  ? 21.619  23.575  7.132   1.00 41.15 ? 84  THR A C   1 
ATOM   626  O O   . THR A 1 85  ? 22.710  23.601  6.558   1.00 41.30 ? 84  THR A O   1 
ATOM   627  C CB  . THR A 1 85  ? 19.973  24.686  5.574   1.00 41.43 ? 84  THR A CB  1 
ATOM   628  O OG1 . THR A 1 85  ? 20.026  25.801  6.483   1.00 45.63 ? 84  THR A OG1 1 
ATOM   629  C CG2 . THR A 1 85  ? 18.548  24.580  4.974   1.00 41.07 ? 84  THR A CG2 1 
ATOM   630  N N   . HIS A 1 86  ? 21.516  23.716  8.450   1.00 43.17 ? 85  HIS A N   1 
ATOM   631  C CA  . HIS A 1 86  ? 22.724  23.899  9.242   1.00 45.39 ? 85  HIS A CA  1 
ATOM   632  C C   . HIS A 1 86  ? 23.490  22.574  9.326   1.00 46.92 ? 85  HIS A C   1 
ATOM   633  O O   . HIS A 1 86  ? 24.622  22.532  9.825   1.00 47.22 ? 85  HIS A O   1 
ATOM   634  C CB  . HIS A 1 86  ? 22.365  24.423  10.627  1.00 48.58 ? 85  HIS A CB  1 
ATOM   635  C CG  . HIS A 1 86  ? 21.716  23.400  11.504  1.00 52.27 ? 85  HIS A CG  1 
ATOM   636  N ND1 . HIS A 1 86  ? 20.362  23.381  11.750  1.00 53.96 ? 85  HIS A ND1 1 
ATOM   637  C CD2 . HIS A 1 86  ? 22.239  22.346  12.172  1.00 53.98 ? 85  HIS A CD2 1 
ATOM   638  C CE1 . HIS A 1 86  ? 20.075  22.354  12.533  1.00 52.52 ? 85  HIS A CE1 1 
ATOM   639  N NE2 . HIS A 1 86  ? 21.196  21.710  12.802  1.00 54.72 ? 85  HIS A NE2 1 
ATOM   640  N N   . SER A 1 87  ? 22.851  21.503  8.834   1.00 45.93 ? 86  SER A N   1 
ATOM   641  C CA  . SER A 1 87  ? 23.426  20.151  8.766   1.00 45.81 ? 86  SER A CA  1 
ATOM   642  C C   . SER A 1 87  ? 23.065  19.625  7.376   1.00 45.04 ? 86  SER A C   1 
ATOM   643  O O   . SER A 1 87  ? 22.210  18.752  7.235   1.00 44.00 ? 86  SER A O   1 
ATOM   644  C CB  . SER A 1 87  ? 22.833  19.213  9.834   1.00 45.59 ? 86  SER A CB  1 
ATOM   645  O OG  . SER A 1 87  ? 21.484  19.527  10.105  1.00 49.85 ? 86  SER A OG  1 
ATOM   646  N N   . PRO A 1 88  ? 23.713  20.157  6.332   1.00 46.05 ? 87  PRO A N   1 
ATOM   647  C CA  . PRO A 1 88  ? 23.430  19.729  4.958   1.00 44.68 ? 87  PRO A CA  1 
ATOM   648  C C   . PRO A 1 88  ? 23.728  18.284  4.597   1.00 41.92 ? 87  PRO A C   1 
ATOM   649  O O   . PRO A 1 88  ? 23.073  17.715  3.716   1.00 41.54 ? 87  PRO A O   1 
ATOM   650  C CB  . PRO A 1 88  ? 24.262  20.682  4.109   1.00 45.53 ? 87  PRO A CB  1 
ATOM   651  C CG  . PRO A 1 88  ? 25.396  21.070  5.022   1.00 48.00 ? 87  PRO A CG  1 
ATOM   652  C CD  . PRO A 1 88  ? 24.758  21.197  6.377   1.00 47.20 ? 87  PRO A CD  1 
ATOM   653  N N   . TYR A 1 89  ? 24.711  17.691  5.261   1.00 39.03 ? 88  TYR A N   1 
ATOM   654  C CA  . TYR A 1 89  ? 25.123  16.330  4.931   1.00 35.60 ? 88  TYR A CA  1 
ATOM   655  C C   . TYR A 1 89  ? 24.584  15.218  5.832   1.00 34.29 ? 88  TYR A C   1 
ATOM   656  O O   . TYR A 1 89  ? 25.109  14.096  5.823   1.00 32.18 ? 88  TYR A O   1 
ATOM   657  C CB  . TYR A 1 89  ? 26.653  16.275  4.879   1.00 36.47 ? 88  TYR A CB  1 
ATOM   658  C CG  . TYR A 1 89  ? 27.292  17.462  4.169   1.00 38.51 ? 88  TYR A CG  1 
ATOM   659  C CD1 . TYR A 1 89  ? 26.674  18.065  3.066   1.00 38.50 ? 88  TYR A CD1 1 
ATOM   660  C CD2 . TYR A 1 89  ? 28.520  17.977  4.593   1.00 40.12 ? 88  TYR A CD2 1 
ATOM   661  C CE1 . TYR A 1 89  ? 27.256  19.149  2.411   1.00 37.54 ? 88  TYR A CE1 1 
ATOM   662  C CE2 . TYR A 1 89  ? 29.111  19.063  3.939   1.00 40.55 ? 88  TYR A CE2 1 
ATOM   663  C CZ  . TYR A 1 89  ? 28.471  19.637  2.849   1.00 40.28 ? 88  TYR A CZ  1 
ATOM   664  O OH  . TYR A 1 89  ? 29.034  20.703  2.191   1.00 43.33 ? 88  TYR A OH  1 
ATOM   665  N N   . GLN A 1 90  ? 23.527  15.523  6.580   1.00 31.55 ? 89  GLN A N   1 
ATOM   666  C CA  . GLN A 1 90  ? 22.890  14.558  7.480   1.00 32.89 ? 89  GLN A CA  1 
ATOM   667  C C   . GLN A 1 90  ? 21.365  14.688  7.289   1.00 30.97 ? 89  GLN A C   1 
ATOM   668  O O   . GLN A 1 90  ? 20.879  15.780  6.988   1.00 30.59 ? 89  GLN A O   1 
ATOM   669  C CB  . GLN A 1 90  ? 23.267  14.886  8.946   1.00 35.75 ? 89  GLN A CB  1 
ATOM   670  C CG  . GLN A 1 90  ? 24.778  14.896  9.280   1.00 41.68 ? 89  GLN A CG  1 
ATOM   671  C CD  . GLN A 1 90  ? 25.397  16.295  9.394   1.00 48.13 ? 89  GLN A CD  1 
ATOM   672  O OE1 . GLN A 1 90  ? 25.819  16.890  8.393   1.00 49.65 ? 89  GLN A OE1 1 
ATOM   673  N NE2 . GLN A 1 90  ? 25.459  16.825  10.619  1.00 48.49 ? 89  GLN A NE2 1 
ATOM   674  N N   . VAL A 1 91  ? 20.615  13.593  7.430   1.00 27.69 ? 90  VAL A N   1 
ATOM   675  C CA  . VAL A 1 91  ? 19.146  13.650  7.326   1.00 25.54 ? 90  VAL A CA  1 
ATOM   676  C C   . VAL A 1 91  ? 18.528  12.850  8.482   1.00 20.86 ? 90  VAL A C   1 
ATOM   677  O O   . VAL A 1 91  ? 19.242  12.135  9.173   1.00 23.93 ? 90  VAL A O   1 
ATOM   678  C CB  . VAL A 1 91  ? 18.567  13.021  6.012   1.00 27.34 ? 90  VAL A CB  1 
ATOM   679  C CG1 . VAL A 1 91  ? 18.438  14.068  4.923   1.00 29.35 ? 90  VAL A CG1 1 
ATOM   680  C CG2 . VAL A 1 91  ? 19.408  11.858  5.575   1.00 28.42 ? 90  VAL A CG2 1 
ATOM   681  N N   . SER A 1 92  ? 17.220  12.992  8.668   1.00 17.63 ? 91  SER A N   1 
ATOM   682  C CA  . SER A 1 92  ? 16.476  12.281  9.711   1.00 17.64 ? 91  SER A CA  1 
ATOM   683  C C   . SER A 1 92  ? 16.433  10.789  9.385   1.00 19.08 ? 91  SER A C   1 
ATOM   684  O O   . SER A 1 92  ? 16.876  10.372  8.308   1.00 19.35 ? 91  SER A O   1 
ATOM   685  C CB  . SER A 1 92  ? 15.032  12.784  9.800   1.00 18.57 ? 91  SER A CB  1 
ATOM   686  O OG  . SER A 1 92  ? 14.185  12.194  8.808   1.00 18.51 ? 91  SER A OG  1 
ATOM   687  N N   . ALA A 1 93  ? 15.893  9.987   10.310  1.00 19.47 ? 92  ALA A N   1 
ATOM   688  C CA  . ALA A 1 93  ? 15.727  8.556   10.061  1.00 19.00 ? 92  ALA A CA  1 
ATOM   689  C C   . ALA A 1 93  ? 14.578  8.572   9.068   1.00 17.72 ? 92  ALA A C   1 
ATOM   690  O O   . ALA A 1 93  ? 13.783  9.521   9.047   1.00 14.97 ? 92  ALA A O   1 
ATOM   691  C CB  . ALA A 1 93  ? 15.309  7.816   11.317  1.00 18.41 ? 92  ALA A CB  1 
ATOM   692  N N   . PRO A 1 94  ? 14.465  7.521   8.246   1.00 16.93 ? 93  PRO A N   1 
ATOM   693  C CA  . PRO A 1 94  ? 13.387  7.446   7.250   1.00 17.10 ? 93  PRO A CA  1 
ATOM   694  C C   . PRO A 1 94  ? 11.979  7.181   7.800   1.00 13.91 ? 93  PRO A C   1 
ATOM   695  O O   . PRO A 1 94  ? 11.805  6.469   8.784   1.00 14.18 ? 93  PRO A O   1 
ATOM   696  C CB  . PRO A 1 94  ? 13.817  6.289   6.357   1.00 14.97 ? 93  PRO A CB  1 
ATOM   697  C CG  . PRO A 1 94  ? 14.571  5.392   7.322   1.00 14.76 ? 93  PRO A CG  1 
ATOM   698  C CD  . PRO A 1 94  ? 15.375  6.365   8.153   1.00 17.91 ? 93  PRO A CD  1 
ATOM   699  N N   . SER A 1 95  ? 10.979  7.729   7.121   1.00 12.11 ? 94  SER A N   1 
ATOM   700  C CA  . SER A 1 95  ? 9.598   7.488   7.472   1.00 10.30 ? 94  SER A CA  1 
ATOM   701  C C   . SER A 1 95  ? 9.387   6.019   7.132   1.00 10.72 ? 94  SER A C   1 
ATOM   702  O O   . SER A 1 95  ? 10.187  5.423   6.420   1.00 10.80 ? 94  SER A O   1 
ATOM   703  C CB  . SER A 1 95  ? 8.657   8.309   6.583   1.00 11.12 ? 94  SER A CB  1 
ATOM   704  O OG  . SER A 1 95  ? 8.682   7.812   5.240   1.00 11.14 ? 94  SER A OG  1 
ATOM   705  N N   . ASP A 1 96  ? 8.290   5.449   7.619   1.00 12.53 ? 95  ASP A N   1 
ATOM   706  C CA  . ASP A 1 96  ? 7.973   4.072   7.276   1.00 10.25 ? 95  ASP A CA  1 
ATOM   707  C C   . ASP A 1 96  ? 7.748   4.131   5.759   1.00 11.31 ? 95  ASP A C   1 
ATOM   708  O O   . ASP A 1 96  ? 7.279   5.154   5.237   1.00 10.67 ? 95  ASP A O   1 
ATOM   709  C CB  . ASP A 1 96  ? 6.688   3.613   7.942   1.00 9.38  ? 95  ASP A CB  1 
ATOM   710  C CG  . ASP A 1 96  ? 6.798   3.607   9.454   1.00 12.31 ? 95  ASP A CG  1 
ATOM   711  O OD1 . ASP A 1 96  ? 7.917   3.791   9.949   1.00 15.16 ? 95  ASP A OD1 1 
ATOM   712  O OD2 . ASP A 1 96  ? 5.757   3.426   10.096  1.00 18.39 ? 95  ASP A OD2 1 
ATOM   713  N N   . PRO A 1 97  ? 8.013   3.027   5.066   1.00 12.34 ? 96  PRO A N   1 
ATOM   714  C CA  . PRO A 1 97  ? 7.849   2.963   3.605   1.00 11.83 ? 96  PRO A CA  1 
ATOM   715  C C   . PRO A 1 97  ? 6.372   2.994   3.252   1.00 13.50 ? 96  PRO A C   1 
ATOM   716  O O   . PRO A 1 97  ? 5.520   2.546   4.034   1.00 14.05 ? 96  PRO A O   1 
ATOM   717  C CB  . PRO A 1 97  ? 8.474   1.632   3.234   1.00 10.66 ? 96  PRO A CB  1 
ATOM   718  C CG  . PRO A 1 97  ? 8.219   0.792   4.469   1.00 9.32  ? 96  PRO A CG  1 
ATOM   719  C CD  . PRO A 1 97  ? 8.475   1.736   5.608   1.00 9.10  ? 96  PRO A CD  1 
ATOM   720  N N   . LEU A 1 98  ? 6.062   3.524   2.070   1.00 11.83 ? 97  LEU A N   1 
ATOM   721  C CA  . LEU A 1 98  ? 4.685   3.601   1.585   1.00 12.09 ? 97  LEU A CA  1 
ATOM   722  C C   . LEU A 1 98  ? 4.696   3.184   0.117   1.00 8.40  ? 97  LEU A C   1 
ATOM   723  O O   . LEU A 1 98  ? 5.318   3.853   -0.693  1.00 8.84  ? 97  LEU A O   1 
ATOM   724  C CB  . LEU A 1 98  ? 4.154   5.032   1.700   1.00 14.68 ? 97  LEU A CB  1 
ATOM   725  C CG  . LEU A 1 98  ? 2.700   5.217   1.237   1.00 12.76 ? 97  LEU A CG  1 
ATOM   726  C CD1 . LEU A 1 98  ? 1.810   4.268   2.004   1.00 17.70 ? 97  LEU A CD1 1 
ATOM   727  C CD2 . LEU A 1 98  ? 2.272   6.655   1.456   1.00 15.31 ? 97  LEU A CD2 1 
ATOM   728  N N   . ASP A 1 99  ? 4.024   2.096   -0.206  1.00 9.30  ? 98  ASP A N   1 
ATOM   729  C CA  . ASP A 1 99  ? 3.972   1.643   -1.576  1.00 9.11  ? 98  ASP A CA  1 
ATOM   730  C C   . ASP A 1 99  ? 2.848   2.342   -2.330  1.00 10.15 ? 98  ASP A C   1 
ATOM   731  O O   . ASP A 1 99  ? 1.671   2.227   -1.972  1.00 9.11  ? 98  ASP A O   1 
ATOM   732  C CB  . ASP A 1 99  ? 3.740   0.135   -1.648  1.00 12.26 ? 98  ASP A CB  1 
ATOM   733  C CG  . ASP A 1 99  ? 4.983   -0.690  -1.318  1.00 6.96  ? 98  ASP A CG  1 
ATOM   734  O OD1 . ASP A 1 99  ? 6.039   -0.129  -0.978  1.00 10.66 ? 98  ASP A OD1 1 
ATOM   735  O OD2 . ASP A 1 99  ? 4.893   -1.927  -1.395  1.00 15.52 ? 98  ASP A OD2 1 
ATOM   736  N N   . ILE A 1 100 ? 3.224   3.093   -3.361  1.00 9.64  ? 99  ILE A N   1 
ATOM   737  C CA  . ILE A 1 100 ? 2.251   3.772   -4.204  1.00 8.30  ? 99  ILE A CA  1 
ATOM   738  C C   . ILE A 1 100 ? 2.112   2.819   -5.385  1.00 10.13 ? 99  ILE A C   1 
ATOM   739  O O   . ILE A 1 100 ? 3.049   2.574   -6.156  1.00 8.68  ? 99  ILE A O   1 
ATOM   740  C CB  . ILE A 1 100 ? 2.774   5.156   -4.643  1.00 8.57  ? 99  ILE A CB  1 
ATOM   741  C CG1 . ILE A 1 100 ? 3.041   6.020   -3.390  1.00 8.97  ? 99  ILE A CG1 1 
ATOM   742  C CG2 . ILE A 1 100 ? 1.773   5.816   -5.578  1.00 9.67  ? 99  ILE A CG2 1 
ATOM   743  C CD1 . ILE A 1 100 ? 1.820   6.279   -2.484  1.00 10.31 ? 99  ILE A CD1 1 
ATOM   744  N N   . VAL A 1 101 ? 0.911   2.288   -5.500  1.00 8.82  ? 100 VAL A N   1 
ATOM   745  C CA  . VAL A 1 101 ? 0.582   1.289   -6.488  1.00 9.34  ? 100 VAL A CA  1 
ATOM   746  C C   . VAL A 1 101 ? -0.507  1.741   -7.458  1.00 9.69  ? 100 VAL A C   1 
ATOM   747  O O   . VAL A 1 101 ? -1.381  2.537   -7.099  1.00 11.00 ? 100 VAL A O   1 
ATOM   748  C CB  . VAL A 1 101 ? 0.082   0.022   -5.743  1.00 8.60  ? 100 VAL A CB  1 
ATOM   749  C CG1 . VAL A 1 101 ? -0.295  -1.098  -6.706  1.00 12.86 ? 100 VAL A CG1 1 
ATOM   750  C CG2 . VAL A 1 101 ? 1.141   -0.414  -4.749  1.00 9.86  ? 100 VAL A CG2 1 
ATOM   751  N N   . ILE A 1 102 ? -0.457  1.220   -8.684  1.00 10.57 ? 101 ILE A N   1 
ATOM   752  C CA  . ILE A 1 102 ? -1.493  1.524   -9.671  1.00 11.65 ? 101 ILE A CA  1 
ATOM   753  C C   . ILE A 1 102 ? -2.409  0.312   -9.664  1.00 11.65 ? 101 ILE A C   1 
ATOM   754  O O   . ILE A 1 102 ? -1.976  -0.807  -9.938  1.00 12.77 ? 101 ILE A O   1 
ATOM   755  C CB  . ILE A 1 102 ? -0.948  1.658   -11.083 1.00 16.05 ? 101 ILE A CB  1 
ATOM   756  C CG1 . ILE A 1 102 ? 0.070   2.803   -11.154 1.00 19.60 ? 101 ILE A CG1 1 
ATOM   757  C CG2 . ILE A 1 102 ? -2.107  1.911   -12.041 1.00 15.18 ? 101 ILE A CG2 1 
ATOM   758  C CD1 . ILE A 1 102 ? 0.868   2.803   -12.437 1.00 18.74 ? 101 ILE A CD1 1 
ATOM   759  N N   . ILE A 1 103 ? -3.679  0.548   -9.350  1.00 13.03 ? 102 ILE A N   1 
ATOM   760  C CA  . ILE A 1 103 ? -4.679  -0.503  -9.308  1.00 13.14 ? 102 ILE A CA  1 
ATOM   761  C C   . ILE A 1 103 ? -5.719  -0.342  -10.422 1.00 16.21 ? 102 ILE A C   1 
ATOM   762  O O   . ILE A 1 103 ? -5.702  0.652   -11.156 1.00 16.13 ? 102 ILE A O   1 
ATOM   763  C CB  . ILE A 1 103 ? -5.426  -0.521  -7.947  1.00 11.77 ? 102 ILE A CB  1 
ATOM   764  C CG1 . ILE A 1 103 ? -6.273  0.744   -7.754  1.00 12.67 ? 102 ILE A CG1 1 
ATOM   765  C CG2 . ILE A 1 103 ? -4.418  -0.658  -6.833  1.00 13.90 ? 102 ILE A CG2 1 
ATOM   766  C CD1 . ILE A 1 103 ? -7.163  0.743   -6.482  1.00 11.52 ? 102 ILE A CD1 1 
ATOM   767  N N   . GLY A 1 104 ? -6.603  -1.330  -10.532 1.00 15.31 ? 103 GLY A N   1 
ATOM   768  C CA  . GLY A 1 104 ? -7.668  -1.292  -11.518 1.00 17.21 ? 103 GLY A CA  1 
ATOM   769  C C   . GLY A 1 104 ? -7.286  -1.674  -12.947 1.00 18.01 ? 103 GLY A C   1 
ATOM   770  O O   . GLY A 1 104 ? -8.057  -1.439  -13.876 1.00 20.84 ? 103 GLY A O   1 
ATOM   771  N N   . LEU A 1 105 ? -6.120  -2.286  -13.114 1.00 19.37 ? 104 LEU A N   1 
ATOM   772  C CA  . LEU A 1 105 ? -5.604  -2.691  -14.410 1.00 20.81 ? 104 LEU A CA  1 
ATOM   773  C C   . LEU A 1 105 ? -6.001  -4.046  -14.953 1.00 21.75 ? 104 LEU A C   1 
ATOM   774  O O   . LEU A 1 105 ? -5.781  -4.347  -16.141 1.00 22.40 ? 104 LEU A O   1 
ATOM   775  C CB  . LEU A 1 105 ? -4.089  -2.659  -14.392 1.00 20.40 ? 104 LEU A CB  1 
ATOM   776  C CG  . LEU A 1 105 ? -3.364  -1.398  -13.995 1.00 22.09 ? 104 LEU A CG  1 
ATOM   777  C CD1 . LEU A 1 105 ? -1.890  -1.722  -13.742 1.00 20.43 ? 104 LEU A CD1 1 
ATOM   778  C CD2 . LEU A 1 105 ? -3.518  -0.389  -15.120 1.00 24.23 ? 104 LEU A CD2 1 
ATOM   779  N N   . TYR A 1 106 ? -6.563  -4.872  -14.090 1.00 20.14 ? 105 TYR A N   1 
ATOM   780  C CA  . TYR A 1 106 ? -6.921  -6.202  -14.501 1.00 20.90 ? 105 TYR A CA  1 
ATOM   781  C C   . TYR A 1 106 ? -8.208  -6.614  -13.792 1.00 20.62 ? 105 TYR A C   1 
ATOM   782  O O   . TYR A 1 106 ? -8.668  -5.934  -12.870 1.00 20.51 ? 105 TYR A O   1 
ATOM   783  C CB  . TYR A 1 106 ? -5.766  -7.145  -14.138 1.00 19.38 ? 105 TYR A CB  1 
ATOM   784  C CG  . TYR A 1 106 ? -4.378  -6.747  -14.657 1.00 20.82 ? 105 TYR A CG  1 
ATOM   785  C CD1 . TYR A 1 106 ? -4.106  -6.733  -16.034 1.00 23.42 ? 105 TYR A CD1 1 
ATOM   786  C CD2 . TYR A 1 106 ? -3.333  -6.402  -13.781 1.00 23.48 ? 105 TYR A CD2 1 
ATOM   787  C CE1 . TYR A 1 106 ? -2.848  -6.385  -16.527 1.00 26.08 ? 105 TYR A CE1 1 
ATOM   788  C CE2 . TYR A 1 106 ? -2.053  -6.048  -14.279 1.00 23.80 ? 105 TYR A CE2 1 
ATOM   789  C CZ  . TYR A 1 106 ? -1.826  -6.045  -15.647 1.00 26.62 ? 105 TYR A CZ  1 
ATOM   790  O OH  . TYR A 1 106 ? -0.612  -5.706  -16.220 1.00 27.69 ? 105 TYR A OH  1 
ATOM   791  N N   . GLU A 1 107 ? -8.771  -7.739  -14.228 1.00 22.17 ? 106 GLU A N   1 
ATOM   792  C CA  . GLU A 1 107 ? -9.995  -8.275  -13.656 1.00 23.07 ? 106 GLU A CA  1 
ATOM   793  C C   . GLU A 1 107 ? -9.918  -8.487  -12.162 1.00 21.49 ? 106 GLU A C   1 
ATOM   794  O O   . GLU A 1 107 ? -8.974  -9.096  -11.657 1.00 19.30 ? 106 GLU A O   1 
ATOM   795  C CB  . GLU A 1 107 ? -10.332 -9.607  -14.284 1.00 27.01 ? 106 GLU A CB  1 
ATOM   796  C CG  . GLU A 1 107 ? -11.789 -9.898  -14.169 1.00 37.91 ? 106 GLU A CG  1 
ATOM   797  C CD  . GLU A 1 107 ? -12.470 -9.846  -15.516 1.00 41.91 ? 106 GLU A CD  1 
ATOM   798  O OE1 . GLU A 1 107 ? -12.002 -9.093  -16.409 1.00 43.32 ? 106 GLU A OE1 1 
ATOM   799  O OE2 . GLU A 1 107 ? -13.477 -10.567 -15.682 1.00 43.43 ? 106 GLU A OE2 1 
ATOM   800  N N   . LYS A 1 108 ? -10.931 -8.019  -11.451 1.00 22.47 ? 107 LYS A N   1 
ATOM   801  C CA  . LYS A 1 108 ? -10.916 -8.202  -10.013 1.00 22.58 ? 107 LYS A CA  1 
ATOM   802  C C   . LYS A 1 108 ? -10.994 -9.668  -9.603  1.00 24.19 ? 107 LYS A C   1 
ATOM   803  O O   . LYS A 1 108 ? -11.727 -10.478 -10.192 1.00 25.65 ? 107 LYS A O   1 
ATOM   804  C CB  . LYS A 1 108 ? -12.056 -7.429  -9.368  1.00 25.48 ? 107 LYS A CB  1 
ATOM   805  C CG  . LYS A 1 108 ? -13.397 -8.091  -9.530  1.00 24.30 ? 107 LYS A CG  1 
ATOM   806  C CD  . LYS A 1 108 ? -14.478 -7.317  -8.847  1.00 23.95 ? 107 LYS A CD  1 
ATOM   807  C CE  . LYS A 1 108 ? -15.796 -8.041  -9.007  1.00 30.53 ? 107 LYS A CE  1 
ATOM   808  N NZ  . LYS A 1 108 ? -16.946 -7.175  -8.631  1.00 34.70 ? 107 LYS A NZ  1 
ATOM   809  N N   . PRO A 1 109 ? -10.201 -10.039 -8.592  1.00 21.78 ? 108 PRO A N   1 
ATOM   810  C CA  . PRO A 1 109 ? -10.226 -11.425 -8.123  1.00 19.48 ? 108 PRO A CA  1 
ATOM   811  C C   . PRO A 1 109 ? -11.416 -11.587 -7.177  1.00 17.39 ? 108 PRO A C   1 
ATOM   812  O O   . PRO A 1 109 ? -12.166 -10.632 -6.949  1.00 18.18 ? 108 PRO A O   1 
ATOM   813  C CB  . PRO A 1 109 ? -8.891  -11.593 -7.387  1.00 19.72 ? 108 PRO A CB  1 
ATOM   814  C CG  . PRO A 1 109 ? -8.302  -10.199 -7.261  1.00 20.86 ? 108 PRO A CG  1 
ATOM   815  C CD  . PRO A 1 109 ? -9.242  -9.196  -7.850  1.00 18.07 ? 108 PRO A CD  1 
ATOM   816  N N   . SER A 1 110 ? -11.568 -12.798 -6.642  1.00 18.94 ? 109 SER A N   1 
ATOM   817  C CA  . SER A 1 110 ? -12.623 -13.146 -5.696  1.00 21.00 ? 109 SER A CA  1 
ATOM   818  C C   . SER A 1 110 ? -11.987 -13.307 -4.339  1.00 18.46 ? 109 SER A C   1 
ATOM   819  O O   . SER A 1 110 ? -10.882 -13.834 -4.240  1.00 18.54 ? 109 SER A O   1 
ATOM   820  C CB  . SER A 1 110 ? -13.259 -14.482 -6.066  1.00 19.11 ? 109 SER A CB  1 
ATOM   821  O OG  . SER A 1 110 ? -14.321 -14.287 -6.972  1.00 30.04 ? 109 SER A OG  1 
ATOM   822  N N   . LEU A 1 111 ? -12.683 -12.874 -3.296  1.00 18.13 ? 110 LEU A N   1 
ATOM   823  C CA  . LEU A 1 111 ? -12.141 -12.998 -1.936  1.00 16.74 ? 110 LEU A CA  1 
ATOM   824  C C   . LEU A 1 111 ? -13.152 -13.731 -1.059  1.00 18.15 ? 110 LEU A C   1 
ATOM   825  O O   . LEU A 1 111 ? -14.293 -13.298 -0.953  1.00 17.26 ? 110 LEU A O   1 
ATOM   826  C CB  . LEU A 1 111 ? -11.879 -11.602 -1.355  1.00 16.15 ? 110 LEU A CB  1 
ATOM   827  C CG  . LEU A 1 111 ? -11.310 -11.470 0.067   1.00 15.66 ? 110 LEU A CG  1 
ATOM   828  C CD1 . LEU A 1 111 ? -9.976  -12.194 0.190   1.00 10.01 ? 110 LEU A CD1 1 
ATOM   829  C CD2 . LEU A 1 111 ? -11.145 -9.984  0.375   1.00 14.55 ? 110 LEU A CD2 1 
ATOM   830  N N   . SER A 1 112 ? -12.749 -14.836 -0.446  1.00 17.26 ? 111 SER A N   1 
ATOM   831  C CA  . SER A 1 112 ? -13.671 -15.568 0.416   1.00 20.78 ? 111 SER A CA  1 
ATOM   832  C C   . SER A 1 112 ? -12.991 -15.951 1.718   1.00 20.82 ? 111 SER A C   1 
ATOM   833  O O   . SER A 1 112 ? -11.758 -16.013 1.801   1.00 20.39 ? 111 SER A O   1 
ATOM   834  C CB  . SER A 1 112 ? -14.196 -16.822 -0.288  1.00 19.18 ? 111 SER A CB  1 
ATOM   835  O OG  . SER A 1 112 ? -13.128 -17.701 -0.562  1.00 22.60 ? 111 SER A OG  1 
ATOM   836  N N   . ALA A 1 113 ? -13.808 -16.211 2.734   1.00 21.09 ? 112 ALA A N   1 
ATOM   837  C CA  . ALA A 1 113 ? -13.298 -16.574 4.047   1.00 20.14 ? 112 ALA A CA  1 
ATOM   838  C C   . ALA A 1 113 ? -13.664 -17.997 4.476   1.00 21.24 ? 112 ALA A C   1 
ATOM   839  O O   . ALA A 1 113 ? -14.772 -18.468 4.216   1.00 17.86 ? 112 ALA A O   1 
ATOM   840  C CB  . ALA A 1 113 ? -13.831 -15.590 5.081   1.00 19.02 ? 112 ALA A CB  1 
ATOM   841  N N   . GLN A 1 114 ? -12.722 -18.659 5.145   1.00 19.87 ? 113 GLN A N   1 
ATOM   842  C CA  . GLN A 1 114 ? -12.933 -19.991 5.674   1.00 19.23 ? 113 GLN A CA  1 
ATOM   843  C C   . GLN A 1 114 ? -12.556 -19.963 7.141   1.00 18.75 ? 113 GLN A C   1 
ATOM   844  O O   . GLN A 1 114 ? -11.510 -19.391 7.501   1.00 15.13 ? 113 GLN A O   1 
ATOM   845  C CB  . GLN A 1 114 ? -12.065 -21.009 4.921   1.00 22.77 ? 113 GLN A CB  1 
ATOM   846  C CG  . GLN A 1 114 ? -12.748 -21.569 3.704   1.00 31.45 ? 113 GLN A CG  1 
ATOM   847  C CD  . GLN A 1 114 ? -14.033 -22.303 4.044   1.00 36.37 ? 113 GLN A CD  1 
ATOM   848  O OE1 . GLN A 1 114 ? -14.119 -23.007 5.058   1.00 40.03 ? 113 GLN A OE1 1 
ATOM   849  N NE2 . GLN A 1 114 ? -15.046 -22.152 3.193   1.00 37.74 ? 113 GLN A NE2 1 
ATOM   850  N N   . PRO A 1 115 ? -13.405 -20.535 8.001   1.00 17.84 ? 114 PRO A N   1 
ATOM   851  C CA  . PRO A 1 115 ? -14.687 -21.205 7.770   1.00 18.02 ? 114 PRO A CA  1 
ATOM   852  C C   . PRO A 1 115 ? -15.803 -20.326 7.223   1.00 19.85 ? 114 PRO A C   1 
ATOM   853  O O   . PRO A 1 115 ? -16.753 -20.792 6.573   1.00 22.86 ? 114 PRO A O   1 
ATOM   854  C CB  . PRO A 1 115 ? -15.059 -21.741 9.147   1.00 17.22 ? 114 PRO A CB  1 
ATOM   855  C CG  . PRO A 1 115 ? -14.476 -20.707 10.065  1.00 18.11 ? 114 PRO A CG  1 
ATOM   856  C CD  . PRO A 1 115 ? -13.108 -20.523 9.442   1.00 16.78 ? 114 PRO A CD  1 
ATOM   857  N N   . GLY A 1 116 ? -15.705 -19.043 7.517   1.00 20.44 ? 115 GLY A N   1 
ATOM   858  C CA  . GLY A 1 116 ? -16.705 -18.094 7.086   1.00 18.95 ? 115 GLY A CA  1 
ATOM   859  C C   . GLY A 1 116 ? -16.225 -16.732 7.538   1.00 20.74 ? 115 GLY A C   1 
ATOM   860  O O   . GLY A 1 116 ? -15.233 -16.642 8.269   1.00 19.66 ? 115 GLY A O   1 
ATOM   861  N N   . PRO A 1 117 ? -16.926 -15.662 7.151   1.00 20.37 ? 116 PRO A N   1 
ATOM   862  C CA  . PRO A 1 117 ? -16.583 -14.280 7.503   1.00 18.79 ? 116 PRO A CA  1 
ATOM   863  C C   . PRO A 1 117 ? -17.023 -13.805 8.894   1.00 17.76 ? 116 PRO A C   1 
ATOM   864  O O   . PRO A 1 117 ? -16.604 -12.747 9.338   1.00 16.56 ? 116 PRO A O   1 
ATOM   865  C CB  . PRO A 1 117 ? -17.269 -13.471 6.417   1.00 20.72 ? 116 PRO A CB  1 
ATOM   866  C CG  . PRO A 1 117 ? -18.538 -14.257 6.208   1.00 22.84 ? 116 PRO A CG  1 
ATOM   867  C CD  . PRO A 1 117 ? -18.118 -15.713 6.282   1.00 19.13 ? 116 PRO A CD  1 
ATOM   868  N N   . THR A 1 118 ? -17.877 -14.576 9.565   1.00 19.94 ? 117 THR A N   1 
ATOM   869  C CA  . THR A 1 118 ? -18.386 -14.220 10.888  1.00 18.71 ? 117 THR A CA  1 
ATOM   870  C C   . THR A 1 118 ? -18.028 -15.360 11.834  1.00 18.34 ? 117 THR A C   1 
ATOM   871  O O   . THR A 1 118 ? -18.607 -16.437 11.789  1.00 17.32 ? 117 THR A O   1 
ATOM   872  C CB  . THR A 1 118 ? -19.926 -13.994 10.810  1.00 19.38 ? 117 THR A CB  1 
ATOM   873  O OG1 . THR A 1 118 ? -20.199 -12.914 9.904   1.00 22.95 ? 117 THR A OG1 1 
ATOM   874  C CG2 . THR A 1 118 ? -20.516 -13.649 12.164  1.00 17.36 ? 117 THR A CG2 1 
ATOM   875  N N   . VAL A 1 119 ? -17.058 -15.094 12.698  1.00 16.97 ? 118 VAL A N   1 
ATOM   876  C CA  . VAL A 1 119 ? -16.561 -16.101 13.603  1.00 12.95 ? 118 VAL A CA  1 
ATOM   877  C C   . VAL A 1 119 ? -16.441 -15.644 15.062  1.00 11.03 ? 118 VAL A C   1 
ATOM   878  O O   . VAL A 1 119 ? -16.522 -14.449 15.375  1.00 12.70 ? 118 VAL A O   1 
ATOM   879  C CB  . VAL A 1 119 ? -15.153 -16.578 13.117  1.00 15.63 ? 118 VAL A CB  1 
ATOM   880  C CG1 . VAL A 1 119 ? -15.239 -17.111 11.667  1.00 14.58 ? 118 VAL A CG1 1 
ATOM   881  C CG2 . VAL A 1 119 ? -14.158 -15.396 13.151  1.00 15.59 ? 118 VAL A CG2 1 
ATOM   882  N N   . LEU A 1 120 ? -16.223 -16.622 15.936  1.00 11.60 ? 119 LEU A N   1 
ATOM   883  C CA  . LEU A 1 120 ? -16.014 -16.384 17.364  1.00 15.56 ? 119 LEU A CA  1 
ATOM   884  C C   . LEU A 1 120 ? -14.533 -16.109 17.536  1.00 16.56 ? 119 LEU A C   1 
ATOM   885  O O   . LEU A 1 120 ? -13.715 -16.629 16.772  1.00 19.24 ? 119 LEU A O   1 
ATOM   886  C CB  . LEU A 1 120 ? -16.323 -17.651 18.148  1.00 16.52 ? 119 LEU A CB  1 
ATOM   887  C CG  . LEU A 1 120 ? -17.786 -18.012 18.261  1.00 18.24 ? 119 LEU A CG  1 
ATOM   888  C CD1 . LEU A 1 120 ? -17.920 -19.405 18.852  1.00 17.38 ? 119 LEU A CD1 1 
ATOM   889  C CD2 . LEU A 1 120 ? -18.436 -16.954 19.133  1.00 16.41 ? 119 LEU A CD2 1 
ATOM   890  N N   . ALA A 1 121 ? -14.174 -15.315 18.534  1.00 17.88 ? 120 ALA A N   1 
ATOM   891  C CA  . ALA A 1 121 ? -12.762 -15.062 18.780  1.00 18.86 ? 120 ALA A CA  1 
ATOM   892  C C   . ALA A 1 121 ? -12.040 -16.411 18.916  1.00 18.58 ? 120 ALA A C   1 
ATOM   893  O O   . ALA A 1 121 ? -12.566 -17.361 19.514  1.00 19.48 ? 120 ALA A O   1 
ATOM   894  C CB  . ALA A 1 121 ? -12.595 -14.229 20.057  1.00 19.34 ? 120 ALA A CB  1 
ATOM   895  N N   . GLY A 1 122 ? -10.841 -16.498 18.336  1.00 18.54 ? 121 GLY A N   1 
ATOM   896  C CA  . GLY A 1 122 ? -10.064 -17.724 18.389  1.00 17.91 ? 121 GLY A CA  1 
ATOM   897  C C   . GLY A 1 122 ? -10.168 -18.656 17.197  1.00 18.48 ? 121 GLY A C   1 
ATOM   898  O O   . GLY A 1 122 ? -9.271  -19.481 16.980  1.00 19.36 ? 121 GLY A O   1 
ATOM   899  N N   . GLU A 1 123 ? -11.253 -18.562 16.430  1.00 18.84 ? 122 GLU A N   1 
ATOM   900  C CA  . GLU A 1 123 ? -11.405 -19.438 15.264  1.00 19.02 ? 122 GLU A CA  1 
ATOM   901  C C   . GLU A 1 123 ? -10.319 -19.073 14.250  1.00 16.23 ? 122 GLU A C   1 
ATOM   902  O O   . GLU A 1 123 ? -10.026 -17.893 14.033  1.00 14.67 ? 122 GLU A O   1 
ATOM   903  C CB  . GLU A 1 123 ? -12.787 -19.260 14.615  1.00 22.36 ? 122 GLU A CB  1 
ATOM   904  C CG  . GLU A 1 123 ? -13.960 -19.446 15.604  1.00 29.59 ? 122 GLU A CG  1 
ATOM   905  C CD  . GLU A 1 123 ? -15.267 -19.845 14.929  1.00 28.76 ? 122 GLU A CD  1 
ATOM   906  O OE1 . GLU A 1 123 ? -15.394 -21.028 14.520  1.00 35.48 ? 122 GLU A OE1 1 
ATOM   907  O OE2 . GLU A 1 123 ? -16.171 -18.986 14.817  1.00 28.30 ? 122 GLU A OE2 1 
ATOM   908  N N   . ASN A 1 124 ? -9.722  -20.097 13.660  1.00 16.91 ? 123 ASN A N   1 
ATOM   909  C CA  . ASN A 1 124 ? -8.651  -19.909 12.696  1.00 17.21 ? 123 ASN A CA  1 
ATOM   910  C C   . ASN A 1 124 ? -9.235  -19.579 11.324  1.00 15.63 ? 123 ASN A C   1 
ATOM   911  O O   . ASN A 1 124 ? -9.764  -20.436 10.625  1.00 18.31 ? 123 ASN A O   1 
ATOM   912  C CB  . ASN A 1 124 ? -7.804  -21.168 12.629  1.00 15.57 ? 123 ASN A CB  1 
ATOM   913  C CG  . ASN A 1 124 ? -6.598  -20.986 11.759  1.00 17.14 ? 123 ASN A CG  1 
ATOM   914  O OD1 . ASN A 1 124 ? -5.909  -19.975 11.863  1.00 19.30 ? 123 ASN A OD1 1 
ATOM   915  N ND2 . ASN A 1 124 ? -6.337  -21.956 10.905  1.00 17.53 ? 123 ASN A ND2 1 
ATOM   916  N N   . VAL A 1 125 ? -9.118  -18.316 10.948  1.00 15.26 ? 124 VAL A N   1 
ATOM   917  C CA  . VAL A 1 125 ? -9.656  -17.838 9.694   1.00 14.16 ? 124 VAL A CA  1 
ATOM   918  C C   . VAL A 1 125 ? -8.616  -17.739 8.566   1.00 15.65 ? 124 VAL A C   1 
ATOM   919  O O   . VAL A 1 125 ? -7.462  -17.382 8.795   1.00 12.52 ? 124 VAL A O   1 
ATOM   920  C CB  . VAL A 1 125 ? -10.331 -16.440 9.923   1.00 16.58 ? 124 VAL A CB  1 
ATOM   921  C CG1 . VAL A 1 125 ? -10.924 -15.885 8.643   1.00 14.03 ? 124 VAL A CG1 1 
ATOM   922  C CG2 . VAL A 1 125 ? -11.409 -16.541 11.018  1.00 18.12 ? 124 VAL A CG2 1 
ATOM   923  N N   . THR A 1 126 ? -9.032  -18.084 7.352   1.00 15.18 ? 125 THR A N   1 
ATOM   924  C CA  . THR A 1 126 ? -8.150  -17.949 6.199   1.00 15.35 ? 125 THR A CA  1 
ATOM   925  C C   . THR A 1 126 ? -8.948  -17.239 5.107   1.00 14.88 ? 125 THR A C   1 
ATOM   926  O O   . THR A 1 126 ? -10.123 -17.542 4.898   1.00 12.42 ? 125 THR A O   1 
ATOM   927  C CB  . THR A 1 126 ? -7.650  -19.321 5.681   1.00 17.02 ? 125 THR A CB  1 
ATOM   928  O OG1 . THR A 1 126 ? -6.893  -19.999 6.701   1.00 19.30 ? 125 THR A OG1 1 
ATOM   929  C CG2 . THR A 1 126 ? -6.739  -19.135 4.454   1.00 12.73 ? 125 THR A CG2 1 
ATOM   930  N N   . LEU A 1 127 ? -8.322  -16.259 4.453   1.00 13.59 ? 126 LEU A N   1 
ATOM   931  C CA  . LEU A 1 127 ? -8.982  -15.519 3.373   1.00 14.96 ? 126 LEU A CA  1 
ATOM   932  C C   . LEU A 1 127 ? -8.283  -15.974 2.110   1.00 17.33 ? 126 LEU A C   1 
ATOM   933  O O   . LEU A 1 127 ? -7.055  -15.970 2.015   1.00 17.23 ? 126 LEU A O   1 
ATOM   934  C CB  . LEU A 1 127 ? -8.811  -13.999 3.552   1.00 16.59 ? 126 LEU A CB  1 
ATOM   935  C CG  . LEU A 1 127 ? -9.385  -13.389 4.840   1.00 13.11 ? 126 LEU A CG  1 
ATOM   936  C CD1 . LEU A 1 127 ? -9.271  -11.872 4.806   1.00 9.98  ? 126 LEU A CD1 1 
ATOM   937  C CD2 . LEU A 1 127 ? -10.842 -13.823 4.994   1.00 14.91 ? 126 LEU A CD2 1 
ATOM   938  N N   . SER A 1 128 ? -9.081  -16.385 1.142   1.00 19.27 ? 127 SER A N   1 
ATOM   939  C CA  . SER A 1 128 ? -8.554  -16.884 -0.110  1.00 15.74 ? 127 SER A CA  1 
ATOM   940  C C   . SER A 1 128 ? -8.846  -15.922 -1.239  1.00 13.43 ? 127 SER A C   1 
ATOM   941  O O   . SER A 1 128 ? -9.981  -15.481 -1.399  1.00 13.71 ? 127 SER A O   1 
ATOM   942  C CB  . SER A 1 128 ? -9.181  -18.247 -0.427  1.00 14.84 ? 127 SER A CB  1 
ATOM   943  O OG  . SER A 1 128 ? -8.740  -19.227 0.501   1.00 17.67 ? 127 SER A OG  1 
ATOM   944  N N   . CYS A 1 129 ? -7.814  -15.609 -2.018  1.00 13.33 ? 128 CYS A N   1 
ATOM   945  C CA  . CYS A 1 129 ? -7.950  -14.716 -3.169  1.00 17.36 ? 128 CYS A CA  1 
ATOM   946  C C   . CYS A 1 129 ? -7.834  -15.567 -4.380  1.00 16.40 ? 128 CYS A C   1 
ATOM   947  O O   . CYS A 1 129 ? -6.862  -16.291 -4.547  1.00 17.48 ? 128 CYS A O   1 
ATOM   948  C CB  . CYS A 1 129 ? -6.855  -13.686 -3.185  1.00 21.45 ? 128 CYS A CB  1 
ATOM   949  S SG  . CYS A 1 129 ? -7.255  -12.428 -1.969  1.00 38.47 ? 128 CYS A SG  1 
ATOM   950  N N   . SER A 1 130 ? -8.828  -15.480 -5.248  1.00 16.53 ? 129 SER A N   1 
ATOM   951  C CA  . SER A 1 130 ? -8.793  -16.334 -6.411  1.00 16.96 ? 129 SER A CA  1 
ATOM   952  C C   . SER A 1 130 ? -9.257  -15.675 -7.683  1.00 15.73 ? 129 SER A C   1 
ATOM   953  O O   . SER A 1 130 ? -10.012 -14.703 -7.668  1.00 17.26 ? 129 SER A O   1 
ATOM   954  C CB  . SER A 1 130 ? -9.660  -17.558 -6.154  1.00 15.17 ? 129 SER A CB  1 
ATOM   955  O OG  . SER A 1 130 ? -11.011 -17.149 -5.997  1.00 20.30 ? 129 SER A OG  1 
ATOM   956  N N   . SER A 1 131 ? -8.831  -16.252 -8.794  1.00 16.82 ? 130 SER A N   1 
ATOM   957  C CA  . SER A 1 131 ? -9.235  -15.713 -10.078 1.00 19.31 ? 130 SER A CA  1 
ATOM   958  C C   . SER A 1 131 ? -8.936  -16.708 -11.167 1.00 17.26 ? 130 SER A C   1 
ATOM   959  O O   . SER A 1 131 ? -8.194  -17.664 -10.959 1.00 15.35 ? 130 SER A O   1 
ATOM   960  C CB  . SER A 1 131 ? -8.519  -14.368 -10.313 1.00 20.02 ? 130 SER A CB  1 
ATOM   961  O OG  . SER A 1 131 ? -8.799  -13.857 -11.614 1.00 23.92 ? 130 SER A OG  1 
ATOM   962  N N   . ARG A 1 132 ? -9.569  -16.507 -12.317 1.00 21.58 ? 131 ARG A N   1 
ATOM   963  C CA  . ARG A 1 132 ? -9.297  -17.356 -13.459 1.00 23.52 ? 131 ARG A CA  1 
ATOM   964  C C   . ARG A 1 132 ? -8.129  -16.705 -14.201 1.00 22.55 ? 131 ARG A C   1 
ATOM   965  O O   . ARG A 1 132 ? -7.535  -17.327 -15.063 1.00 23.86 ? 131 ARG A O   1 
ATOM   966  C CB  . ARG A 1 132 ? -10.492 -17.449 -14.415 1.00 29.44 ? 131 ARG A CB  1 
ATOM   967  C CG  . ARG A 1 132 ? -11.826 -17.681 -13.773 1.00 36.22 ? 131 ARG A CG  1 
ATOM   968  C CD  . ARG A 1 132 ? -11.819 -18.941 -12.931 1.00 39.49 ? 131 ARG A CD  1 
ATOM   969  N NE  . ARG A 1 132 ? -11.362 -20.113 -13.667 1.00 44.65 ? 131 ARG A NE  1 
ATOM   970  C CZ  . ARG A 1 132 ? -12.110 -20.800 -14.524 1.00 44.08 ? 131 ARG A CZ  1 
ATOM   971  N NH1 . ARG A 1 132 ? -13.355 -20.430 -14.759 1.00 47.68 ? 131 ARG A NH1 1 
ATOM   972  N NH2 . ARG A 1 132 ? -11.619 -21.875 -15.125 1.00 45.67 ? 131 ARG A NH2 1 
ATOM   973  N N   . SER A 1 133 ? -7.821  -15.444 -13.896 1.00 19.86 ? 132 SER A N   1 
ATOM   974  C CA  . SER A 1 133 ? -6.679  -14.788 -14.535 1.00 21.76 ? 132 SER A CA  1 
ATOM   975  C C   . SER A 1 133 ? -5.445  -15.343 -13.840 1.00 20.25 ? 132 SER A C   1 
ATOM   976  O O   . SER A 1 133 ? -5.443  -15.550 -12.630 1.00 18.03 ? 132 SER A O   1 
ATOM   977  C CB  . SER A 1 133 ? -6.709  -13.279 -14.349 1.00 22.29 ? 132 SER A CB  1 
ATOM   978  O OG  . SER A 1 133 ? -7.839  -12.714 -14.995 1.00 27.92 ? 132 SER A OG  1 
ATOM   979  N N   . SER A 1 134 ? -4.396  -15.569 -14.612 1.00 18.92 ? 133 SER A N   1 
ATOM   980  C CA  . SER A 1 134 ? -3.170  -16.149 -14.091 1.00 18.54 ? 133 SER A CA  1 
ATOM   981  C C   . SER A 1 134 ? -2.220  -15.253 -13.321 1.00 16.82 ? 133 SER A C   1 
ATOM   982  O O   . SER A 1 134 ? -1.021  -15.201 -13.612 1.00 16.14 ? 133 SER A O   1 
ATOM   983  C CB  . SER A 1 134 ? -2.414  -16.812 -15.234 1.00 22.15 ? 133 SER A CB  1 
ATOM   984  O OG  . SER A 1 134 ? -2.413  -15.970 -16.379 1.00 27.19 ? 133 SER A OG  1 
ATOM   985  N N   . TYR A 1 135 ? -2.754  -14.566 -12.321 1.00 17.97 ? 134 TYR A N   1 
ATOM   986  C CA  . TYR A 1 135 ? -1.953  -13.687 -11.467 1.00 16.70 ? 134 TYR A CA  1 
ATOM   987  C C   . TYR A 1 135 ? -0.813  -14.464 -10.844 1.00 15.88 ? 134 TYR A C   1 
ATOM   988  O O   . TYR A 1 135 ? -0.961  -15.652 -10.554 1.00 16.44 ? 134 TYR A O   1 
ATOM   989  C CB  . TYR A 1 135 ? -2.842  -13.123 -10.362 1.00 17.97 ? 134 TYR A CB  1 
ATOM   990  C CG  . TYR A 1 135 ? -3.858  -12.168 -10.892 1.00 18.59 ? 134 TYR A CG  1 
ATOM   991  C CD1 . TYR A 1 135 ? -3.452  -11.072 -11.665 1.00 16.96 ? 134 TYR A CD1 1 
ATOM   992  C CD2 . TYR A 1 135 ? -5.224  -12.367 -10.677 1.00 18.04 ? 134 TYR A CD2 1 
ATOM   993  C CE1 . TYR A 1 135 ? -4.372  -10.198 -12.207 1.00 19.39 ? 134 TYR A CE1 1 
ATOM   994  C CE2 . TYR A 1 135 ? -6.161  -11.488 -11.223 1.00 21.38 ? 134 TYR A CE2 1 
ATOM   995  C CZ  . TYR A 1 135 ? -5.718  -10.409 -11.990 1.00 18.27 ? 134 TYR A CZ  1 
ATOM   996  O OH  . TYR A 1 135 ? -6.618  -9.539  -12.550 1.00 19.81 ? 134 TYR A OH  1 
ATOM   997  N N   . ASP A 1 136 ? 0.317   -13.798 -10.631 1.00 14.13 ? 135 ASP A N   1 
ATOM   998  C CA  . ASP A 1 136 ? 1.474   -14.467 -10.016 1.00 14.20 ? 135 ASP A CA  1 
ATOM   999  C C   . ASP A 1 136 ? 1.523   -14.215 -8.516  1.00 14.56 ? 135 ASP A C   1 
ATOM   1000 O O   . ASP A 1 136 ? 2.112   -14.994 -7.748  1.00 14.67 ? 135 ASP A O   1 
ATOM   1001 C CB  . ASP A 1 136 ? 2.777   -13.956 -10.587 1.00 16.49 ? 135 ASP A CB  1 
ATOM   1002 C CG  . ASP A 1 136 ? 2.904   -14.235 -12.058 1.00 18.48 ? 135 ASP A CG  1 
ATOM   1003 O OD1 . ASP A 1 136 ? 2.707   -15.405 -12.456 1.00 17.27 ? 135 ASP A OD1 1 
ATOM   1004 O OD2 . ASP A 1 136 ? 3.216   -13.287 -12.798 1.00 19.51 ? 135 ASP A OD2 1 
ATOM   1005 N N   . MET A 1 137 ? 0.921   -13.105 -8.117  1.00 12.85 ? 136 MET A N   1 
ATOM   1006 C CA  . MET A 1 137 ? 0.916   -12.687 -6.724  1.00 12.37 ? 136 MET A CA  1 
ATOM   1007 C C   . MET A 1 137 ? -0.430  -12.093 -6.329  1.00 12.38 ? 136 MET A C   1 
ATOM   1008 O O   . MET A 1 137 ? -1.132  -11.479 -7.150  1.00 11.03 ? 136 MET A O   1 
ATOM   1009 C CB  . MET A 1 137 ? 1.971   -11.590 -6.515  1.00 13.58 ? 136 MET A CB  1 
ATOM   1010 C CG  . MET A 1 137 ? 3.410   -12.007 -6.738  1.00 23.00 ? 136 MET A CG  1 
ATOM   1011 S SD  . MET A 1 137 ? 4.056   -12.956 -5.339  1.00 27.31 ? 136 MET A SD  1 
ATOM   1012 C CE  . MET A 1 137 ? 3.441   -11.997 -3.968  1.00 18.54 ? 136 MET A CE  1 
ATOM   1013 N N   . TYR A 1 138 ? -0.794  -12.268 -5.058  1.00 9.98  ? 137 TYR A N   1 
ATOM   1014 C CA  . TYR A 1 138 ? -2.011  -11.658 -4.543  1.00 11.30 ? 137 TYR A CA  1 
ATOM   1015 C C   . TYR A 1 138 ? -1.604  -10.734 -3.397  1.00 8.46  ? 137 TYR A C   1 
ATOM   1016 O O   . TYR A 1 138 ? -0.598  -10.964 -2.705  1.00 8.44  ? 137 TYR A O   1 
ATOM   1017 C CB  . TYR A 1 138 ? -3.012  -12.722 -4.056  1.00 11.61 ? 137 TYR A CB  1 
ATOM   1018 C CG  . TYR A 1 138 ? -3.764  -13.349 -5.203  1.00 13.74 ? 137 TYR A CG  1 
ATOM   1019 C CD1 . TYR A 1 138 ? -4.783  -12.657 -5.865  1.00 16.25 ? 137 TYR A CD1 1 
ATOM   1020 C CD2 . TYR A 1 138 ? -3.443  -14.624 -5.640  1.00 15.13 ? 137 TYR A CD2 1 
ATOM   1021 C CE1 . TYR A 1 138 ? -5.458  -13.234 -6.947  1.00 15.28 ? 137 TYR A CE1 1 
ATOM   1022 C CE2 . TYR A 1 138 ? -4.101  -15.204 -6.704  1.00 18.01 ? 137 TYR A CE2 1 
ATOM   1023 C CZ  . TYR A 1 138 ? -5.112  -14.497 -7.354  1.00 15.90 ? 137 TYR A CZ  1 
ATOM   1024 O OH  . TYR A 1 138 ? -5.745  -15.082 -8.430  1.00 16.82 ? 137 TYR A OH  1 
ATOM   1025 N N   . HIS A 1 139 ? -2.381  -9.668  -3.242  1.00 9.64  ? 138 HIS A N   1 
ATOM   1026 C CA  . HIS A 1 139 ? -2.142  -8.670  -2.217  1.00 8.08  ? 138 HIS A CA  1 
ATOM   1027 C C   . HIS A 1 139 ? -3.414  -8.507  -1.403  1.00 11.31 ? 138 HIS A C   1 
ATOM   1028 O O   . HIS A 1 139 ? -4.500  -8.338  -1.959  1.00 10.47 ? 138 HIS A O   1 
ATOM   1029 C CB  . HIS A 1 139 ? -1.748  -7.351  -2.890  1.00 9.42  ? 138 HIS A CB  1 
ATOM   1030 C CG  . HIS A 1 139 ? -0.650  -7.511  -3.902  1.00 11.18 ? 138 HIS A CG  1 
ATOM   1031 N ND1 . HIS A 1 139 ? 0.667   -7.259  -3.601  1.00 9.61  ? 138 HIS A ND1 1 
ATOM   1032 C CD2 . HIS A 1 139 ? -0.676  -7.973  -5.177  1.00 11.22 ? 138 HIS A CD2 1 
ATOM   1033 C CE1 . HIS A 1 139 ? 1.416   -7.568  -4.653  1.00 10.94 ? 138 HIS A CE1 1 
ATOM   1034 N NE2 . HIS A 1 139 ? 0.630   -8.000  -5.613  1.00 10.65 ? 138 HIS A NE2 1 
ATOM   1035 N N   . LEU A 1 140 ? -3.267  -8.580  -0.083  1.00 10.14 ? 139 LEU A N   1 
ATOM   1036 C CA  . LEU A 1 140 ? -4.396  -8.465  0.819   1.00 10.83 ? 139 LEU A CA  1 
ATOM   1037 C C   . LEU A 1 140 ? -4.336  -7.155  1.572   1.00 11.00 ? 139 LEU A C   1 
ATOM   1038 O O   . LEU A 1 140 ? -3.354  -6.843  2.255   1.00 11.69 ? 139 LEU A O   1 
ATOM   1039 C CB  . LEU A 1 140 ? -4.387  -9.632  1.806   1.00 8.28  ? 139 LEU A CB  1 
ATOM   1040 C CG  . LEU A 1 140 ? -5.593  -9.718  2.762   1.00 8.64  ? 139 LEU A CG  1 
ATOM   1041 C CD1 . LEU A 1 140 ? -6.842  -10.042 1.968   1.00 8.42  ? 139 LEU A CD1 1 
ATOM   1042 C CD2 . LEU A 1 140 ? -5.323  -10.778 3.822   1.00 9.28  ? 139 LEU A CD2 1 
ATOM   1043 N N   . SER A 1 141 ? -5.409  -6.395  1.442   1.00 11.12 ? 140 SER A N   1 
ATOM   1044 C CA  . SER A 1 141 ? -5.512  -5.100  2.071   1.00 11.32 ? 140 SER A CA  1 
ATOM   1045 C C   . SER A 1 141 ? -6.597  -5.092  3.148   1.00 12.83 ? 140 SER A C   1 
ATOM   1046 O O   . SER A 1 141 ? -7.713  -5.565  2.910   1.00 14.57 ? 140 SER A O   1 
ATOM   1047 C CB  . SER A 1 141 ? -5.815  -4.077  0.970   1.00 12.82 ? 140 SER A CB  1 
ATOM   1048 O OG  . SER A 1 141 ? -5.979  -2.776  1.488   1.00 22.14 ? 140 SER A OG  1 
ATOM   1049 N N   . ARG A 1 142 ? -6.263  -4.574  4.325   1.00 11.55 ? 141 ARG A N   1 
ATOM   1050 C CA  . ARG A 1 142 ? -7.232  -4.490  5.424   1.00 14.06 ? 141 ARG A CA  1 
ATOM   1051 C C   . ARG A 1 142 ? -7.513  -3.011  5.681   1.00 17.42 ? 141 ARG A C   1 
ATOM   1052 O O   . ARG A 1 142 ? -6.582  -2.213  5.874   1.00 17.60 ? 141 ARG A O   1 
ATOM   1053 C CB  . ARG A 1 142 ? -6.665  -5.131  6.692   1.00 13.65 ? 141 ARG A CB  1 
ATOM   1054 C CG  . ARG A 1 142 ? -7.641  -5.161  7.879   1.00 18.95 ? 141 ARG A CG  1 
ATOM   1055 C CD  . ARG A 1 142 ? -6.870  -5.310  9.190   1.00 22.46 ? 141 ARG A CD  1 
ATOM   1056 N NE  . ARG A 1 142 ? -7.693  -5.702  10.328  1.00 25.17 ? 141 ARG A NE  1 
ATOM   1057 C CZ  . ARG A 1 142 ? -7.300  -6.566  11.265  1.00 30.73 ? 141 ARG A CZ  1 
ATOM   1058 N NH1 . ARG A 1 142 ? -6.090  -7.132  11.192  1.00 32.23 ? 141 ARG A NH1 1 
ATOM   1059 N NH2 . ARG A 1 142 ? -8.103  -6.856  12.293  1.00 34.45 ? 141 ARG A NH2 1 
ATOM   1060 N N   . GLU A 1 143 ? -8.788  -2.636  5.684   1.00 16.15 ? 142 GLU A N   1 
ATOM   1061 C CA  . GLU A 1 143 ? -9.121  -1.248  5.894   1.00 20.70 ? 142 GLU A CA  1 
ATOM   1062 C C   . GLU A 1 143 ? -8.501  -0.657  7.156   1.00 20.98 ? 142 GLU A C   1 
ATOM   1063 O O   . GLU A 1 143 ? -8.530  -1.259  8.239   1.00 20.57 ? 142 GLU A O   1 
ATOM   1064 C CB  . GLU A 1 143 ? -10.625 -1.063  5.929   1.00 23.86 ? 142 GLU A CB  1 
ATOM   1065 C CG  . GLU A 1 143 ? -11.108 -0.337  4.708   1.00 32.09 ? 142 GLU A CG  1 
ATOM   1066 C CD  . GLU A 1 143 ? -12.587 -0.064  4.777   1.00 36.31 ? 142 GLU A CD  1 
ATOM   1067 O OE1 . GLU A 1 143 ? -13.049 0.330   5.865   1.00 38.83 ? 142 GLU A OE1 1 
ATOM   1068 O OE2 . GLU A 1 143 ? -13.268 -0.254  3.752   1.00 41.44 ? 142 GLU A OE2 1 
ATOM   1069 N N   . GLY A 1 144 ? -7.916  0.526   6.994   1.00 23.25 ? 143 GLY A N   1 
ATOM   1070 C CA  . GLY A 1 144 ? -7.295  1.217   8.102   1.00 23.42 ? 143 GLY A CA  1 
ATOM   1071 C C   . GLY A 1 144 ? -5.954  0.677   8.542   1.00 27.51 ? 143 GLY A C   1 
ATOM   1072 O O   . GLY A 1 144 ? -5.377  1.172   9.516   1.00 29.45 ? 143 GLY A O   1 
ATOM   1073 N N   . GLU A 1 145 ? -5.459  -0.353  7.861   1.00 26.87 ? 144 GLU A N   1 
ATOM   1074 C CA  . GLU A 1 145 ? -4.160  -0.919  8.209   1.00 25.90 ? 144 GLU A CA  1 
ATOM   1075 C C   . GLU A 1 145 ? -3.211  -0.572  7.051   1.00 25.02 ? 144 GLU A C   1 
ATOM   1076 O O   . GLU A 1 145 ? -3.545  -0.765  5.883   1.00 23.38 ? 144 GLU A O   1 
ATOM   1077 C CB  . GLU A 1 145 ? -4.269  -2.434  8.424   1.00 26.39 ? 144 GLU A CB  1 
ATOM   1078 C CG  . GLU A 1 145 ? -3.227  -2.979  9.395   1.00 29.73 ? 144 GLU A CG  1 
ATOM   1079 C CD  . GLU A 1 145 ? -3.240  -4.486  9.530   1.00 35.29 ? 144 GLU A CD  1 
ATOM   1080 O OE1 . GLU A 1 145 ? -2.752  -5.190  8.611   1.00 34.36 ? 144 GLU A OE1 1 
ATOM   1081 O OE2 . GLU A 1 145 ? -3.727  -4.987  10.575  1.00 39.27 ? 144 GLU A OE2 1 
ATOM   1082 N N   . ALA A 1 146 ? -2.038  -0.047  7.403   1.00 25.73 ? 145 ALA A N   1 
ATOM   1083 C CA  . ALA A 1 146 ? -1.014  0.434   6.468   1.00 27.69 ? 145 ALA A CA  1 
ATOM   1084 C C   . ALA A 1 146 ? -0.379  -0.414  5.370   1.00 27.57 ? 145 ALA A C   1 
ATOM   1085 O O   . ALA A 1 146 ? -0.404  -0.019  4.216   1.00 32.65 ? 145 ALA A O   1 
ATOM   1086 C CB  . ALA A 1 146 ? 0.120   1.086   7.268   1.00 27.05 ? 145 ALA A CB  1 
ATOM   1087 N N   . HIS A 1 147 ? 0.217   -1.548  5.702   1.00 24.68 ? 146 HIS A N   1 
ATOM   1088 C CA  . HIS A 1 147 ? 0.897   -2.304  4.666   1.00 20.12 ? 146 HIS A CA  1 
ATOM   1089 C C   . HIS A 1 147 ? 0.204   -3.581  4.203   1.00 21.49 ? 146 HIS A C   1 
ATOM   1090 O O   . HIS A 1 147 ? -0.114  -4.458  5.009   1.00 26.50 ? 146 HIS A O   1 
ATOM   1091 C CB  . HIS A 1 147 ? 2.312   -2.605  5.151   1.00 20.80 ? 146 HIS A CB  1 
ATOM   1092 C CG  . HIS A 1 147 ? 3.029   -1.402  5.708   1.00 25.21 ? 146 HIS A CG  1 
ATOM   1093 N ND1 . HIS A 1 147 ? 2.875   -0.972  7.007   1.00 27.01 ? 146 HIS A ND1 1 
ATOM   1094 C CD2 . HIS A 1 147 ? 3.912   -0.548  5.134   1.00 25.89 ? 146 HIS A CD2 1 
ATOM   1095 C CE1 . HIS A 1 147 ? 3.632   0.091   7.214   1.00 24.92 ? 146 HIS A CE1 1 
ATOM   1096 N NE2 . HIS A 1 147 ? 4.274   0.369   6.091   1.00 28.18 ? 146 HIS A NE2 1 
ATOM   1097 N N   . GLU A 1 148 ? -0.005  -3.682  2.891   1.00 13.99 ? 147 GLU A N   1 
ATOM   1098 C CA  . GLU A 1 148 ? -0.639  -4.851  2.272   1.00 14.93 ? 147 GLU A CA  1 
ATOM   1099 C C   . GLU A 1 148 ? 0.226   -6.104  2.426   1.00 13.75 ? 147 GLU A C   1 
ATOM   1100 O O   . GLU A 1 148 ? 1.454   -6.038  2.327   1.00 16.59 ? 147 GLU A O   1 
ATOM   1101 C CB  . GLU A 1 148 ? -0.856  -4.609  0.772   1.00 14.76 ? 147 GLU A CB  1 
ATOM   1102 C CG  . GLU A 1 148 ? -1.892  -3.538  0.425   1.00 20.78 ? 147 GLU A CG  1 
ATOM   1103 C CD  . GLU A 1 148 ? -1.316  -2.143  0.399   1.00 20.48 ? 147 GLU A CD  1 
ATOM   1104 O OE1 . GLU A 1 148 ? -0.086  -1.970  0.225   1.00 23.59 ? 147 GLU A OE1 1 
ATOM   1105 O OE2 . GLU A 1 148 ? -2.101  -1.187  0.553   1.00 31.18 ? 147 GLU A OE2 1 
ATOM   1106 N N   . ARG A 1 149 ? -0.418  -7.240  2.677   1.00 12.60 ? 148 ARG A N   1 
ATOM   1107 C CA  . ARG A 1 149 ? 0.314   -8.501  2.783   1.00 12.65 ? 148 ARG A CA  1 
ATOM   1108 C C   . ARG A 1 149 ? 0.333   -9.071  1.370   1.00 9.07  ? 148 ARG A C   1 
ATOM   1109 O O   . ARG A 1 149 ? -0.517  -8.717  0.536   1.00 8.90  ? 148 ARG A O   1 
ATOM   1110 C CB  . ARG A 1 149 ? -0.387  -9.478  3.738   1.00 8.59  ? 148 ARG A CB  1 
ATOM   1111 C CG  . ARG A 1 149 ? -0.436  -8.969  5.158   1.00 9.72  ? 148 ARG A CG  1 
ATOM   1112 C CD  . ARG A 1 149 ? -1.364  -9.823  6.028   1.00 9.25  ? 148 ARG A CD  1 
ATOM   1113 N NE  . ARG A 1 149 ? -1.085  -11.253 5.937   1.00 15.81 ? 148 ARG A NE  1 
ATOM   1114 C CZ  . ARG A 1 149 ? -1.937  -12.200 6.334   1.00 13.48 ? 148 ARG A CZ  1 
ATOM   1115 N NH1 . ARG A 1 149 ? -3.119  -11.866 6.849   1.00 12.40 ? 148 ARG A NH1 1 
ATOM   1116 N NH2 . ARG A 1 149 ? -1.617  -13.482 6.204   1.00 11.66 ? 148 ARG A NH2 1 
ATOM   1117 N N   . ARG A 1 150 ? 1.306   -9.921  1.081   1.00 10.17 ? 149 ARG A N   1 
ATOM   1118 C CA  . ARG A 1 150 ? 1.358   -10.520 -0.239  1.00 11.02 ? 149 ARG A CA  1 
ATOM   1119 C C   . ARG A 1 150 ? 1.757   -11.985 -0.191  1.00 9.61  ? 149 ARG A C   1 
ATOM   1120 O O   . ARG A 1 150 ? 2.455   -12.422 0.731   1.00 10.01 ? 149 ARG A O   1 
ATOM   1121 C CB  . ARG A 1 150 ? 2.290   -9.718  -1.169  1.00 14.79 ? 149 ARG A CB  1 
ATOM   1122 C CG  . ARG A 1 150 ? 3.781   -9.959  -1.023  1.00 21.26 ? 149 ARG A CG  1 
ATOM   1123 C CD  . ARG A 1 150 ? 4.542   -9.182  -2.128  1.00 31.39 ? 149 ARG A CD  1 
ATOM   1124 N NE  . ARG A 1 150 ? 4.754   -7.791  -1.736  1.00 42.19 ? 149 ARG A NE  1 
ATOM   1125 C CZ  . ARG A 1 150 ? 4.763   -6.721  -2.543  1.00 45.76 ? 149 ARG A CZ  1 
ATOM   1126 N NH1 . ARG A 1 150 ? 4.569   -6.821  -3.862  1.00 47.04 ? 149 ARG A NH1 1 
ATOM   1127 N NH2 . ARG A 1 150 ? 4.958   -5.518  -2.003  1.00 47.21 ? 149 ARG A NH2 1 
ATOM   1128 N N   . LEU A 1 151 ? 1.269   -12.734 -1.174  1.00 9.48  ? 150 LEU A N   1 
ATOM   1129 C CA  . LEU A 1 151 ? 1.556   -14.150 -1.305  1.00 11.31 ? 150 LEU A CA  1 
ATOM   1130 C C   . LEU A 1 151 ? 1.528   -14.553 -2.761  1.00 11.66 ? 150 LEU A C   1 
ATOM   1131 O O   . LEU A 1 151 ? 0.757   -14.025 -3.539  1.00 12.08 ? 150 LEU A O   1 
ATOM   1132 C CB  . LEU A 1 151 ? 0.506   -15.003 -0.595  1.00 10.07 ? 150 LEU A CB  1 
ATOM   1133 C CG  . LEU A 1 151 ? 0.615   -15.233 0.910   1.00 11.81 ? 150 LEU A CG  1 
ATOM   1134 C CD1 . LEU A 1 151 ? -0.591  -16.043 1.350   1.00 10.32 ? 150 LEU A CD1 1 
ATOM   1135 C CD2 . LEU A 1 151 ? 1.904   -15.951 1.221   1.00 10.41 ? 150 LEU A CD2 1 
ATOM   1136 N N   . PRO A 1 152 ? 2.400   -15.492 -3.131  1.00 15.66 ? 151 PRO A N   1 
ATOM   1137 C CA  . PRO A 1 152 ? 2.415   -15.969 -4.510  1.00 13.52 ? 151 PRO A CA  1 
ATOM   1138 C C   . PRO A 1 152 ? 1.159   -16.793 -4.742  1.00 16.17 ? 151 PRO A C   1 
ATOM   1139 O O   . PRO A 1 152 ? 0.654   -17.469 -3.840  1.00 15.14 ? 151 PRO A O   1 
ATOM   1140 C CB  . PRO A 1 152 ? 3.687   -16.800 -4.596  1.00 14.88 ? 151 PRO A CB  1 
ATOM   1141 C CG  . PRO A 1 152 ? 4.051   -17.149 -3.182  1.00 16.59 ? 151 PRO A CG  1 
ATOM   1142 C CD  . PRO A 1 152 ? 3.472   -16.084 -2.295  1.00 12.80 ? 151 PRO A CD  1 
ATOM   1143 N N   . ALA A 1 153 ? 0.647   -16.735 -5.961  1.00 16.50 ? 152 ALA A N   1 
ATOM   1144 C CA  . ALA A 1 153 ? -0.540  -17.488 -6.302  1.00 20.86 ? 152 ALA A CA  1 
ATOM   1145 C C   . ALA A 1 153 ? -0.118  -18.938 -6.364  1.00 25.07 ? 152 ALA A C   1 
ATOM   1146 O O   . ALA A 1 153 ? 1.023   -19.259 -6.729  1.00 24.17 ? 152 ALA A O   1 
ATOM   1147 C CB  . ALA A 1 153 ? -1.104  -17.031 -7.660  1.00 17.33 ? 152 ALA A CB  1 
ATOM   1148 N N   . GLY A 1 154 ? -1.048  -19.796 -5.964  1.00 31.35 ? 153 GLY A N   1 
ATOM   1149 C CA  . GLY A 1 154 ? -0.819  -21.226 -5.960  1.00 39.29 ? 153 GLY A CA  1 
ATOM   1150 C C   . GLY A 1 154 ? -0.949  -21.756 -7.373  1.00 45.51 ? 153 GLY A C   1 
ATOM   1151 O O   . GLY A 1 154 ? -1.695  -21.193 -8.184  1.00 45.86 ? 153 GLY A O   1 
ATOM   1152 N N   . PRO A 1 155 ? -0.276  -22.875 -7.678  1.00 48.72 ? 154 PRO A N   1 
ATOM   1153 C CA  . PRO A 1 155 ? -0.331  -23.448 -9.021  1.00 49.04 ? 154 PRO A CA  1 
ATOM   1154 C C   . PRO A 1 155 ? -1.771  -23.556 -9.455  1.00 47.79 ? 154 PRO A C   1 
ATOM   1155 O O   . PRO A 1 155 ? -2.652  -23.823 -8.637  1.00 45.49 ? 154 PRO A O   1 
ATOM   1156 C CB  . PRO A 1 155 ? 0.351   -24.803 -8.862  1.00 50.37 ? 154 PRO A CB  1 
ATOM   1157 C CG  . PRO A 1 155 ? 1.238   -24.628 -7.661  1.00 50.96 ? 154 PRO A CG  1 
ATOM   1158 C CD  . PRO A 1 155 ? 0.471   -23.734 -6.742  1.00 48.94 ? 154 PRO A CD  1 
ATOM   1159 N N   . LYS A 1 156 ? -2.011  -23.322 -10.737 1.00 49.14 ? 155 LYS A N   1 
ATOM   1160 C CA  . LYS A 1 156 ? -3.362  -23.403 -11.262 1.00 52.53 ? 155 LYS A CA  1 
ATOM   1161 C C   . LYS A 1 156 ? -3.945  -24.752 -10.868 1.00 54.33 ? 155 LYS A C   1 
ATOM   1162 O O   . LYS A 1 156 ? -3.377  -25.798 -11.190 1.00 56.09 ? 155 LYS A O   1 
ATOM   1163 C CB  . LYS A 1 156 ? -3.341  -23.252 -12.785 1.00 53.34 ? 155 LYS A CB  1 
ATOM   1164 C CG  . LYS A 1 156 ? -4.522  -23.889 -13.543 1.00 55.61 ? 155 LYS A CG  1 
ATOM   1165 C CD  . LYS A 1 156 ? -4.386  -23.741 -15.076 1.00 58.59 ? 155 LYS A CD  1 
ATOM   1166 C CE  . LYS A 1 156 ? -2.939  -23.971 -15.561 1.00 61.82 ? 155 LYS A CE  1 
ATOM   1167 N NZ  . LYS A 1 156 ? -2.858  -24.392 -16.999 1.00 62.15 ? 155 LYS A NZ  1 
ATOM   1168 N N   . VAL A 1 157 ? -5.051  -24.723 -10.130 1.00 56.74 ? 156 VAL A N   1 
ATOM   1169 C CA  . VAL A 1 157 ? -5.718  -25.952 -9.736  1.00 61.01 ? 156 VAL A CA  1 
ATOM   1170 C C   . VAL A 1 157 ? -6.860  -26.073 -10.717 1.00 62.53 ? 156 VAL A C   1 
ATOM   1171 O O   . VAL A 1 157 ? -8.048  -26.014 -10.388 1.00 63.86 ? 156 VAL A O   1 
ATOM   1172 C CB  . VAL A 1 157 ? -6.205  -25.928 -8.261  1.00 63.39 ? 156 VAL A CB  1 
ATOM   1173 C CG1 . VAL A 1 157 ? -4.986  -25.932 -7.336  1.00 66.60 ? 156 VAL A CG1 1 
ATOM   1174 C CG2 . VAL A 1 157 ? -7.081  -24.711 -7.984  1.00 63.72 ? 156 VAL A CG2 1 
ATOM   1175 N N   . ASN A 1 158 ? -6.424  -26.204 -11.963 1.00 64.50 ? 157 ASN A N   1 
ATOM   1176 C CA  . ASN A 1 158 ? -7.271  -26.351 -13.122 1.00 63.17 ? 157 ASN A CA  1 
ATOM   1177 C C   . ASN A 1 158 ? -8.356  -25.303 -13.183 1.00 59.72 ? 157 ASN A C   1 
ATOM   1178 O O   . ASN A 1 158 ? -9.509  -25.472 -12.748 1.00 58.88 ? 157 ASN A O   1 
ATOM   1179 C CB  . ASN A 1 158 ? -7.754  -27.788 -13.172 1.00 68.53 ? 157 ASN A CB  1 
ATOM   1180 C CG  . ASN A 1 158 ? -6.578  -28.734 -13.379 1.00 73.89 ? 157 ASN A CG  1 
ATOM   1181 O OD1 . ASN A 1 158 ? -5.730  -28.473 -14.242 1.00 77.68 ? 157 ASN A OD1 1 
ATOM   1182 N ND2 . ASN A 1 158 ? -6.489  -29.794 -12.583 1.00 76.15 ? 157 ASN A ND2 1 
ATOM   1183 N N   . GLY A 1 159 ? -7.920  -24.174 -13.735 1.00 55.58 ? 158 GLY A N   1 
ATOM   1184 C CA  . GLY A 1 159 ? -8.782  -23.026 -13.920 1.00 48.29 ? 158 GLY A CA  1 
ATOM   1185 C C   . GLY A 1 159 ? -8.533  -21.885 -12.959 1.00 41.84 ? 158 GLY A C   1 
ATOM   1186 O O   . GLY A 1 159 ? -8.492  -20.730 -13.366 1.00 40.94 ? 158 GLY A O   1 
ATOM   1187 N N   . THR A 1 160 ? -8.345  -22.206 -11.686 1.00 37.90 ? 159 THR A N   1 
ATOM   1188 C CA  . THR A 1 160 ? -8.179  -21.171 -10.674 1.00 34.16 ? 159 THR A CA  1 
ATOM   1189 C C   . THR A 1 160 ? -6.753  -20.932 -10.145 1.00 31.32 ? 159 THR A C   1 
ATOM   1190 O O   . THR A 1 160 ? -5.980  -21.868 -9.959  1.00 30.62 ? 159 THR A O   1 
ATOM   1191 C CB  . THR A 1 160 ? -9.172  -21.476 -9.505  1.00 33.07 ? 159 THR A CB  1 
ATOM   1192 O OG1 . THR A 1 160 ? -10.517 -21.306 -9.979  1.00 32.97 ? 159 THR A OG1 1 
ATOM   1193 C CG2 . THR A 1 160 ? -8.954  -20.560 -8.319  1.00 33.96 ? 159 THR A CG2 1 
ATOM   1194 N N   . PHE A 1 161 ? -6.408  -19.662 -9.948  1.00 25.26 ? 160 PHE A N   1 
ATOM   1195 C CA  . PHE A 1 161 ? -5.118  -19.293 -9.390  1.00 23.25 ? 160 PHE A CA  1 
ATOM   1196 C C   . PHE A 1 161 ? -5.524  -18.634 -8.083  1.00 19.03 ? 160 PHE A C   1 
ATOM   1197 O O   . PHE A 1 161 ? -6.380  -17.735 -8.057  1.00 19.41 ? 160 PHE A O   1 
ATOM   1198 C CB  . PHE A 1 161 ? -4.378  -18.329 -10.300 1.00 23.42 ? 160 PHE A CB  1 
ATOM   1199 C CG  . PHE A 1 161 ? -4.019  -18.922 -11.639 1.00 23.21 ? 160 PHE A CG  1 
ATOM   1200 C CD1 . PHE A 1 161 ? -4.947  -18.921 -12.675 1.00 22.79 ? 160 PHE A CD1 1 
ATOM   1201 C CD2 . PHE A 1 161 ? -2.755  -19.455 -11.873 1.00 23.82 ? 160 PHE A CD2 1 
ATOM   1202 C CE1 . PHE A 1 161 ? -4.621  -19.437 -13.923 1.00 26.13 ? 160 PHE A CE1 1 
ATOM   1203 C CE2 . PHE A 1 161 ? -2.419  -19.977 -13.126 1.00 26.06 ? 160 PHE A CE2 1 
ATOM   1204 C CZ  . PHE A 1 161 ? -3.356  -19.964 -14.154 1.00 24.79 ? 160 PHE A CZ  1 
ATOM   1205 N N   . GLN A 1 162 ? -4.931  -19.098 -6.992  1.00 16.64 ? 161 GLN A N   1 
ATOM   1206 C CA  . GLN A 1 162 ? -5.352  -18.594 -5.706  1.00 17.68 ? 161 GLN A CA  1 
ATOM   1207 C C   . GLN A 1 162 ? -4.266  -18.580 -4.637  1.00 14.31 ? 161 GLN A C   1 
ATOM   1208 O O   . GLN A 1 162 ? -3.315  -19.350 -4.671  1.00 15.42 ? 161 GLN A O   1 
ATOM   1209 C CB  . GLN A 1 162 ? -6.554  -19.456 -5.290  1.00 19.40 ? 161 GLN A CB  1 
ATOM   1210 C CG  . GLN A 1 162 ? -6.626  -19.989 -3.866  1.00 22.72 ? 161 GLN A CG  1 
ATOM   1211 C CD  . GLN A 1 162 ? -7.998  -20.594 -3.579  1.00 27.41 ? 161 GLN A CD  1 
ATOM   1212 O OE1 . GLN A 1 162 ? -8.756  -20.922 -4.509  1.00 29.90 ? 161 GLN A OE1 1 
ATOM   1213 N NE2 . GLN A 1 162 ? -8.327  -20.743 -2.297  1.00 25.09 ? 161 GLN A NE2 1 
ATOM   1214 N N   . ALA A 1 163 ? -4.405  -17.657 -3.702  1.00 12.58 ? 162 ALA A N   1 
ATOM   1215 C CA  . ALA A 1 163 ? -3.487  -17.556 -2.571  1.00 12.30 ? 162 ALA A CA  1 
ATOM   1216 C C   . ALA A 1 163 ? -4.375  -17.571 -1.329  1.00 11.00 ? 162 ALA A C   1 
ATOM   1217 O O   . ALA A 1 163 ? -5.464  -16.985 -1.319  1.00 11.13 ? 162 ALA A O   1 
ATOM   1218 C CB  . ALA A 1 163 ? -2.677  -16.254 -2.627  1.00 12.58 ? 162 ALA A CB  1 
ATOM   1219 N N   . ASP A 1 164 ? -3.917  -18.277 -0.304  1.00 11.46 ? 163 ASP A N   1 
ATOM   1220 C CA  . ASP A 1 164 ? -4.659  -18.376 0.944   1.00 13.36 ? 163 ASP A CA  1 
ATOM   1221 C C   . ASP A 1 164 ? -3.900  -17.629 2.042   1.00 11.35 ? 163 ASP A C   1 
ATOM   1222 O O   . ASP A 1 164 ? -2.815  -18.035 2.441   1.00 12.45 ? 163 ASP A O   1 
ATOM   1223 C CB  . ASP A 1 164 ? -4.828  -19.847 1.342   1.00 14.73 ? 163 ASP A CB  1 
ATOM   1224 C CG  . ASP A 1 164 ? -5.588  -20.660 0.300   1.00 16.52 ? 163 ASP A CG  1 
ATOM   1225 O OD1 . ASP A 1 164 ? -6.583  -20.163 -0.262  1.00 15.83 ? 163 ASP A OD1 1 
ATOM   1226 O OD2 . ASP A 1 164 ? -5.170  -21.802 0.035   1.00 27.09 ? 163 ASP A OD2 1 
ATOM   1227 N N   . PHE A 1 165 ? -4.479  -16.535 2.509   1.00 10.59 ? 164 PHE A N   1 
ATOM   1228 C CA  . PHE A 1 165 ? -3.855  -15.737 3.549   1.00 9.35  ? 164 PHE A CA  1 
ATOM   1229 C C   . PHE A 1 165 ? -4.360  -16.131 4.921   1.00 9.07  ? 164 PHE A C   1 
ATOM   1230 O O   . PHE A 1 165 ? -5.527  -15.894 5.231   1.00 9.76  ? 164 PHE A O   1 
ATOM   1231 C CB  . PHE A 1 165 ? -4.180  -14.273 3.369   1.00 9.18  ? 164 PHE A CB  1 
ATOM   1232 C CG  . PHE A 1 165 ? -3.547  -13.669 2.179   1.00 9.76  ? 164 PHE A CG  1 
ATOM   1233 C CD1 . PHE A 1 165 ? -4.175  -13.745 0.934   1.00 9.93  ? 164 PHE A CD1 1 
ATOM   1234 C CD2 . PHE A 1 165 ? -2.345  -12.979 2.306   1.00 8.48  ? 164 PHE A CD2 1 
ATOM   1235 C CE1 . PHE A 1 165 ? -3.596  -13.123 -0.198  1.00 12.47 ? 164 PHE A CE1 1 
ATOM   1236 C CE2 . PHE A 1 165 ? -1.757  -12.356 1.198   1.00 11.30 ? 164 PHE A CE2 1 
ATOM   1237 C CZ  . PHE A 1 165 ? -2.399  -12.433 -0.056  1.00 10.55 ? 164 PHE A CZ  1 
ATOM   1238 N N   . PRO A 1 166 ? -3.494  -16.721 5.751   1.00 10.76 ? 165 PRO A N   1 
ATOM   1239 C CA  . PRO A 1 166 ? -4.019  -17.069 7.080   1.00 11.85 ? 165 PRO A CA  1 
ATOM   1240 C C   . PRO A 1 166 ? -4.159  -15.793 7.913   1.00 11.19 ? 165 PRO A C   1 
ATOM   1241 O O   . PRO A 1 166 ? -3.339  -14.879 7.815   1.00 10.14 ? 165 PRO A O   1 
ATOM   1242 C CB  . PRO A 1 166 ? -2.974  -18.012 7.648   1.00 11.93 ? 165 PRO A CB  1 
ATOM   1243 C CG  . PRO A 1 166 ? -1.732  -17.782 6.851   1.00 13.92 ? 165 PRO A CG  1 
ATOM   1244 C CD  . PRO A 1 166 ? -2.091  -17.109 5.552   1.00 8.88  ? 165 PRO A CD  1 
ATOM   1245 N N   . LEU A 1 167 ? -5.208  -15.696 8.720   1.00 11.93 ? 166 LEU A N   1 
ATOM   1246 C CA  . LEU A 1 167 ? -5.325  -14.526 9.581   1.00 11.95 ? 166 LEU A CA  1 
ATOM   1247 C C   . LEU A 1 167 ? -4.944  -14.974 10.993  1.00 12.72 ? 166 LEU A C   1 
ATOM   1248 O O   . LEU A 1 167 ? -4.721  -14.144 11.872  1.00 14.48 ? 166 LEU A O   1 
ATOM   1249 C CB  . LEU A 1 167 ? -6.748  -13.980 9.586   1.00 10.60 ? 166 LEU A CB  1 
ATOM   1250 C CG  . LEU A 1 167 ? -7.389  -13.548 8.256   1.00 13.58 ? 166 LEU A CG  1 
ATOM   1251 C CD1 . LEU A 1 167 ? -8.720  -12.828 8.512   1.00 13.94 ? 166 LEU A CD1 1 
ATOM   1252 C CD2 . LEU A 1 167 ? -6.441  -12.648 7.495   1.00 11.51 ? 166 LEU A CD2 1 
ATOM   1253 N N   . GLY A 1 168 ? -4.855  -16.284 11.192  1.00 16.12 ? 167 GLY A N   1 
ATOM   1254 C CA  . GLY A 1 168 ? -4.541  -16.809 12.514  1.00 19.17 ? 167 GLY A CA  1 
ATOM   1255 C C   . GLY A 1 168 ? -5.804  -16.770 13.367  1.00 21.79 ? 167 GLY A C   1 
ATOM   1256 O O   . GLY A 1 168 ? -6.888  -16.502 12.853  1.00 20.85 ? 167 GLY A O   1 
ATOM   1257 N N   . PRO A 1 169 ? -5.697  -17.014 14.684  1.00 22.43 ? 168 PRO A N   1 
ATOM   1258 C CA  . PRO A 1 169 ? -6.887  -16.985 15.538  1.00 21.50 ? 168 PRO A CA  1 
ATOM   1259 C C   . PRO A 1 169 ? -7.517  -15.601 15.555  1.00 21.23 ? 168 PRO A C   1 
ATOM   1260 O O   . PRO A 1 169 ? -6.872  -14.591 15.837  1.00 19.31 ? 168 PRO A O   1 
ATOM   1261 C CB  . PRO A 1 169 ? -6.374  -17.407 16.919  1.00 21.82 ? 168 PRO A CB  1 
ATOM   1262 C CG  . PRO A 1 169 ? -4.994  -17.969 16.686  1.00 24.75 ? 168 PRO A CG  1 
ATOM   1263 C CD  . PRO A 1 169 ? -4.476  -17.349 15.430  1.00 20.98 ? 168 PRO A CD  1 
ATOM   1264 N N   . ALA A 1 170 ? -8.809  -15.581 15.246  1.00 23.53 ? 169 ALA A N   1 
ATOM   1265 C CA  . ALA A 1 170 ? -9.587  -14.356 15.178  1.00 22.20 ? 169 ALA A CA  1 
ATOM   1266 C C   . ALA A 1 170 ? -9.518  -13.509 16.436  1.00 22.43 ? 169 ALA A C   1 
ATOM   1267 O O   . ALA A 1 170 ? -9.700  -13.992 17.551  1.00 18.44 ? 169 ALA A O   1 
ATOM   1268 C CB  . ALA A 1 170 ? -11.030 -14.677 14.855  1.00 19.84 ? 169 ALA A CB  1 
ATOM   1269 N N   . THR A 1 171 ? -9.247  -12.227 16.248  1.00 21.23 ? 170 THR A N   1 
ATOM   1270 C CA  . THR A 1 171 ? -9.204  -11.321 17.380  1.00 25.43 ? 170 THR A CA  1 
ATOM   1271 C C   . THR A 1 171 ? -10.102 -10.147 17.095  1.00 25.50 ? 170 THR A C   1 
ATOM   1272 O O   . THR A 1 171 ? -11.030 -9.856  17.830  1.00 26.31 ? 170 THR A O   1 
ATOM   1273 C CB  . THR A 1 171 ? -7.802  -10.764 17.655  1.00 26.44 ? 170 THR A CB  1 
ATOM   1274 O OG1 . THR A 1 171 ? -6.814  -11.767 17.411  1.00 31.01 ? 170 THR A OG1 1 
ATOM   1275 C CG2 . THR A 1 171 ? -7.718  -10.327 19.086  1.00 31.08 ? 170 THR A CG2 1 
ATOM   1276 N N   . HIS A 1 172 ? -9.814  -9.487  15.991  1.00 27.06 ? 171 HIS A N   1 
ATOM   1277 C CA  . HIS A 1 172 ? -10.549 -8.325  15.605  1.00 27.93 ? 171 HIS A CA  1 
ATOM   1278 C C   . HIS A 1 172 ? -11.004 -8.474  14.165  1.00 28.01 ? 171 HIS A C   1 
ATOM   1279 O O   . HIS A 1 172 ? -10.319 -9.099  13.344  1.00 28.79 ? 171 HIS A O   1 
ATOM   1280 C CB  . HIS A 1 172 ? -9.641  -7.118  15.813  1.00 30.49 ? 171 HIS A CB  1 
ATOM   1281 C CG  . HIS A 1 172 ? -9.379  -6.832  17.263  1.00 35.75 ? 171 HIS A CG  1 
ATOM   1282 N ND1 . HIS A 1 172 ? -8.121  -6.855  17.831  1.00 38.76 ? 171 HIS A ND1 1 
ATOM   1283 C CD2 . HIS A 1 172 ? -10.240 -6.545  18.269  1.00 37.39 ? 171 HIS A CD2 1 
ATOM   1284 C CE1 . HIS A 1 172 ? -8.223  -6.593  19.125  1.00 40.68 ? 171 HIS A CE1 1 
ATOM   1285 N NE2 . HIS A 1 172 ? -9.497  -6.402  19.414  1.00 40.89 ? 171 HIS A NE2 1 
ATOM   1286 N N   . GLY A 1 173 ? -12.176 -7.929  13.864  1.00 26.79 ? 172 GLY A N   1 
ATOM   1287 C CA  . GLY A 1 173 ? -12.696 -8.022  12.515  1.00 24.80 ? 172 GLY A CA  1 
ATOM   1288 C C   . GLY A 1 173 ? -12.081 -6.922  11.693  1.00 22.79 ? 172 GLY A C   1 
ATOM   1289 O O   . GLY A 1 173 ? -11.305 -6.102  12.192  1.00 26.73 ? 172 GLY A O   1 
ATOM   1290 N N   . GLY A 1 174 ? -12.427 -6.905  10.420  1.00 22.25 ? 173 GLY A N   1 
ATOM   1291 C CA  . GLY A 1 174 ? -11.902 -5.888  9.533   1.00 20.62 ? 173 GLY A CA  1 
ATOM   1292 C C   . GLY A 1 174 ? -12.536 -6.077  8.178   1.00 19.11 ? 173 GLY A C   1 
ATOM   1293 O O   . GLY A 1 174 ? -13.215 -7.075  7.951   1.00 17.58 ? 173 GLY A O   1 
ATOM   1294 N N   . THR A 1 175 ? -12.339 -5.112  7.288   1.00 17.32 ? 174 THR A N   1 
ATOM   1295 C CA  . THR A 1 175 ? -12.880 -5.206  5.950   1.00 16.59 ? 174 THR A CA  1 
ATOM   1296 C C   . THR A 1 175 ? -11.683 -5.425  5.059   1.00 15.82 ? 174 THR A C   1 
ATOM   1297 O O   . THR A 1 175 ? -10.753 -4.608  5.038   1.00 16.69 ? 174 THR A O   1 
ATOM   1298 C CB  . THR A 1 175 ? -13.586 -3.923  5.562   1.00 16.70 ? 174 THR A CB  1 
ATOM   1299 O OG1 . THR A 1 175 ? -14.734 -3.761  6.398   1.00 20.09 ? 174 THR A OG1 1 
ATOM   1300 C CG2 . THR A 1 175 ? -14.009 -3.961  4.100   1.00 14.80 ? 174 THR A CG2 1 
ATOM   1301 N N   . TYR A 1 176 ? -11.691 -6.536  4.341   1.00 14.37 ? 175 TYR A N   1 
ATOM   1302 C CA  . TYR A 1 176 ? -10.549 -6.863  3.498   1.00 14.06 ? 175 TYR A CA  1 
ATOM   1303 C C   . TYR A 1 176 ? -10.828 -6.797  2.012   1.00 15.38 ? 175 TYR A C   1 
ATOM   1304 O O   . TYR A 1 176 ? -11.953 -6.999  1.571   1.00 12.58 ? 175 TYR A O   1 
ATOM   1305 C CB  . TYR A 1 176 ? -10.072 -8.274  3.809   1.00 13.97 ? 175 TYR A CB  1 
ATOM   1306 C CG  . TYR A 1 176 ? -9.607  -8.470  5.216   1.00 13.28 ? 175 TYR A CG  1 
ATOM   1307 C CD1 . TYR A 1 176 ? -10.522 -8.693  6.262   1.00 15.76 ? 175 TYR A CD1 1 
ATOM   1308 C CD2 . TYR A 1 176 ? -8.250  -8.452  5.510   1.00 8.76  ? 175 TYR A CD2 1 
ATOM   1309 C CE1 . TYR A 1 176 ? -10.082 -8.902  7.573   1.00 13.75 ? 175 TYR A CE1 1 
ATOM   1310 C CE2 . TYR A 1 176 ? -7.797  -8.658  6.808   1.00 9.79  ? 175 TYR A CE2 1 
ATOM   1311 C CZ  . TYR A 1 176 ? -8.720  -8.880  7.839   1.00 12.37 ? 175 TYR A CZ  1 
ATOM   1312 O OH  . TYR A 1 176 ? -8.287  -9.078  9.128   1.00 13.37 ? 175 TYR A OH  1 
ATOM   1313 N N   . ARG A 1 177 ? -9.780  -6.512  1.242   1.00 15.18 ? 176 ARG A N   1 
ATOM   1314 C CA  . ARG A 1 177 ? -9.892  -6.494  -0.211  1.00 17.03 ? 176 ARG A CA  1 
ATOM   1315 C C   . ARG A 1 177 ? -8.639  -7.141  -0.729  1.00 15.07 ? 176 ARG A C   1 
ATOM   1316 O O   . ARG A 1 177 ? -7.595  -7.156  -0.054  1.00 12.20 ? 176 ARG A O   1 
ATOM   1317 C CB  . ARG A 1 177 ? -9.946  -5.071  -0.782  1.00 18.02 ? 176 ARG A CB  1 
ATOM   1318 C CG  . ARG A 1 177 ? -11.242 -4.353  -0.584  1.00 20.04 ? 176 ARG A CG  1 
ATOM   1319 C CD  . ARG A 1 177 ? -11.034 -2.868  -0.746  1.00 20.68 ? 176 ARG A CD  1 
ATOM   1320 N NE  . ARG A 1 177 ? -12.328 -2.193  -0.773  1.00 25.19 ? 176 ARG A NE  1 
ATOM   1321 C CZ  . ARG A 1 177 ? -12.957 -1.736  0.306   1.00 28.68 ? 176 ARG A CZ  1 
ATOM   1322 N NH1 . ARG A 1 177 ? -12.417 -1.872  1.514   1.00 26.87 ? 176 ARG A NH1 1 
ATOM   1323 N NH2 . ARG A 1 177 ? -14.147 -1.171  0.179   1.00 30.45 ? 176 ARG A NH2 1 
ATOM   1324 N N   . CYS A 1 178 ? -8.731  -7.692  -1.920  1.00 13.51 ? 177 CYS A N   1 
ATOM   1325 C CA  . CYS A 1 178 ? -7.532  -8.235  -2.463  1.00 14.42 ? 177 CYS A CA  1 
ATOM   1326 C C   . CYS A 1 178 ? -7.354  -7.944  -3.938  1.00 11.14 ? 177 CYS A C   1 
ATOM   1327 O O   . CYS A 1 178 ? -8.306  -7.592  -4.653  1.00 13.58 ? 177 CYS A O   1 
ATOM   1328 C CB  . CYS A 1 178 ? -7.416  -9.698  -2.145  1.00 18.93 ? 177 CYS A CB  1 
ATOM   1329 S SG  . CYS A 1 178 ? -8.288  -11.003 -3.032  1.00 26.72 ? 177 CYS A SG  1 
ATOM   1330 N N   . PHE A 1 179 ? -6.101  -8.054  -4.354  1.00 10.35 ? 178 PHE A N   1 
ATOM   1331 C CA  . PHE A 1 179 ? -5.684  -7.727  -5.718  1.00 11.67 ? 178 PHE A CA  1 
ATOM   1332 C C   . PHE A 1 179 ? -4.679  -8.714  -6.249  1.00 13.00 ? 178 PHE A C   1 
ATOM   1333 O O   . PHE A 1 179 ? -3.906  -9.306  -5.488  1.00 11.91 ? 178 PHE A O   1 
ATOM   1334 C CB  . PHE A 1 179 ? -4.976  -6.369  -5.751  1.00 9.08  ? 178 PHE A CB  1 
ATOM   1335 C CG  . PHE A 1 179 ? -5.717  -5.267  -5.057  1.00 11.38 ? 178 PHE A CG  1 
ATOM   1336 C CD1 . PHE A 1 179 ? -5.789  -5.199  -3.643  1.00 8.95  ? 178 PHE A CD1 1 
ATOM   1337 C CD2 . PHE A 1 179 ? -6.322  -4.262  -5.813  1.00 6.35  ? 178 PHE A CD2 1 
ATOM   1338 C CE1 . PHE A 1 179 ? -6.441  -4.135  -3.020  1.00 10.87 ? 178 PHE A CE1 1 
ATOM   1339 C CE2 . PHE A 1 179 ? -6.967  -3.202  -5.201  1.00 9.11  ? 178 PHE A CE2 1 
ATOM   1340 C CZ  . PHE A 1 179 ? -7.041  -3.123  -3.804  1.00 10.24 ? 178 PHE A CZ  1 
ATOM   1341 N N   . GLY A 1 180 ? -4.659  -8.862  -7.570  1.00 11.21 ? 179 GLY A N   1 
ATOM   1342 C CA  . GLY A 1 180 ? -3.688  -9.735  -8.189  1.00 9.44  ? 179 GLY A CA  1 
ATOM   1343 C C   . GLY A 1 180 ? -2.665  -8.886  -8.927  1.00 11.71 ? 179 GLY A C   1 
ATOM   1344 O O   . GLY A 1 180 ? -2.919  -7.734  -9.277  1.00 11.84 ? 179 GLY A O   1 
ATOM   1345 N N   . SER A 1 181 ? -1.489  -9.452  -9.139  1.00 12.68 ? 180 SER A N   1 
ATOM   1346 C CA  . SER A 1 181 ? -0.434  -8.757  -9.870  1.00 14.36 ? 180 SER A CA  1 
ATOM   1347 C C   . SER A 1 181 ? 0.431   -9.787  -10.568 1.00 14.58 ? 180 SER A C   1 
ATOM   1348 O O   . SER A 1 181 ? 0.308   -10.995 -10.324 1.00 14.34 ? 180 SER A O   1 
ATOM   1349 C CB  . SER A 1 181 ? 0.400   -7.872  -8.931  1.00 11.08 ? 180 SER A CB  1 
ATOM   1350 O OG  . SER A 1 181 ? 1.250   -8.642  -8.097  1.00 12.97 ? 180 SER A OG  1 
ATOM   1351 N N   . PHE A 1 182 ? 1.306   -9.305  -11.448 1.00 15.16 ? 181 PHE A N   1 
ATOM   1352 C CA  . PHE A 1 182 ? 2.214   -10.176 -12.194 1.00 17.04 ? 181 PHE A CA  1 
ATOM   1353 C C   . PHE A 1 182 ? 3.644   -9.885  -11.797 1.00 17.16 ? 181 PHE A C   1 
ATOM   1354 O O   . PHE A 1 182 ? 3.997   -8.762  -11.424 1.00 16.61 ? 181 PHE A O   1 
ATOM   1355 C CB  . PHE A 1 182 ? 2.016   -9.997  -13.712 1.00 16.19 ? 181 PHE A CB  1 
ATOM   1356 C CG  . PHE A 1 182 ? 0.620   -10.325 -14.158 1.00 15.78 ? 181 PHE A CG  1 
ATOM   1357 C CD1 . PHE A 1 182 ? 0.191   -11.652 -14.218 1.00 15.15 ? 181 PHE A CD1 1 
ATOM   1358 C CD2 . PHE A 1 182 ? -0.288  -9.308  -14.456 1.00 15.14 ? 181 PHE A CD2 1 
ATOM   1359 C CE1 . PHE A 1 182 ? -1.111  -11.955 -14.561 1.00 14.45 ? 181 PHE A CE1 1 
ATOM   1360 C CE2 . PHE A 1 182 ? -1.591  -9.597  -14.800 1.00 14.71 ? 181 PHE A CE2 1 
ATOM   1361 C CZ  . PHE A 1 182 ? -2.013  -10.932 -14.855 1.00 17.15 ? 181 PHE A CZ  1 
ATOM   1362 N N   . HIS A 1 183 ? 4.472   -10.921 -11.868 1.00 21.35 ? 182 HIS A N   1 
ATOM   1363 C CA  . HIS A 1 183 ? 5.883   -10.820 -11.490 1.00 25.15 ? 182 HIS A CA  1 
ATOM   1364 C C   . HIS A 1 183 ? 6.637   -9.712  -12.214 1.00 24.62 ? 182 HIS A C   1 
ATOM   1365 O O   . HIS A 1 183 ? 7.549   -9.115  -11.660 1.00 25.78 ? 182 HIS A O   1 
ATOM   1366 C CB  . HIS A 1 183 ? 6.593   -12.158 -11.739 1.00 28.71 ? 182 HIS A CB  1 
ATOM   1367 C CG  . HIS A 1 183 ? 6.290   -13.207 -10.711 1.00 32.66 ? 182 HIS A CG  1 
ATOM   1368 N ND1 . HIS A 1 183 ? 6.004   -12.905 -9.402  1.00 32.53 ? 182 HIS A ND1 1 
ATOM   1369 C CD2 . HIS A 1 183 ? 6.234   -14.555 -10.819 1.00 30.60 ? 182 HIS A CD2 1 
ATOM   1370 C CE1 . HIS A 1 183 ? 5.783   -14.028 -8.736  1.00 32.34 ? 182 HIS A CE1 1 
ATOM   1371 N NE2 . HIS A 1 183 ? 5.917   -15.040 -9.571  1.00 31.31 ? 182 HIS A NE2 1 
ATOM   1372 N N   . ASP A 1 184 ? 6.264   -9.434  -13.452 1.00 25.46 ? 183 ASP A N   1 
ATOM   1373 C CA  . ASP A 1 184 ? 6.946   -8.385  -14.193 1.00 31.89 ? 183 ASP A CA  1 
ATOM   1374 C C   . ASP A 1 184 ? 6.819   -6.990  -13.556 1.00 30.83 ? 183 ASP A C   1 
ATOM   1375 O O   . ASP A 1 184 ? 7.742   -6.166  -13.611 1.00 29.90 ? 183 ASP A O   1 
ATOM   1376 C CB  . ASP A 1 184 ? 6.402   -8.365  -15.634 1.00 37.34 ? 183 ASP A CB  1 
ATOM   1377 C CG  . ASP A 1 184 ? 7.273   -9.168  -16.595 1.00 44.44 ? 183 ASP A CG  1 
ATOM   1378 O OD1 . ASP A 1 184 ? 8.508   -9.155  -16.398 1.00 49.69 ? 183 ASP A OD1 1 
ATOM   1379 O OD2 . ASP A 1 184 ? 6.746   -9.793  -17.556 1.00 43.08 ? 183 ASP A OD2 1 
ATOM   1380 N N   . SER A 1 185 ? 5.685   -6.770  -12.892 1.00 26.62 ? 184 SER A N   1 
ATOM   1381 C CA  . SER A 1 185 ? 5.331   -5.459  -12.343 1.00 22.24 ? 184 SER A CA  1 
ATOM   1382 C C   . SER A 1 185 ? 4.689   -5.498  -10.970 1.00 15.96 ? 184 SER A C   1 
ATOM   1383 O O   . SER A 1 185 ? 3.480   -5.419  -10.875 1.00 14.23 ? 184 SER A O   1 
ATOM   1384 C CB  . SER A 1 185 ? 4.311   -4.893  -13.274 1.00 23.29 ? 184 SER A CB  1 
ATOM   1385 O OG  . SER A 1 185 ? 3.552   -6.003  -13.743 1.00 29.92 ? 184 SER A OG  1 
ATOM   1386 N N   . PRO A 1 186 ? 5.496   -5.514  -9.908  1.00 16.50 ? 185 PRO A N   1 
ATOM   1387 C CA  . PRO A 1 186 ? 4.989   -5.570  -8.525  1.00 16.44 ? 185 PRO A CA  1 
ATOM   1388 C C   . PRO A 1 186 ? 4.146   -4.393  -8.024  1.00 12.91 ? 185 PRO A C   1 
ATOM   1389 O O   . PRO A 1 186 ? 3.502   -4.507  -6.958  1.00 11.79 ? 185 PRO A O   1 
ATOM   1390 C CB  . PRO A 1 186 ? 6.249   -5.755  -7.690  1.00 17.99 ? 185 PRO A CB  1 
ATOM   1391 C CG  . PRO A 1 186 ? 7.329   -5.156  -8.532  1.00 15.25 ? 185 PRO A CG  1 
ATOM   1392 C CD  . PRO A 1 186 ? 6.969   -5.498  -9.959  1.00 11.99 ? 185 PRO A CD  1 
ATOM   1393 N N   . TYR A 1 187 ? 4.138   -3.273  -8.746  1.00 9.29  ? 186 TYR A N   1 
ATOM   1394 C CA  . TYR A 1 187 ? 3.348   -2.109  -8.317  1.00 8.51  ? 186 TYR A CA  1 
ATOM   1395 C C   . TYR A 1 187 ? 2.175   -1.792  -9.248  1.00 11.09 ? 186 TYR A C   1 
ATOM   1396 O O   . TYR A 1 187 ? 1.670   -0.679  -9.228  1.00 11.22 ? 186 TYR A O   1 
ATOM   1397 C CB  . TYR A 1 187 ? 4.241   -0.882  -8.214  1.00 9.72  ? 186 TYR A CB  1 
ATOM   1398 C CG  . TYR A 1 187 ? 5.352   -1.015  -7.195  1.00 11.72 ? 186 TYR A CG  1 
ATOM   1399 C CD1 . TYR A 1 187 ? 5.140   -0.717  -5.831  1.00 14.77 ? 186 TYR A CD1 1 
ATOM   1400 C CD2 . TYR A 1 187 ? 6.628   -1.419  -7.595  1.00 10.56 ? 186 TYR A CD2 1 
ATOM   1401 C CE1 . TYR A 1 187 ? 6.192   -0.831  -4.903  1.00 15.80 ? 186 TYR A CE1 1 
ATOM   1402 C CE2 . TYR A 1 187 ? 7.667   -1.531  -6.682  1.00 11.62 ? 186 TYR A CE2 1 
ATOM   1403 C CZ  . TYR A 1 187 ? 7.442   -1.235  -5.340  1.00 11.04 ? 186 TYR A CZ  1 
ATOM   1404 O OH  . TYR A 1 187 ? 8.483   -1.350  -4.452  1.00 15.17 ? 186 TYR A OH  1 
ATOM   1405 N N   . GLU A 1 188 ? 1.771   -2.774  -10.050 1.00 9.79  ? 187 GLU A N   1 
ATOM   1406 C CA  . GLU A 1 188 ? 0.638   -2.653  -10.957 1.00 11.30 ? 187 GLU A CA  1 
ATOM   1407 C C   . GLU A 1 188 ? -0.295  -3.809  -10.611 1.00 11.98 ? 187 GLU A C   1 
ATOM   1408 O O   . GLU A 1 188 ? 0.030   -4.986  -10.820 1.00 14.02 ? 187 GLU A O   1 
ATOM   1409 C CB  . GLU A 1 188 ? 1.105   -2.731  -12.414 1.00 14.32 ? 187 GLU A CB  1 
ATOM   1410 C CG  . GLU A 1 188 ? 1.891   -1.486  -12.755 1.00 18.70 ? 187 GLU A CG  1 
ATOM   1411 C CD  . GLU A 1 188 ? 2.636   -1.562  -14.071 1.00 24.39 ? 187 GLU A CD  1 
ATOM   1412 O OE1 . GLU A 1 188 ? 1.976   -1.743  -15.113 1.00 27.85 ? 187 GLU A OE1 1 
ATOM   1413 O OE2 . GLU A 1 188 ? 3.877   -1.430  -14.047 1.00 31.61 ? 187 GLU A OE2 1 
ATOM   1414 N N   . TRP A 1 189 ? -1.445  -3.448  -10.059 1.00 11.91 ? 188 TRP A N   1 
ATOM   1415 C CA  . TRP A 1 189 ? -2.412  -4.426  -9.598  1.00 11.93 ? 188 TRP A CA  1 
ATOM   1416 C C   . TRP A 1 189 ? -3.755  -4.393  -10.308 1.00 12.20 ? 188 TRP A C   1 
ATOM   1417 O O   . TRP A 1 189 ? -4.116  -3.434  -11.000 1.00 12.19 ? 188 TRP A O   1 
ATOM   1418 C CB  . TRP A 1 189 ? -2.699  -4.227  -8.106  1.00 9.13  ? 188 TRP A CB  1 
ATOM   1419 C CG  . TRP A 1 189 ? -1.523  -4.302  -7.172  1.00 10.94 ? 188 TRP A CG  1 
ATOM   1420 C CD1 . TRP A 1 189 ? -0.235  -4.597  -7.472  1.00 9.81  ? 188 TRP A CD1 1 
ATOM   1421 C CD2 . TRP A 1 189 ? -1.571  -4.055  -5.759  1.00 10.71 ? 188 TRP A CD2 1 
ATOM   1422 N NE1 . TRP A 1 189 ? 0.537   -4.546  -6.329  1.00 8.77  ? 188 TRP A NE1 1 
ATOM   1423 C CE2 . TRP A 1 189 ? -0.264  -4.211  -5.259  1.00 9.58  ? 188 TRP A CE2 1 
ATOM   1424 C CE3 . TRP A 1 189 ? -2.595  -3.710  -4.863  1.00 9.17  ? 188 TRP A CE3 1 
ATOM   1425 C CZ2 . TRP A 1 189 ? 0.058   -4.037  -3.900  1.00 7.96  ? 188 TRP A CZ2 1 
ATOM   1426 C CZ3 . TRP A 1 189 ? -2.273  -3.527  -3.504  1.00 8.46  ? 188 TRP A CZ3 1 
ATOM   1427 C CH2 . TRP A 1 189 ? -0.961  -3.696  -3.051  1.00 5.93  ? 188 TRP A CH2 1 
ATOM   1428 N N   . SER A 1 190 ? -4.502  -5.467  -10.091 1.00 14.91 ? 189 SER A N   1 
ATOM   1429 C CA  . SER A 1 190 ? -5.838  -5.630  -10.628 1.00 13.94 ? 189 SER A CA  1 
ATOM   1430 C C   . SER A 1 190 ? -6.793  -4.686  -9.933  1.00 15.48 ? 189 SER A C   1 
ATOM   1431 O O   . SER A 1 190 ? -6.426  -3.912  -9.019  1.00 11.72 ? 189 SER A O   1 
ATOM   1432 C CB  . SER A 1 190 ? -6.297  -7.072  -10.389 1.00 14.42 ? 189 SER A CB  1 
ATOM   1433 O OG  . SER A 1 190 ? -6.552  -7.285  -8.998  1.00 13.01 ? 189 SER A OG  1 
ATOM   1434 N N   . LYS A 1 191 ? -8.045  -4.783  -10.365 1.00 16.28 ? 190 LYS A N   1 
ATOM   1435 C CA  . LYS A 1 191 ? -9.121  -4.035  -9.764  1.00 16.39 ? 190 LYS A CA  1 
ATOM   1436 C C   . LYS A 1 191 ? -9.263  -4.768  -8.412  1.00 12.93 ? 190 LYS A C   1 
ATOM   1437 O O   . LYS A 1 191 ? -8.918  -5.945  -8.311  1.00 14.52 ? 190 LYS A O   1 
ATOM   1438 C CB  . LYS A 1 191 ? -10.413 -4.245  -10.574 1.00 18.78 ? 190 LYS A CB  1 
ATOM   1439 C CG  . LYS A 1 191 ? -10.407 -3.505  -11.878 1.00 22.67 ? 190 LYS A CG  1 
ATOM   1440 C CD  . LYS A 1 191 ? -11.498 -3.982  -12.784 1.00 30.16 ? 190 LYS A CD  1 
ATOM   1441 C CE  . LYS A 1 191 ? -11.853 -2.898  -13.790 1.00 35.53 ? 190 LYS A CE  1 
ATOM   1442 N NZ  . LYS A 1 191 ? -12.784 -3.396  -14.853 1.00 41.07 ? 190 LYS A NZ  1 
ATOM   1443 N N   . SER A 1 192 ? -9.772  -4.078  -7.406  1.00 13.25 ? 191 SER A N   1 
ATOM   1444 C CA  . SER A 1 192 ? -9.952  -4.649  -6.076  1.00 13.34 ? 191 SER A CA  1 
ATOM   1445 C C   . SER A 1 192 ? -11.065 -5.686  -6.055  1.00 16.42 ? 191 SER A C   1 
ATOM   1446 O O   . SER A 1 192 ? -12.060 -5.541  -6.768  1.00 16.33 ? 191 SER A O   1 
ATOM   1447 C CB  . SER A 1 192 ? -10.336 -3.538  -5.097  1.00 16.12 ? 191 SER A CB  1 
ATOM   1448 O OG  . SER A 1 192 ? -10.780 -4.086  -3.853  1.00 18.28 ? 191 SER A OG  1 
ATOM   1449 N N   . SER A 1 193 ? -10.921 -6.726  -5.241  1.00 16.84 ? 192 SER A N   1 
ATOM   1450 C CA  . SER A 1 193 ? -12.010 -7.685  -5.100  1.00 14.19 ? 192 SER A CA  1 
ATOM   1451 C C   . SER A 1 193 ? -13.099 -6.908  -4.372  1.00 15.90 ? 192 SER A C   1 
ATOM   1452 O O   . SER A 1 193 ? -12.841 -5.823  -3.820  1.00 13.02 ? 192 SER A O   1 
ATOM   1453 C CB  . SER A 1 193 ? -11.584 -8.821  -4.176  1.00 14.55 ? 192 SER A CB  1 
ATOM   1454 O OG  . SER A 1 193 ? -11.395 -8.292  -2.864  1.00 13.98 ? 192 SER A OG  1 
ATOM   1455 N N   . ASP A 1 194 ? -14.309 -7.462  -4.343  1.00 18.10 ? 193 ASP A N   1 
ATOM   1456 C CA  . ASP A 1 194 ? -15.378 -6.818  -3.585  1.00 20.22 ? 193 ASP A CA  1 
ATOM   1457 C C   . ASP A 1 194 ? -14.909 -6.934  -2.132  1.00 19.15 ? 193 ASP A C   1 
ATOM   1458 O O   . ASP A 1 194 ? -14.311 -7.947  -1.762  1.00 21.35 ? 193 ASP A O   1 
ATOM   1459 C CB  . ASP A 1 194 ? -16.680 -7.593  -3.782  1.00 20.95 ? 193 ASP A CB  1 
ATOM   1460 C CG  . ASP A 1 194 ? -17.199 -7.484  -5.195  1.00 28.06 ? 193 ASP A CG  1 
ATOM   1461 O OD1 . ASP A 1 194 ? -16.996 -6.415  -5.805  1.00 27.33 ? 193 ASP A OD1 1 
ATOM   1462 O OD2 . ASP A 1 194 ? -17.785 -8.467  -5.686  1.00 33.10 ? 193 ASP A OD2 1 
ATOM   1463 N N   . PRO A 1 195 ? -15.157 -5.912  -1.306  1.00 19.77 ? 194 PRO A N   1 
ATOM   1464 C CA  . PRO A 1 195 ? -14.730 -5.945  0.096   1.00 20.35 ? 194 PRO A CA  1 
ATOM   1465 C C   . PRO A 1 195 ? -15.369 -7.085  0.894   1.00 21.33 ? 194 PRO A C   1 
ATOM   1466 O O   . PRO A 1 195 ? -16.523 -7.431  0.670   1.00 23.05 ? 194 PRO A O   1 
ATOM   1467 C CB  . PRO A 1 195 ? -15.129 -4.571  0.628   1.00 20.72 ? 194 PRO A CB  1 
ATOM   1468 C CG  . PRO A 1 195 ? -16.232 -4.125  -0.280  1.00 24.60 ? 194 PRO A CG  1 
ATOM   1469 C CD  . PRO A 1 195 ? -15.937 -4.701  -1.631  1.00 20.51 ? 194 PRO A CD  1 
ATOM   1470 N N   . LEU A 1 196 ? -14.612 -7.668  1.815   1.00 18.12 ? 195 LEU A N   1 
ATOM   1471 C CA  . LEU A 1 196 ? -15.143 -8.741  2.648   1.00 19.31 ? 195 LEU A CA  1 
ATOM   1472 C C   . LEU A 1 196 ? -15.088 -8.309  4.118   1.00 17.53 ? 195 LEU A C   1 
ATOM   1473 O O   . LEU A 1 196 ? -14.016 -7.991  4.637   1.00 16.16 ? 195 LEU A O   1 
ATOM   1474 C CB  . LEU A 1 196 ? -14.340 -10.038 2.458   1.00 21.93 ? 195 LEU A CB  1 
ATOM   1475 C CG  . LEU A 1 196 ? -14.772 -11.210 3.350   1.00 25.29 ? 195 LEU A CG  1 
ATOM   1476 C CD1 . LEU A 1 196 ? -16.287 -11.303 3.326   1.00 30.73 ? 195 LEU A CD1 1 
ATOM   1477 C CD2 . LEU A 1 196 ? -14.169 -12.524 2.878   1.00 22.36 ? 195 LEU A CD2 1 
ATOM   1478 N N   . LEU A 1 197 ? -16.239 -8.272  4.789   1.00 18.49 ? 196 LEU A N   1 
ATOM   1479 C CA  . LEU A 1 197 ? -16.239 -7.895  6.196   1.00 21.02 ? 196 LEU A CA  1 
ATOM   1480 C C   . LEU A 1 197 ? -16.092 -9.132  7.062   1.00 21.86 ? 196 LEU A C   1 
ATOM   1481 O O   . LEU A 1 197 ? -16.908 -10.049 7.001   1.00 23.05 ? 196 LEU A O   1 
ATOM   1482 C CB  . LEU A 1 197 ? -17.526 -7.157  6.588   1.00 22.07 ? 196 LEU A CB  1 
ATOM   1483 C CG  . LEU A 1 197 ? -17.645 -6.763  8.071   1.00 24.44 ? 196 LEU A CG  1 
ATOM   1484 C CD1 . LEU A 1 197 ? -16.681 -5.630  8.397   1.00 25.85 ? 196 LEU A CD1 1 
ATOM   1485 C CD2 . LEU A 1 197 ? -19.065 -6.323  8.382   1.00 29.21 ? 196 LEU A CD2 1 
ATOM   1486 N N   . VAL A 1 198 ? -15.028 -9.174  7.847   1.00 21.01 ? 197 VAL A N   1 
ATOM   1487 C CA  . VAL A 1 198 ? -14.828 -10.287 8.753   1.00 17.16 ? 197 VAL A CA  1 
ATOM   1488 C C   . VAL A 1 198 ? -15.249 -9.751  10.123  1.00 17.97 ? 197 VAL A C   1 
ATOM   1489 O O   . VAL A 1 198 ? -14.837 -8.661  10.525  1.00 18.64 ? 197 VAL A O   1 
ATOM   1490 C CB  . VAL A 1 198 ? -13.337 -10.723 8.772   1.00 17.54 ? 197 VAL A CB  1 
ATOM   1491 C CG1 . VAL A 1 198 ? -13.081 -11.688 9.923   1.00 13.40 ? 197 VAL A CG1 1 
ATOM   1492 C CG2 . VAL A 1 198 ? -12.983 -11.378 7.435   1.00 15.77 ? 197 VAL A CG2 1 
ATOM   1493 N N   . SER A 1 199 ? -16.102 -10.497 10.809  1.00 16.92 ? 198 SER A N   1 
ATOM   1494 C CA  . SER A 1 199 ? -16.589 -10.089 12.114  1.00 16.89 ? 198 SER A CA  1 
ATOM   1495 C C   . SER A 1 199 ? -16.169 -11.113 13.143  1.00 15.29 ? 198 SER A C   1 
ATOM   1496 O O   . SER A 1 199 ? -16.275 -12.314 12.905  1.00 15.18 ? 198 SER A O   1 
ATOM   1497 C CB  . SER A 1 199 ? -18.115 -10.014 12.104  1.00 18.70 ? 198 SER A CB  1 
ATOM   1498 O OG  . SER A 1 199 ? -18.551 -8.773  11.568  1.00 26.40 ? 198 SER A OG  1 
ATOM   1499 N N   . VAL A 1 200 ? -15.702 -10.636 14.288  1.00 17.41 ? 199 VAL A N   1 
ATOM   1500 C CA  . VAL A 1 200 ? -15.267 -11.527 15.341  1.00 18.50 ? 199 VAL A CA  1 
ATOM   1501 C C   . VAL A 1 200 ? -16.001 -11.240 16.636  1.00 19.65 ? 199 VAL A C   1 
ATOM   1502 O O   . VAL A 1 200 ? -16.025 -10.103 17.105  1.00 21.28 ? 199 VAL A O   1 
ATOM   1503 C CB  . VAL A 1 200 ? -13.761 -11.377 15.605  1.00 18.36 ? 199 VAL A CB  1 
ATOM   1504 C CG1 . VAL A 1 200 ? -13.327 -12.322 16.733  1.00 14.99 ? 199 VAL A CG1 1 
ATOM   1505 C CG2 . VAL A 1 200 ? -12.988 -11.675 14.332  1.00 18.72 ? 199 VAL A CG2 1 
ATOM   1506 N N   . THR A 1 201 ? -16.601 -12.276 17.210  1.00 22.69 ? 200 THR A N   1 
ATOM   1507 C CA  . THR A 1 201 ? -17.331 -12.112 18.465  1.00 25.19 ? 200 THR A CA  1 
ATOM   1508 C C   . THR A 1 201 ? -16.563 -12.732 19.638  1.00 24.20 ? 200 THR A C   1 
ATOM   1509 O O   . THR A 1 201 ? -16.211 -13.934 19.577  1.00 24.01 ? 200 THR A O   1 
ATOM   1510 C CB  . THR A 1 201 ? -18.731 -12.748 18.376  1.00 25.11 ? 200 THR A CB  1 
ATOM   1511 O OG1 . THR A 1 201 ? -18.592 -14.127 18.012  1.00 31.20 ? 200 THR A OG1 1 
ATOM   1512 C CG2 . THR A 1 201 ? -19.578 -12.027 17.335  1.00 23.30 ? 200 THR A CG2 1 
ATOM   1513 O OXT . THR A 1 201 ? -16.318 -11.987 20.610  1.00 27.04 ? 200 THR A OXT 1 
HETATM 1514 O O   . HOH B 2 .   ? 12.041  4.315   -0.654  1.00 10.51 ? 201 HOH A O   1 
HETATM 1515 O O   . HOH B 2 .   ? 14.863  17.516  -6.010  1.00 11.89 ? 202 HOH A O   1 
HETATM 1516 O O   . HOH B 2 .   ? -3.604  -7.271  5.124   1.00 19.44 ? 203 HOH A O   1 
HETATM 1517 O O   . HOH B 2 .   ? 1.982   -3.319  -0.992  1.00 15.45 ? 204 HOH A O   1 
HETATM 1518 O O   . HOH B 2 .   ? 1.335   -6.624  -12.361 1.00 13.13 ? 205 HOH A O   1 
HETATM 1519 O O   . HOH B 2 .   ? 4.492   5.791   5.587   1.00 18.05 ? 206 HOH A O   1 
HETATM 1520 O O   . HOH B 2 .   ? 4.775   7.390   7.933   1.00 18.84 ? 207 HOH A O   1 
HETATM 1521 O O   . HOH B 2 .   ? 6.574   -0.650  1.611   1.00 15.73 ? 208 HOH A O   1 
HETATM 1522 O O   . HOH B 2 .   ? 9.079   3.984   -10.424 1.00 11.90 ? 209 HOH A O   1 
HETATM 1523 O O   . HOH B 2 .   ? 15.572  15.293  -7.607  1.00 14.07 ? 210 HOH A O   1 
HETATM 1524 O O   . HOH B 2 .   ? -6.416  8.579   -6.337  1.00 18.44 ? 211 HOH A O   1 
HETATM 1525 O O   . HOH B 2 .   ? 1.767   -5.938  -1.279  1.00 15.04 ? 212 HOH A O   1 
HETATM 1526 O O   . HOH B 2 .   ? 5.306   -2.296  -11.047 1.00 16.88 ? 213 HOH A O   1 
HETATM 1527 O O   . HOH B 2 .   ? 7.977   0.652   -10.051 1.00 12.86 ? 214 HOH A O   1 
HETATM 1528 O O   . HOH B 2 .   ? 5.637   0.986   -20.410 1.00 12.54 ? 215 HOH A O   1 
HETATM 1529 O O   . HOH B 2 .   ? 0.464   0.807   0.162   1.00 17.47 ? 216 HOH A O   1 
HETATM 1530 O O   . HOH B 2 .   ? -5.683  6.938   -4.399  1.00 16.98 ? 217 HOH A O   1 
HETATM 1531 O O   . HOH B 2 .   ? 3.816   -8.824  -8.604  1.00 15.98 ? 218 HOH A O   1 
HETATM 1532 O O   . HOH B 2 .   ? 6.734   7.217   9.396   1.00 16.47 ? 219 HOH A O   1 
HETATM 1533 O O   . HOH B 2 .   ? -5.188  -18.927 9.736   1.00 15.74 ? 220 HOH A O   1 
HETATM 1534 O O   . HOH B 2 .   ? -8.673  -21.211 8.224   1.00 20.91 ? 221 HOH A O   1 
HETATM 1535 O O   . HOH B 2 .   ? -3.674  -3.432  4.665   1.00 18.68 ? 222 HOH A O   1 
HETATM 1536 O O   . HOH B 2 .   ? -19.402 -17.091 9.154   1.00 19.74 ? 223 HOH A O   1 
HETATM 1537 O O   . HOH B 2 .   ? 3.277   -10.054 3.120   1.00 17.51 ? 224 HOH A O   1 
HETATM 1538 O O   . HOH B 2 .   ? -1.618  -19.940 -0.672  1.00 19.35 ? 225 HOH A O   1 
HETATM 1539 O O   . HOH B 2 .   ? -1.330  6.778   2.871   1.00 15.80 ? 226 HOH A O   1 
HETATM 1540 O O   . HOH B 2 .   ? 8.774   21.849  -2.830  1.00 22.60 ? 227 HOH A O   1 
HETATM 1541 O O   . HOH B 2 .   ? 9.928   11.335  -9.555  1.00 21.71 ? 228 HOH A O   1 
HETATM 1542 O O   . HOH B 2 .   ? -14.485 -17.466 21.603  1.00 20.04 ? 229 HOH A O   1 
HETATM 1543 O O   . HOH B 2 .   ? 2.450   0.530   1.750   1.00 19.74 ? 230 HOH A O   1 
HETATM 1544 O O   . HOH B 2 .   ? 5.392   4.183   -18.574 1.00 20.90 ? 231 HOH A O   1 
HETATM 1545 O O   . HOH B 2 .   ? -10.603 -3.073  8.768   1.00 19.23 ? 232 HOH A O   1 
HETATM 1546 O O   . HOH B 2 .   ? -10.451 -19.462 2.622   1.00 26.74 ? 233 HOH A O   1 
HETATM 1547 O O   . HOH B 2 .   ? -7.441  6.623   -7.987  1.00 20.54 ? 234 HOH A O   1 
HETATM 1548 O O   . HOH B 2 .   ? -10.351 -1.444  -8.003  1.00 25.16 ? 235 HOH A O   1 
HETATM 1549 O O   . HOH B 2 .   ? 4.474   18.419  -6.476  1.00 20.42 ? 236 HOH A O   1 
HETATM 1550 O O   . HOH B 2 .   ? 17.141  4.969   5.013   1.00 25.37 ? 237 HOH A O   1 
HETATM 1551 O O   . HOH B 2 .   ? -15.064 -11.605 -3.947  1.00 22.15 ? 238 HOH A O   1 
HETATM 1552 O O   . HOH B 2 .   ? -5.783  3.974   -1.631  1.00 17.19 ? 239 HOH A O   1 
HETATM 1553 O O   . HOH B 2 .   ? -6.609  1.758   -13.478 1.00 33.97 ? 240 HOH A O   1 
HETATM 1554 O O   . HOH B 2 .   ? 10.543  3.911   9.510   1.00 16.42 ? 241 HOH A O   1 
HETATM 1555 O O   . HOH B 2 .   ? -15.964 -15.485 21.873  1.00 21.58 ? 242 HOH A O   1 
HETATM 1556 O O   . HOH B 2 .   ? -2.192  -5.572  6.150   1.00 27.59 ? 243 HOH A O   1 
HETATM 1557 O O   . HOH B 2 .   ? 14.708  7.500   -12.545 1.00 20.91 ? 244 HOH A O   1 
HETATM 1558 O O   . HOH B 2 .   ? 2.758   -2.849  1.435   1.00 20.34 ? 245 HOH A O   1 
HETATM 1559 O O   . HOH B 2 .   ? 3.526   2.325   8.848   1.00 22.39 ? 246 HOH A O   1 
HETATM 1560 O O   . HOH B 2 .   ? 15.651  14.105  -9.943  1.00 22.33 ? 247 HOH A O   1 
HETATM 1561 O O   . HOH B 2 .   ? 1.494   3.967   -16.649 1.00 24.90 ? 248 HOH A O   1 
HETATM 1562 O O   . HOH B 2 .   ? 2.878   11.305  -14.845 1.00 23.02 ? 249 HOH A O   1 
HETATM 1563 O O   . HOH B 2 .   ? 6.275   0.853   -12.113 1.00 27.63 ? 250 HOH A O   1 
HETATM 1564 O O   . HOH B 2 .   ? 4.497   17.385  -8.914  1.00 21.71 ? 251 HOH A O   1 
HETATM 1565 O O   . HOH B 2 .   ? -19.014 -10.435 8.808   1.00 23.25 ? 252 HOH A O   1 
HETATM 1566 O O   . HOH B 2 .   ? -9.986  -3.328  2.587   1.00 27.15 ? 253 HOH A O   1 
HETATM 1567 O O   . HOH B 2 .   ? 1.403   -5.475  -14.722 1.00 30.24 ? 254 HOH A O   1 
HETATM 1568 O O   . HOH B 2 .   ? -16.786 -15.665 2.498   1.00 25.46 ? 255 HOH A O   1 
HETATM 1569 O O   . HOH B 2 .   ? -5.746  -9.337  9.566   1.00 25.85 ? 256 HOH A O   1 
HETATM 1570 O O   . HOH B 2 .   ? -14.668 -9.939  -6.139  1.00 20.99 ? 257 HOH A O   1 
HETATM 1571 O O   . HOH B 2 .   ? -4.382  -21.829 8.766   1.00 25.29 ? 258 HOH A O   1 
HETATM 1572 O O   . HOH B 2 .   ? -11.724 -16.726 -3.264  1.00 26.94 ? 259 HOH A O   1 
HETATM 1573 O O   . HOH B 2 .   ? 3.940   -1.050  2.257   1.00 25.47 ? 260 HOH A O   1 
HETATM 1574 O O   . HOH B 2 .   ? 11.933  10.804  19.429  1.00 25.81 ? 261 HOH A O   1 
HETATM 1575 O O   . HOH B 2 .   ? 5.545   2.281   12.396  1.00 36.24 ? 262 HOH A O   1 
HETATM 1576 O O   . HOH B 2 .   ? -16.878 -13.482 -0.589  1.00 31.29 ? 263 HOH A O   1 
HETATM 1577 O O   . HOH B 2 .   ? -15.394 -10.357 -1.303  1.00 23.49 ? 264 HOH A O   1 
HETATM 1578 O O   . HOH B 2 .   ? 13.072  9.789   -12.610 1.00 27.29 ? 265 HOH A O   1 
HETATM 1579 O O   . HOH B 2 .   ? 19.284  19.420  -3.580  1.00 31.36 ? 266 HOH A O   1 
HETATM 1580 O O   . HOH B 2 .   ? -15.820 -7.515  14.502  1.00 23.73 ? 267 HOH A O   1 
HETATM 1581 O O   . HOH B 2 .   ? -18.582 -7.899  15.487  1.00 26.14 ? 268 HOH A O   1 
HETATM 1582 O O   . HOH B 2 .   ? 5.991   22.119  -0.328  1.00 24.29 ? 269 HOH A O   1 
HETATM 1583 O O   . HOH B 2 .   ? 17.413  8.196   -6.000  1.00 30.17 ? 270 HOH A O   1 
HETATM 1584 O O   . HOH B 2 .   ? 11.100  -1.474  -5.183  1.00 26.58 ? 271 HOH A O   1 
HETATM 1585 O O   . HOH B 2 .   ? -1.033  -19.665 3.068   1.00 23.62 ? 272 HOH A O   1 
HETATM 1586 O O   . HOH B 2 .   ? -16.571 -22.740 12.511  1.00 54.47 ? 273 HOH A O   1 
HETATM 1587 O O   . HOH B 2 .   ? -4.558  -13.829 14.840  1.00 29.28 ? 274 HOH A O   1 
HETATM 1588 O O   . HOH B 2 .   ? 14.418  -0.577  -13.672 1.00 41.81 ? 275 HOH A O   1 
HETATM 1589 O O   . HOH B 2 .   ? 21.446  19.050  2.057   1.00 35.17 ? 276 HOH A O   1 
HETATM 1590 O O   . HOH B 2 .   ? -4.215  -9.002  7.346   1.00 22.80 ? 277 HOH A O   1 
HETATM 1591 O O   . HOH B 2 .   ? 5.533   -5.109  -15.366 1.00 58.62 ? 278 HOH A O   1 
HETATM 1592 O O   . HOH B 2 .   ? 20.034  21.622  3.091   1.00 33.46 ? 279 HOH A O   1 
HETATM 1593 O O   . HOH B 2 .   ? 15.685  2.508   1.480   1.00 40.02 ? 280 HOH A O   1 
HETATM 1594 O O   . HOH B 2 .   ? -7.584  2.011   4.318   1.00 41.42 ? 281 HOH A O   1 
HETATM 1595 O O   . HOH B 2 .   ? 3.563   -3.350  -2.853  1.00 34.58 ? 282 HOH A O   1 
HETATM 1596 O O   . HOH B 2 .   ? -15.210 -20.420 1.481   1.00 33.34 ? 283 HOH A O   1 
HETATM 1597 O O   . HOH B 2 .   ? -5.836  -17.390 -17.237 1.00 27.61 ? 284 HOH A O   1 
HETATM 1598 O O   . HOH B 2 .   ? 17.474  21.400  4.714   1.00 39.03 ? 285 HOH A O   1 
HETATM 1599 O O   . HOH B 2 .   ? -18.463 -12.606 14.787  1.00 35.97 ? 286 HOH A O   1 
HETATM 1600 O O   . HOH B 2 .   ? -1.345  -11.482 -18.239 1.00 39.96 ? 287 HOH A O   1 
HETATM 1601 O O   . HOH B 2 .   ? -13.766 -6.837  16.310  1.00 42.81 ? 288 HOH A O   1 
HETATM 1602 O O   . HOH B 2 .   ? 9.854   9.862   -12.892 1.00 43.71 ? 289 HOH A O   1 
HETATM 1603 O O   . HOH B 2 .   ? -14.698 -3.948  11.107  1.00 41.39 ? 290 HOH A O   1 
HETATM 1604 O O   . HOH B 2 .   ? 15.069  21.481  -3.498  1.00 49.18 ? 291 HOH A O   1 
HETATM 1605 O O   . HOH B 2 .   ? -0.986  0.937   2.548   1.00 30.48 ? 292 HOH A O   1 
HETATM 1606 O O   . HOH B 2 .   ? 15.847  3.934   -11.899 1.00 26.68 ? 293 HOH A O   1 
HETATM 1607 O O   . HOH B 2 .   ? -1.305  0.413   10.047  1.00 39.25 ? 294 HOH A O   1 
HETATM 1608 O O   . HOH B 2 .   ? 2.488   15.437  -11.603 1.00 26.02 ? 295 HOH A O   1 
HETATM 1609 O O   . HOH B 2 .   ? -7.783  -20.937 19.241  1.00 42.32 ? 296 HOH A O   1 
HETATM 1610 O O   . HOH B 2 .   ? 15.004  -1.658  3.201   1.00 41.31 ? 297 HOH A O   1 
HETATM 1611 O O   . HOH B 2 .   ? -3.712  7.624   3.435   1.00 31.82 ? 298 HOH A O   1 
HETATM 1612 O O   . HOH B 2 .   ? -18.720 -8.798  3.354   1.00 39.52 ? 299 HOH A O   1 
HETATM 1613 O O   . HOH B 2 .   ? 4.969   8.260   -18.332 1.00 33.97 ? 300 HOH A O   1 
HETATM 1614 O O   . HOH B 2 .   ? -4.723  -21.246 6.430   1.00 36.46 ? 301 HOH A O   1 
HETATM 1615 O O   . HOH B 2 .   ? -12.748 -15.023 -9.234  1.00 28.76 ? 302 HOH A O   1 
HETATM 1616 O O   . HOH B 2 .   ? -7.566  -11.461 13.302  1.00 37.82 ? 303 HOH A O   1 
HETATM 1617 O O   . HOH B 2 .   ? -12.955 -6.998  -13.269 1.00 41.37 ? 304 HOH A O   1 
HETATM 1618 O O   . HOH B 2 .   ? 14.520  2.300   5.968   1.00 27.55 ? 305 HOH A O   1 
HETATM 1619 O O   . HOH B 2 .   ? 18.468  21.944  14.873  1.00 63.33 ? 306 HOH A O   1 
HETATM 1620 O O   . HOH B 2 .   ? -10.086 -10.053 10.901  1.00 34.12 ? 307 HOH A O   1 
HETATM 1621 O O   . HOH B 2 .   ? -12.666 -19.531 1.521   1.00 31.05 ? 308 HOH A O   1 
HETATM 1622 O O   . HOH B 2 .   ? -0.609  21.338  2.156   1.00 45.11 ? 309 HOH A O   1 
HETATM 1623 O O   . HOH B 2 .   ? -8.051  11.574  -10.023 1.00 28.37 ? 310 HOH A O   1 
HETATM 1624 O O   . HOH B 2 .   ? 12.208  25.626  4.151   1.00 35.60 ? 311 HOH A O   1 
HETATM 1625 O O   . HOH B 2 .   ? -20.452 -9.485  17.533  1.00 43.35 ? 312 HOH A O   1 
HETATM 1626 O O   . HOH B 2 .   ? -12.099 -18.693 -16.570 1.00 26.39 ? 313 HOH A O   1 
HETATM 1627 O O   . HOH B 2 .   ? -2.395  24.702  2.533   1.00 41.69 ? 314 HOH A O   1 
HETATM 1628 O O   . HOH B 2 .   ? -4.122  -11.448 10.860  1.00 38.65 ? 315 HOH A O   1 
HETATM 1629 O O   . HOH B 2 .   ? 3.088   -17.320 -8.368  1.00 23.85 ? 316 HOH A O   1 
HETATM 1630 O O   . HOH B 2 .   ? -12.539 -20.709 19.126  1.00 34.55 ? 317 HOH A O   1 
HETATM 1631 O O   . HOH B 2 .   ? 2.337   13.540  -13.262 1.00 59.37 ? 318 HOH A O   1 
HETATM 1632 O O   . HOH B 2 .   ? 3.712   21.339  -0.129  1.00 40.14 ? 319 HOH A O   1 
HETATM 1633 O O   . HOH B 2 .   ? -13.243 -2.420  -3.078  1.00 55.98 ? 320 HOH A O   1 
HETATM 1634 O O   . HOH B 2 .   ? 13.045  5.216   10.676  1.00 31.27 ? 321 HOH A O   1 
HETATM 1635 O O   . HOH B 2 .   ? 8.002   -9.062  -9.369  1.00 30.12 ? 322 HOH A O   1 
HETATM 1636 O O   . HOH B 2 .   ? 6.806   -4.812  -3.556  1.00 37.45 ? 323 HOH A O   1 
HETATM 1637 O O   . HOH B 2 .   ? -1.025  -7.519  -18.569 1.00 45.29 ? 324 HOH A O   1 
HETATM 1638 O O   . HOH B 2 .   ? -11.580 -10.673 20.491  1.00 50.84 ? 325 HOH A O   1 
HETATM 1639 O O   . HOH B 2 .   ? -4.672  7.003   -21.897 1.00 55.32 ? 326 HOH A O   1 
HETATM 1640 O O   . HOH B 2 .   ? -13.483 -22.965 14.683  1.00 35.78 ? 327 HOH A O   1 
HETATM 1641 O O   . HOH B 2 .   ? -5.746  14.881  5.202   1.00 56.07 ? 328 HOH A O   1 
HETATM 1642 O O   . HOH B 2 .   ? -6.428  6.327   2.494   1.00 35.92 ? 329 HOH A O   1 
HETATM 1643 O O   . HOH B 2 .   ? 4.602   14.463  -10.564 1.00 43.51 ? 330 HOH A O   1 
HETATM 1644 O O   . HOH B 2 .   ? -14.585 -12.715 22.844  1.00 41.73 ? 331 HOH A O   1 
HETATM 1645 O O   . HOH B 2 .   ? -14.296 -16.899 -3.928  1.00 43.86 ? 332 HOH A O   1 
HETATM 1646 O O   . HOH B 2 .   ? -8.165  -19.809 -15.989 1.00 33.08 ? 333 HOH A O   1 
HETATM 1647 O O   . HOH B 2 .   ? -14.417 -3.245  8.717   1.00 44.47 ? 334 HOH A O   1 
HETATM 1648 O O   . HOH B 2 .   ? -19.440 -10.457 5.470   1.00 38.45 ? 335 HOH A O   1 
HETATM 1649 O O   . HOH B 2 .   ? -9.082  -15.398 12.361  1.00 49.69 ? 336 HOH A O   1 
HETATM 1650 O O   . HOH B 2 .   ? 15.162  25.814  -0.378  1.00 45.31 ? 337 HOH A O   1 
HETATM 1651 O O   . HOH B 2 .   ? -8.008  4.386   -6.375  1.00 33.35 ? 338 HOH A O   1 
HETATM 1652 O O   . HOH B 2 .   ? 18.444  18.319  1.980   1.00 30.85 ? 339 HOH A O   1 
HETATM 1653 O O   . HOH B 2 .   ? -10.455 -22.423 -1.270  1.00 29.70 ? 340 HOH A O   1 
HETATM 1654 O O   . HOH B 2 .   ? -12.553 6.766   -11.124 1.00 53.04 ? 341 HOH A O   1 
HETATM 1655 O O   . HOH B 2 .   ? 2.515   21.244  -5.867  1.00 37.04 ? 342 HOH A O   1 
HETATM 1656 O O   . HOH B 2 .   ? -8.361  5.460   1.073   1.00 60.71 ? 343 HOH A O   1 
HETATM 1657 O O   . HOH B 2 .   ? 5.207   -16.875 -13.230 1.00 46.14 ? 344 HOH A O   1 
HETATM 1658 O O   . HOH B 2 .   ? -17.755 -2.313  8.371   1.00 48.53 ? 345 HOH A O   1 
HETATM 1659 O O   . HOH B 2 .   ? -8.438  -23.329 0.853   1.00 42.21 ? 346 HOH A O   1 
HETATM 1660 O O   . HOH B 2 .   ? 3.356   -17.612 -10.864 1.00 36.28 ? 347 HOH A O   1 
HETATM 1661 O O   . HOH B 2 .   ? 15.750  8.450   15.056  1.00 60.67 ? 348 HOH A O   1 
HETATM 1662 O O   . HOH B 2 .   ? 8.433   -1.977  -10.317 1.00 36.36 ? 349 HOH A O   1 
HETATM 1663 O O   . HOH B 2 .   ? 2.558   4.067   5.941   1.00 32.55 ? 350 HOH A O   1 
HETATM 1664 O O   . HOH B 2 .   ? -5.660  1.929   0.643   1.00 42.84 ? 351 HOH A O   1 
HETATM 1665 O O   . HOH B 2 .   ? 0.860   -19.136 -1.701  1.00 30.94 ? 352 HOH A O   1 
HETATM 1666 O O   . HOH B 2 .   ? 6.018   -9.969  -7.857  1.00 37.31 ? 353 HOH A O   1 
HETATM 1667 O O   . HOH B 2 .   ? -18.393 -15.658 23.102  1.00 58.72 ? 354 HOH A O   1 
HETATM 1668 O O   . HOH B 2 .   ? 0.542   20.294  -3.937  1.00 34.26 ? 355 HOH A O   1 
HETATM 1669 O O   . HOH B 2 .   ? 6.264   20.542  -2.481  1.00 32.83 ? 356 HOH A O   1 
HETATM 1670 O O   . HOH B 2 .   ? 9.026   13.509  -10.586 1.00 48.23 ? 357 HOH A O   1 
HETATM 1671 O O   . HOH B 2 .   ? 9.063   -2.120  2.114   1.00 43.60 ? 358 HOH A O   1 
HETATM 1672 O O   . HOH B 2 .   ? -18.568 -13.518 2.442   1.00 35.71 ? 359 HOH A O   1 
HETATM 1673 O O   . HOH B 2 .   ? -4.205  24.981  13.200  1.00 48.61 ? 360 HOH A O   1 
HETATM 1674 O O   . HOH B 2 .   ? -17.780 -10.408 -0.458  1.00 53.22 ? 361 HOH A O   1 
HETATM 1675 O O   . HOH B 2 .   ? -2.911  -8.530  12.834  1.00 49.20 ? 362 HOH A O   1 
HETATM 1676 O O   . HOH B 2 .   ? -13.386 -3.653  -8.221  1.00 56.63 ? 363 HOH A O   1 
HETATM 1677 O O   . HOH B 2 .   ? 7.172   6.376   12.831  1.00 44.50 ? 364 HOH A O   1 
HETATM 1678 O O   . HOH B 2 .   ? -11.204 -12.808 -11.343 1.00 42.66 ? 365 HOH A O   1 
HETATM 1679 O O   . HOH B 2 .   ? 10.382  10.796  -5.216  1.00 53.43 ? 366 HOH A O   1 
HETATM 1680 O O   . HOH B 2 .   ? 10.013  -2.273  -1.016  1.00 37.25 ? 367 HOH A O   1 
HETATM 1681 O O   . HOH B 2 .   ? -4.497  9.752   3.499   1.00 49.45 ? 368 HOH A O   1 
HETATM 1682 O O   . HOH B 2 .   ? 19.391  4.196   3.779   1.00 50.08 ? 369 HOH A O   1 
HETATM 1683 O O   . HOH B 2 .   ? 0.635   0.238   -16.264 1.00 39.68 ? 370 HOH A O   1 
HETATM 1684 O O   . HOH B 2 .   ? -7.829  -14.776 19.406  1.00 45.29 ? 371 HOH A O   1 
HETATM 1685 O O   . HOH B 2 .   ? 7.253   1.184   13.628  1.00 60.33 ? 372 HOH A O   1 
HETATM 1686 O O   . HOH B 2 .   ? 1.691   -2.075  -17.765 1.00 48.88 ? 373 HOH A O   1 
HETATM 1687 O O   . HOH B 2 .   ? -8.595  -22.065 3.417   1.00 54.04 ? 374 HOH A O   1 
HETATM 1688 O O   . HOH B 2 .   ? 18.849  5.791   7.105   1.00 57.00 ? 375 HOH A O   1 
HETATM 1689 O O   . HOH B 2 .   ? -11.961 -17.789 -8.593  1.00 56.77 ? 376 HOH A O   1 
HETATM 1690 O O   . HOH B 2 .   ? 2.300   21.357  2.245   1.00 49.02 ? 377 HOH A O   1 
HETATM 1691 O O   . HOH B 2 .   ? 26.181  19.061  11.827  1.00 36.08 ? 378 HOH A O   1 
HETATM 1692 O O   . HOH B 2 .   ? -1.143  5.292   -16.294 1.00 37.68 ? 379 HOH A O   1 
HETATM 1693 O O   . HOH B 2 .   ? -18.721 -7.288  -1.120  1.00 42.99 ? 380 HOH A O   1 
HETATM 1694 O O   . HOH B 2 .   ? -10.361 -20.299 -18.028 1.00 60.05 ? 381 HOH A O   1 
HETATM 1695 O O   . HOH B 2 .   ? -17.169 -18.523 2.811   1.00 50.05 ? 382 HOH A O   1 
HETATM 1696 O O   . HOH B 2 .   ? -5.356  0.325   4.211   1.00 43.89 ? 383 HOH A O   1 
HETATM 1697 O O   . HOH B 2 .   ? -15.850 -6.003  12.047  1.00 36.74 ? 384 HOH A O   1 
HETATM 1698 O O   . HOH B 2 .   ? 8.854   -16.331 -8.141  1.00 56.87 ? 385 HOH A O   1 
HETATM 1699 O O   . HOH B 2 .   ? 22.681  13.141  12.352  1.00 56.55 ? 386 HOH A O   1 
HETATM 1700 O O   . HOH B 2 .   ? 13.307  -2.229  -12.883 1.00 51.36 ? 387 HOH A O   1 
HETATM 1701 O O   . HOH B 2 .   ? 12.029  18.237  -8.044  1.00 49.96 ? 388 HOH A O   1 
HETATM 1702 O O   . HOH B 2 .   ? -21.302 -17.323 7.464   1.00 52.47 ? 389 HOH A O   1 
HETATM 1703 O O   . HOH B 2 .   ? -3.773  -23.261 2.247   1.00 70.14 ? 390 HOH A O   1 
HETATM 1704 O O   . HOH B 2 .   ? -1.150  4.262   4.168   1.00 41.69 ? 391 HOH A O   1 
HETATM 1705 O O   . HOH B 2 .   ? -2.535  -21.881 -3.100  1.00 57.93 ? 392 HOH A O   1 
HETATM 1706 O O   . HOH B 2 .   ? -18.133 -4.731  3.253   1.00 41.26 ? 393 HOH A O   1 
HETATM 1707 O O   . HOH B 2 .   ? -16.976 -2.876  5.331   1.00 59.04 ? 394 HOH A O   1 
HETATM 1708 O O   . HOH B 2 .   ? 9.160   -4.896  -5.503  1.00 51.86 ? 395 HOH A O   1 
HETATM 1709 O O   . HOH B 2 .   ? -10.999 0.524   -6.041  1.00 51.98 ? 396 HOH A O   1 
HETATM 1710 O O   . HOH B 2 .   ? -1.685  7.644   -17.558 1.00 54.53 ? 397 HOH A O   1 
HETATM 1711 O O   . HOH B 2 .   ? -17.354 -18.985 -0.183  1.00 40.18 ? 398 HOH A O   1 
HETATM 1712 O O   . HOH B 2 .   ? -10.444 12.682  -2.375  1.00 43.54 ? 399 HOH A O   1 
HETATM 1713 O O   . HOH B 2 .   ? 8.901   -7.135  -5.459  1.00 46.83 ? 400 HOH A O   1 
HETATM 1714 O O   . HOH B 2 .   ? -6.500  -15.283 -10.705 1.00 55.58 ? 401 HOH A O   1 
HETATM 1715 O O   . HOH B 2 .   ? 5.567   24.747  -0.748  1.00 63.48 ? 402 HOH A O   1 
HETATM 1716 O O   . HOH B 2 .   ? -4.452  -10.351 14.285  1.00 50.34 ? 403 HOH A O   1 
HETATM 1717 O O   . HOH B 2 .   ? -2.142  -24.628 -20.485 1.00 49.72 ? 404 HOH A O   1 
HETATM 1718 O O   . HOH B 2 .   ? 18.909  15.775  10.067  1.00 53.06 ? 405 HOH A O   1 
HETATM 1719 O O   . HOH B 2 .   ? -9.662  0.492   -9.448  1.00 48.87 ? 406 HOH A O   1 
HETATM 1720 O O   . HOH B 2 .   ? 4.758   -10.846 -15.975 1.00 47.93 ? 407 HOH A O   1 
HETATM 1721 O O   . HOH B 2 .   ? 18.861  8.637   7.646   1.00 43.66 ? 408 HOH A O   1 
HETATM 1722 O O   . HOH B 2 .   ? -2.594  -14.533 13.226  1.00 50.69 ? 409 HOH A O   1 
HETATM 1723 O O   . HOH B 2 .   ? 4.983   -13.429 0.799   1.00 59.93 ? 410 HOH A O   1 
HETATM 1724 O O   . HOH B 2 .   ? 6.938   -18.756 -10.096 1.00 52.68 ? 411 HOH A O   1 
# 
